data_3FF4
# 
_entry.id   3FF4 
# 
_audit_conform.dict_name       mmcif_pdbx.dic 
_audit_conform.dict_version    5.399 
_audit_conform.dict_location   http://mmcif.pdb.org/dictionaries/ascii/mmcif_pdbx.dic 
# 
loop_
_database_2.database_id 
_database_2.database_code 
_database_2.pdbx_database_accession 
_database_2.pdbx_DOI 
PDB   3FF4         pdb_00003ff4 10.2210/pdb3ff4/pdb 
RCSB  RCSB050512   ?            ?                   
WWPDB D_1000050512 ?            ?                   
# 
loop_
_pdbx_audit_revision_history.ordinal 
_pdbx_audit_revision_history.data_content_type 
_pdbx_audit_revision_history.major_revision 
_pdbx_audit_revision_history.minor_revision 
_pdbx_audit_revision_history.revision_date 
1 'Structure model' 1 0 2008-12-16 
2 'Structure model' 1 1 2011-07-13 
3 'Structure model' 1 2 2023-12-27 
4 'Structure model' 1 3 2024-11-20 
# 
_pdbx_audit_revision_details.ordinal             1 
_pdbx_audit_revision_details.revision_ordinal    1 
_pdbx_audit_revision_details.data_content_type   'Structure model' 
_pdbx_audit_revision_details.provider            repository 
_pdbx_audit_revision_details.type                'Initial release' 
_pdbx_audit_revision_details.description         ? 
_pdbx_audit_revision_details.details             ? 
# 
loop_
_pdbx_audit_revision_group.ordinal 
_pdbx_audit_revision_group.revision_ordinal 
_pdbx_audit_revision_group.data_content_type 
_pdbx_audit_revision_group.group 
1 2 'Structure model' Advisory                    
2 2 'Structure model' 'Refinement description'    
3 2 'Structure model' 'Version format compliance' 
4 3 'Structure model' 'Data collection'           
5 3 'Structure model' 'Database references'       
6 3 'Structure model' 'Derived calculations'      
7 4 'Structure model' 'Structure summary'         
# 
loop_
_pdbx_audit_revision_category.ordinal 
_pdbx_audit_revision_category.revision_ordinal 
_pdbx_audit_revision_category.data_content_type 
_pdbx_audit_revision_category.category 
1 3 'Structure model' chem_comp_atom            
2 3 'Structure model' chem_comp_bond            
3 3 'Structure model' database_2                
4 3 'Structure model' struct_conn               
5 3 'Structure model' struct_site               
6 4 'Structure model' pdbx_entry_details        
7 4 'Structure model' pdbx_modification_feature 
# 
loop_
_pdbx_audit_revision_item.ordinal 
_pdbx_audit_revision_item.revision_ordinal 
_pdbx_audit_revision_item.data_content_type 
_pdbx_audit_revision_item.item 
1 3 'Structure model' '_database_2.pdbx_DOI'                
2 3 'Structure model' '_database_2.pdbx_database_accession' 
3 3 'Structure model' '_struct_conn.pdbx_leaving_atom_flag' 
4 3 'Structure model' '_struct_site.pdbx_auth_asym_id'      
5 3 'Structure model' '_struct_site.pdbx_auth_comp_id'      
6 3 'Structure model' '_struct_site.pdbx_auth_seq_id'       
# 
_pdbx_database_status.status_code                     REL 
_pdbx_database_status.entry_id                        3FF4 
_pdbx_database_status.recvd_initial_deposition_date   2008-12-01 
_pdbx_database_status.deposit_site                    RCSB 
_pdbx_database_status.process_site                    RCSB 
_pdbx_database_status.status_code_sf                  REL 
_pdbx_database_status.status_code_mr                  ? 
_pdbx_database_status.SG_entry                        Y 
_pdbx_database_status.pdb_format_compatible           Y 
_pdbx_database_status.status_code_cs                  ? 
_pdbx_database_status.status_code_nmr_data            ? 
_pdbx_database_status.methods_development_category    ? 
# 
_pdbx_database_related.db_name        TargetDB 
_pdbx_database_related.db_id          APC62842 
_pdbx_database_related.details        . 
_pdbx_database_related.content_type   unspecified 
# 
loop_
_audit_author.name 
_audit_author.pdbx_ordinal 
'Chang, C.'                                     1 
'Volkart, L.'                                   2 
'Buck, K.'                                      3 
'Joachimiak, A.'                                4 
'Midwest Center for Structural Genomics (MCSG)' 5 
# 
_citation.id                        primary 
_citation.title                     'Crystal structure of uncharacterized protein CHU_1412' 
_citation.journal_abbrev            'To be Published' 
_citation.journal_volume            ? 
_citation.page_first                ? 
_citation.page_last                 ? 
_citation.year                      ? 
_citation.journal_id_ASTM           ? 
_citation.country                   ? 
_citation.journal_id_ISSN           ? 
_citation.journal_id_CSD            0353 
_citation.book_publisher            ? 
_citation.pdbx_database_id_PubMed   ? 
_citation.pdbx_database_id_DOI      ? 
# 
loop_
_citation_author.citation_id 
_citation_author.name 
_citation_author.ordinal 
_citation_author.identifier_ORCID 
primary 'Chang, C.'      1 ? 
primary 'Volkart, L.'    2 ? 
primary 'Buck, K.'       3 ? 
primary 'Joachimiak, A.' 4 ? 
# 
loop_
_entity.id 
_entity.type 
_entity.src_method 
_entity.pdbx_description 
_entity.formula_weight 
_entity.pdbx_number_of_molecules 
_entity.pdbx_ec 
_entity.pdbx_mutation 
_entity.pdbx_fragment 
_entity.details 
1 polymer     man 'uncharacterized protein' 13654.319 1  ? ? ? ? 
2 non-polymer syn 'DI(HYDROXYETHYL)ETHER'   106.120   1  ? ? ? ? 
3 water       nat water                     18.015    65 ? ? ? ? 
# 
_entity_poly.entity_id                      1 
_entity_poly.type                           'polypeptide(L)' 
_entity_poly.nstd_linkage                   no 
_entity_poly.nstd_monomer                   yes 
_entity_poly.pdbx_seq_one_letter_code       
;SNA(MSE)KKTLILGATPETNRYAYLAAERLKSHGHEFIPVGRKKGEVLGKTIINERPVIEGVDTVTLYINPQNQLSEYN
YILSLKPKRVIFNPGTENEELEEILSENGIEPVIGCTLV(MSE)LSAGTF
;
_entity_poly.pdbx_seq_one_letter_code_can   
;SNAMKKTLILGATPETNRYAYLAAERLKSHGHEFIPVGRKKGEVLGKTIINERPVIEGVDTVTLYINPQNQLSEYNYILS
LKPKRVIFNPGTENEELEEILSENGIEPVIGCTLVMLSAGTF
;
_entity_poly.pdbx_strand_id                 A 
_entity_poly.pdbx_target_identifier         APC62842 
# 
loop_
_pdbx_entity_nonpoly.entity_id 
_pdbx_entity_nonpoly.name 
_pdbx_entity_nonpoly.comp_id 
2 'DI(HYDROXYETHYL)ETHER' PEG 
3 water                   HOH 
# 
loop_
_entity_poly_seq.entity_id 
_entity_poly_seq.num 
_entity_poly_seq.mon_id 
_entity_poly_seq.hetero 
1 1   SER n 
1 2   ASN n 
1 3   ALA n 
1 4   MSE n 
1 5   LYS n 
1 6   LYS n 
1 7   THR n 
1 8   LEU n 
1 9   ILE n 
1 10  LEU n 
1 11  GLY n 
1 12  ALA n 
1 13  THR n 
1 14  PRO n 
1 15  GLU n 
1 16  THR n 
1 17  ASN n 
1 18  ARG n 
1 19  TYR n 
1 20  ALA n 
1 21  TYR n 
1 22  LEU n 
1 23  ALA n 
1 24  ALA n 
1 25  GLU n 
1 26  ARG n 
1 27  LEU n 
1 28  LYS n 
1 29  SER n 
1 30  HIS n 
1 31  GLY n 
1 32  HIS n 
1 33  GLU n 
1 34  PHE n 
1 35  ILE n 
1 36  PRO n 
1 37  VAL n 
1 38  GLY n 
1 39  ARG n 
1 40  LYS n 
1 41  LYS n 
1 42  GLY n 
1 43  GLU n 
1 44  VAL n 
1 45  LEU n 
1 46  GLY n 
1 47  LYS n 
1 48  THR n 
1 49  ILE n 
1 50  ILE n 
1 51  ASN n 
1 52  GLU n 
1 53  ARG n 
1 54  PRO n 
1 55  VAL n 
1 56  ILE n 
1 57  GLU n 
1 58  GLY n 
1 59  VAL n 
1 60  ASP n 
1 61  THR n 
1 62  VAL n 
1 63  THR n 
1 64  LEU n 
1 65  TYR n 
1 66  ILE n 
1 67  ASN n 
1 68  PRO n 
1 69  GLN n 
1 70  ASN n 
1 71  GLN n 
1 72  LEU n 
1 73  SER n 
1 74  GLU n 
1 75  TYR n 
1 76  ASN n 
1 77  TYR n 
1 78  ILE n 
1 79  LEU n 
1 80  SER n 
1 81  LEU n 
1 82  LYS n 
1 83  PRO n 
1 84  LYS n 
1 85  ARG n 
1 86  VAL n 
1 87  ILE n 
1 88  PHE n 
1 89  ASN n 
1 90  PRO n 
1 91  GLY n 
1 92  THR n 
1 93  GLU n 
1 94  ASN n 
1 95  GLU n 
1 96  GLU n 
1 97  LEU n 
1 98  GLU n 
1 99  GLU n 
1 100 ILE n 
1 101 LEU n 
1 102 SER n 
1 103 GLU n 
1 104 ASN n 
1 105 GLY n 
1 106 ILE n 
1 107 GLU n 
1 108 PRO n 
1 109 VAL n 
1 110 ILE n 
1 111 GLY n 
1 112 CYS n 
1 113 THR n 
1 114 LEU n 
1 115 VAL n 
1 116 MSE n 
1 117 LEU n 
1 118 SER n 
1 119 ALA n 
1 120 GLY n 
1 121 THR n 
1 122 PHE n 
# 
_entity_src_gen.entity_id                          1 
_entity_src_gen.pdbx_src_id                        1 
_entity_src_gen.pdbx_alt_source_flag               sample 
_entity_src_gen.pdbx_seq_type                      ? 
_entity_src_gen.pdbx_beg_seq_num                   ? 
_entity_src_gen.pdbx_end_seq_num                   ? 
_entity_src_gen.gene_src_common_name               ? 
_entity_src_gen.gene_src_genus                     ? 
_entity_src_gen.pdbx_gene_src_gene                 CHU_1412 
_entity_src_gen.gene_src_species                   ? 
_entity_src_gen.gene_src_strain                    ? 
_entity_src_gen.gene_src_tissue                    ? 
_entity_src_gen.gene_src_tissue_fraction           ? 
_entity_src_gen.gene_src_details                   ? 
_entity_src_gen.pdbx_gene_src_fragment             ? 
_entity_src_gen.pdbx_gene_src_scientific_name      'Cytophaga hutchinsonii ATCC 33406' 
_entity_src_gen.pdbx_gene_src_ncbi_taxonomy_id     269798 
_entity_src_gen.pdbx_gene_src_variant              ? 
_entity_src_gen.pdbx_gene_src_cell_line            ? 
_entity_src_gen.pdbx_gene_src_atcc                 33406 
_entity_src_gen.pdbx_gene_src_organ                ? 
_entity_src_gen.pdbx_gene_src_organelle            ? 
_entity_src_gen.pdbx_gene_src_cell                 ? 
_entity_src_gen.pdbx_gene_src_cellular_location    ? 
_entity_src_gen.host_org_common_name               ? 
_entity_src_gen.pdbx_host_org_scientific_name      'Escherichia coli' 
_entity_src_gen.pdbx_host_org_ncbi_taxonomy_id     562 
_entity_src_gen.host_org_genus                     ? 
_entity_src_gen.pdbx_host_org_gene                 ? 
_entity_src_gen.pdbx_host_org_organ                ? 
_entity_src_gen.host_org_species                   ? 
_entity_src_gen.pdbx_host_org_tissue               ? 
_entity_src_gen.pdbx_host_org_tissue_fraction      ? 
_entity_src_gen.pdbx_host_org_strain               'BL21(DE3)' 
_entity_src_gen.pdbx_host_org_variant              ? 
_entity_src_gen.pdbx_host_org_cell_line            ? 
_entity_src_gen.pdbx_host_org_atcc                 ? 
_entity_src_gen.pdbx_host_org_culture_collection   ? 
_entity_src_gen.pdbx_host_org_cell                 ? 
_entity_src_gen.pdbx_host_org_organelle            ? 
_entity_src_gen.pdbx_host_org_cellular_location    ? 
_entity_src_gen.pdbx_host_org_vector_type          plasmid 
_entity_src_gen.pdbx_host_org_vector               ? 
_entity_src_gen.host_org_details                   ? 
_entity_src_gen.expression_system_id               ? 
_entity_src_gen.plasmid_name                       pMCSG7 
_entity_src_gen.plasmid_details                    ? 
_entity_src_gen.pdbx_description                   ? 
# 
loop_
_chem_comp.id 
_chem_comp.type 
_chem_comp.mon_nstd_flag 
_chem_comp.name 
_chem_comp.pdbx_synonyms 
_chem_comp.formula 
_chem_comp.formula_weight 
ALA 'L-peptide linking' y ALANINE                 ? 'C3 H7 N O2'     89.093  
ARG 'L-peptide linking' y ARGININE                ? 'C6 H15 N4 O2 1' 175.209 
ASN 'L-peptide linking' y ASPARAGINE              ? 'C4 H8 N2 O3'    132.118 
ASP 'L-peptide linking' y 'ASPARTIC ACID'         ? 'C4 H7 N O4'     133.103 
CYS 'L-peptide linking' y CYSTEINE                ? 'C3 H7 N O2 S'   121.158 
GLN 'L-peptide linking' y GLUTAMINE               ? 'C5 H10 N2 O3'   146.144 
GLU 'L-peptide linking' y 'GLUTAMIC ACID'         ? 'C5 H9 N O4'     147.129 
GLY 'peptide linking'   y GLYCINE                 ? 'C2 H5 N O2'     75.067  
HIS 'L-peptide linking' y HISTIDINE               ? 'C6 H10 N3 O2 1' 156.162 
HOH non-polymer         . WATER                   ? 'H2 O'           18.015  
ILE 'L-peptide linking' y ISOLEUCINE              ? 'C6 H13 N O2'    131.173 
LEU 'L-peptide linking' y LEUCINE                 ? 'C6 H13 N O2'    131.173 
LYS 'L-peptide linking' y LYSINE                  ? 'C6 H15 N2 O2 1' 147.195 
MSE 'L-peptide linking' n SELENOMETHIONINE        ? 'C5 H11 N O2 Se' 196.106 
PEG non-polymer         . 'DI(HYDROXYETHYL)ETHER' ? 'C4 H10 O3'      106.120 
PHE 'L-peptide linking' y PHENYLALANINE           ? 'C9 H11 N O2'    165.189 
PRO 'L-peptide linking' y PROLINE                 ? 'C5 H9 N O2'     115.130 
SER 'L-peptide linking' y SERINE                  ? 'C3 H7 N O3'     105.093 
THR 'L-peptide linking' y THREONINE               ? 'C4 H9 N O3'     119.119 
TYR 'L-peptide linking' y TYROSINE                ? 'C9 H11 N O3'    181.189 
VAL 'L-peptide linking' y VALINE                  ? 'C5 H11 N O2'    117.146 
# 
loop_
_pdbx_poly_seq_scheme.asym_id 
_pdbx_poly_seq_scheme.entity_id 
_pdbx_poly_seq_scheme.seq_id 
_pdbx_poly_seq_scheme.mon_id 
_pdbx_poly_seq_scheme.ndb_seq_num 
_pdbx_poly_seq_scheme.pdb_seq_num 
_pdbx_poly_seq_scheme.auth_seq_num 
_pdbx_poly_seq_scheme.pdb_mon_id 
_pdbx_poly_seq_scheme.auth_mon_id 
_pdbx_poly_seq_scheme.pdb_strand_id 
_pdbx_poly_seq_scheme.pdb_ins_code 
_pdbx_poly_seq_scheme.hetero 
A 1 1   SER 1   -2  ?   ?   ?   A . n 
A 1 2   ASN 2   -1  -1  ASN ASN A . n 
A 1 3   ALA 3   0   0   ALA ALA A . n 
A 1 4   MSE 4   1   1   MSE MSE A . n 
A 1 5   LYS 5   2   2   LYS LYS A . n 
A 1 6   LYS 6   3   3   LYS LYS A . n 
A 1 7   THR 7   4   4   THR THR A . n 
A 1 8   LEU 8   5   5   LEU LEU A . n 
A 1 9   ILE 9   6   6   ILE ILE A . n 
A 1 10  LEU 10  7   7   LEU LEU A . n 
A 1 11  GLY 11  8   8   GLY GLY A . n 
A 1 12  ALA 12  9   9   ALA ALA A . n 
A 1 13  THR 13  10  10  THR THR A . n 
A 1 14  PRO 14  11  11  PRO PRO A . n 
A 1 15  GLU 15  12  12  GLU GLU A . n 
A 1 16  THR 16  13  13  THR THR A . n 
A 1 17  ASN 17  14  14  ASN ASN A . n 
A 1 18  ARG 18  15  15  ARG ARG A . n 
A 1 19  TYR 19  16  16  TYR TYR A . n 
A 1 20  ALA 20  17  17  ALA ALA A . n 
A 1 21  TYR 21  18  18  TYR TYR A . n 
A 1 22  LEU 22  19  19  LEU LEU A . n 
A 1 23  ALA 23  20  20  ALA ALA A . n 
A 1 24  ALA 24  21  21  ALA ALA A . n 
A 1 25  GLU 25  22  22  GLU GLU A . n 
A 1 26  ARG 26  23  23  ARG ARG A . n 
A 1 27  LEU 27  24  24  LEU LEU A . n 
A 1 28  LYS 28  25  25  LYS LYS A . n 
A 1 29  SER 29  26  26  SER SER A . n 
A 1 30  HIS 30  27  27  HIS HIS A . n 
A 1 31  GLY 31  28  28  GLY GLY A . n 
A 1 32  HIS 32  29  29  HIS HIS A . n 
A 1 33  GLU 33  30  30  GLU GLU A . n 
A 1 34  PHE 34  31  31  PHE PHE A . n 
A 1 35  ILE 35  32  32  ILE ILE A . n 
A 1 36  PRO 36  33  33  PRO PRO A . n 
A 1 37  VAL 37  34  34  VAL VAL A . n 
A 1 38  GLY 38  35  35  GLY GLY A . n 
A 1 39  ARG 39  36  36  ARG ARG A . n 
A 1 40  LYS 40  37  37  LYS LYS A . n 
A 1 41  LYS 41  38  38  LYS LYS A . n 
A 1 42  GLY 42  39  39  GLY GLY A . n 
A 1 43  GLU 43  40  40  GLU GLU A . n 
A 1 44  VAL 44  41  41  VAL VAL A . n 
A 1 45  LEU 45  42  42  LEU LEU A . n 
A 1 46  GLY 46  43  43  GLY GLY A . n 
A 1 47  LYS 47  44  44  LYS LYS A . n 
A 1 48  THR 48  45  45  THR THR A . n 
A 1 49  ILE 49  46  46  ILE ILE A . n 
A 1 50  ILE 50  47  47  ILE ILE A . n 
A 1 51  ASN 51  48  48  ASN ASN A . n 
A 1 52  GLU 52  49  49  GLU GLU A . n 
A 1 53  ARG 53  50  50  ARG ARG A . n 
A 1 54  PRO 54  51  51  PRO PRO A . n 
A 1 55  VAL 55  52  52  VAL VAL A . n 
A 1 56  ILE 56  53  53  ILE ILE A . n 
A 1 57  GLU 57  54  54  GLU GLU A . n 
A 1 58  GLY 58  55  55  GLY GLY A . n 
A 1 59  VAL 59  56  56  VAL VAL A . n 
A 1 60  ASP 60  57  57  ASP ASP A . n 
A 1 61  THR 61  58  58  THR THR A . n 
A 1 62  VAL 62  59  59  VAL VAL A . n 
A 1 63  THR 63  60  60  THR THR A . n 
A 1 64  LEU 64  61  61  LEU LEU A . n 
A 1 65  TYR 65  62  62  TYR TYR A . n 
A 1 66  ILE 66  63  63  ILE ILE A . n 
A 1 67  ASN 67  64  64  ASN ASN A . n 
A 1 68  PRO 68  65  65  PRO PRO A . n 
A 1 69  GLN 69  66  66  GLN GLN A . n 
A 1 70  ASN 70  67  67  ASN ASN A . n 
A 1 71  GLN 71  68  68  GLN GLN A . n 
A 1 72  LEU 72  69  69  LEU LEU A . n 
A 1 73  SER 73  70  70  SER SER A . n 
A 1 74  GLU 74  71  71  GLU GLU A . n 
A 1 75  TYR 75  72  72  TYR TYR A . n 
A 1 76  ASN 76  73  73  ASN ASN A . n 
A 1 77  TYR 77  74  74  TYR TYR A . n 
A 1 78  ILE 78  75  75  ILE ILE A . n 
A 1 79  LEU 79  76  76  LEU LEU A . n 
A 1 80  SER 80  77  77  SER SER A . n 
A 1 81  LEU 81  78  78  LEU LEU A . n 
A 1 82  LYS 82  79  79  LYS LYS A . n 
A 1 83  PRO 83  80  80  PRO PRO A . n 
A 1 84  LYS 84  81  81  LYS LYS A . n 
A 1 85  ARG 85  82  82  ARG ARG A . n 
A 1 86  VAL 86  83  83  VAL VAL A . n 
A 1 87  ILE 87  84  84  ILE ILE A . n 
A 1 88  PHE 88  85  85  PHE PHE A . n 
A 1 89  ASN 89  86  86  ASN ASN A . n 
A 1 90  PRO 90  87  87  PRO PRO A . n 
A 1 91  GLY 91  88  88  GLY GLY A . n 
A 1 92  THR 92  89  89  THR THR A . n 
A 1 93  GLU 93  90  90  GLU GLU A . n 
A 1 94  ASN 94  91  91  ASN ASN A . n 
A 1 95  GLU 95  92  92  GLU GLU A . n 
A 1 96  GLU 96  93  93  GLU GLU A . n 
A 1 97  LEU 97  94  94  LEU LEU A . n 
A 1 98  GLU 98  95  95  GLU GLU A . n 
A 1 99  GLU 99  96  96  GLU GLU A . n 
A 1 100 ILE 100 97  97  ILE ILE A . n 
A 1 101 LEU 101 98  98  LEU LEU A . n 
A 1 102 SER 102 99  99  SER SER A . n 
A 1 103 GLU 103 100 100 GLU GLU A . n 
A 1 104 ASN 104 101 101 ASN ASN A . n 
A 1 105 GLY 105 102 102 GLY GLY A . n 
A 1 106 ILE 106 103 103 ILE ILE A . n 
A 1 107 GLU 107 104 104 GLU GLU A . n 
A 1 108 PRO 108 105 105 PRO PRO A . n 
A 1 109 VAL 109 106 106 VAL VAL A . n 
A 1 110 ILE 110 107 107 ILE ILE A . n 
A 1 111 GLY 111 108 108 GLY GLY A . n 
A 1 112 CYS 112 109 109 CYS CYS A . n 
A 1 113 THR 113 110 110 THR THR A . n 
A 1 114 LEU 114 111 111 LEU LEU A . n 
A 1 115 VAL 115 112 112 VAL VAL A . n 
A 1 116 MSE 116 113 113 MSE MSE A . n 
A 1 117 LEU 117 114 114 LEU LEU A . n 
A 1 118 SER 118 115 115 SER SER A . n 
A 1 119 ALA 119 116 116 ALA ALA A . n 
A 1 120 GLY 120 117 117 GLY GLY A . n 
A 1 121 THR 121 118 118 THR THR A . n 
A 1 122 PHE 122 119 119 PHE PHE A . n 
# 
loop_
_pdbx_nonpoly_scheme.asym_id 
_pdbx_nonpoly_scheme.entity_id 
_pdbx_nonpoly_scheme.mon_id 
_pdbx_nonpoly_scheme.ndb_seq_num 
_pdbx_nonpoly_scheme.pdb_seq_num 
_pdbx_nonpoly_scheme.auth_seq_num 
_pdbx_nonpoly_scheme.pdb_mon_id 
_pdbx_nonpoly_scheme.auth_mon_id 
_pdbx_nonpoly_scheme.pdb_strand_id 
_pdbx_nonpoly_scheme.pdb_ins_code 
B 2 PEG 1  201 201 PEG PEG A . 
C 3 HOH 1  120 1   HOH HOH A . 
C 3 HOH 2  121 2   HOH HOH A . 
C 3 HOH 3  122 3   HOH HOH A . 
C 3 HOH 4  123 4   HOH HOH A . 
C 3 HOH 5  124 5   HOH HOH A . 
C 3 HOH 6  125 6   HOH HOH A . 
C 3 HOH 7  126 7   HOH HOH A . 
C 3 HOH 8  127 8   HOH HOH A . 
C 3 HOH 9  128 9   HOH HOH A . 
C 3 HOH 10 129 10  HOH HOH A . 
C 3 HOH 11 130 11  HOH HOH A . 
C 3 HOH 12 131 12  HOH HOH A . 
C 3 HOH 13 132 13  HOH HOH A . 
C 3 HOH 14 133 14  HOH HOH A . 
C 3 HOH 15 134 15  HOH HOH A . 
C 3 HOH 16 135 16  HOH HOH A . 
C 3 HOH 17 136 17  HOH HOH A . 
C 3 HOH 18 137 18  HOH HOH A . 
C 3 HOH 19 138 19  HOH HOH A . 
C 3 HOH 20 139 20  HOH HOH A . 
C 3 HOH 21 140 21  HOH HOH A . 
C 3 HOH 22 141 22  HOH HOH A . 
C 3 HOH 23 142 23  HOH HOH A . 
C 3 HOH 24 143 24  HOH HOH A . 
C 3 HOH 25 144 25  HOH HOH A . 
C 3 HOH 26 145 26  HOH HOH A . 
C 3 HOH 27 146 27  HOH HOH A . 
C 3 HOH 28 147 28  HOH HOH A . 
C 3 HOH 29 148 29  HOH HOH A . 
C 3 HOH 30 149 30  HOH HOH A . 
C 3 HOH 31 150 31  HOH HOH A . 
C 3 HOH 32 151 32  HOH HOH A . 
C 3 HOH 33 152 33  HOH HOH A . 
C 3 HOH 34 153 34  HOH HOH A . 
C 3 HOH 35 154 35  HOH HOH A . 
C 3 HOH 36 155 36  HOH HOH A . 
C 3 HOH 37 156 37  HOH HOH A . 
C 3 HOH 38 157 38  HOH HOH A . 
C 3 HOH 39 158 39  HOH HOH A . 
C 3 HOH 40 159 40  HOH HOH A . 
C 3 HOH 41 160 41  HOH HOH A . 
C 3 HOH 42 161 42  HOH HOH A . 
C 3 HOH 43 162 43  HOH HOH A . 
C 3 HOH 44 163 44  HOH HOH A . 
C 3 HOH 45 164 45  HOH HOH A . 
C 3 HOH 46 165 46  HOH HOH A . 
C 3 HOH 47 166 47  HOH HOH A . 
C 3 HOH 48 167 48  HOH HOH A . 
C 3 HOH 49 168 49  HOH HOH A . 
C 3 HOH 50 169 50  HOH HOH A . 
C 3 HOH 51 170 51  HOH HOH A . 
C 3 HOH 52 171 52  HOH HOH A . 
C 3 HOH 53 172 53  HOH HOH A . 
C 3 HOH 54 173 54  HOH HOH A . 
C 3 HOH 55 174 55  HOH HOH A . 
C 3 HOH 56 175 56  HOH HOH A . 
C 3 HOH 57 176 57  HOH HOH A . 
C 3 HOH 58 177 58  HOH HOH A . 
C 3 HOH 59 178 59  HOH HOH A . 
C 3 HOH 60 179 60  HOH HOH A . 
C 3 HOH 61 180 61  HOH HOH A . 
C 3 HOH 62 181 62  HOH HOH A . 
C 3 HOH 63 182 63  HOH HOH A . 
C 3 HOH 64 183 64  HOH HOH A . 
C 3 HOH 65 184 65  HOH HOH A . 
# 
loop_
_software.name 
_software.classification 
_software.version 
_software.citation_id 
_software.pdbx_ordinal 
SBC-Collect 'data collection' .        ? 1  
HKL-3000    phasing           .        ? 2  
MLPHARE     phasing           .        ? 3  
DM          'model building'  .        ? 4  
SHELXD      phasing           .        ? 5  
RESOLVE     'model building'  .        ? 6  
ARP/wARP    'model building'  COOT     ? 7  
REFMAC      refinement        5.5.0054 ? 8  
HKL-3000    'data reduction'  .        ? 9  
HKL-3000    'data scaling'    .        ? 10 
DM          phasing           .        ? 11 
RESOLVE     phasing           .        ? 12 
# 
_cell.entry_id           3FF4 
_cell.length_a           73.535 
_cell.length_b           73.535 
_cell.length_c           59.433 
_cell.angle_alpha        90.00 
_cell.angle_beta         90.00 
_cell.angle_gamma        120.00 
_cell.Z_PDB              6 
_cell.pdbx_unique_axis   ? 
_cell.length_a_esd       ? 
_cell.length_b_esd       ? 
_cell.length_c_esd       ? 
_cell.angle_alpha_esd    ? 
_cell.angle_beta_esd     ? 
_cell.angle_gamma_esd    ? 
# 
_symmetry.entry_id                         3FF4 
_symmetry.space_group_name_H-M             'P 65' 
_symmetry.pdbx_full_space_group_name_H-M   ? 
_symmetry.cell_setting                     ? 
_symmetry.Int_Tables_number                170 
_symmetry.space_group_name_Hall            ? 
# 
_exptl.entry_id          3FF4 
_exptl.method            'X-RAY DIFFRACTION' 
_exptl.crystals_number   1 
# 
_exptl_crystal.id                    1 
_exptl_crystal.density_meas          ? 
_exptl_crystal.density_Matthews      3.40 
_exptl_crystal.density_percent_sol   63.79 
_exptl_crystal.description           ? 
_exptl_crystal.F_000                 ? 
_exptl_crystal.preparation           ? 
# 
_exptl_crystal_grow.crystal_id      1 
_exptl_crystal_grow.method          'VAPOR DIFFUSION, SITTING DROP' 
_exptl_crystal_grow.temp            277 
_exptl_crystal_grow.temp_details    ? 
_exptl_crystal_grow.pH              6.5 
_exptl_crystal_grow.pdbx_details    '20% PEG 8K, 0.1 M HEPES pH 6.5, VAPOR DIFFUSION, SITTING DROP, temperature 277K' 
_exptl_crystal_grow.pdbx_pH_range   ? 
# 
_diffrn.id                     1 
_diffrn.ambient_temp           100 
_diffrn.ambient_temp_details   ? 
_diffrn.crystal_id             1 
# 
_diffrn_detector.diffrn_id              1 
_diffrn_detector.detector               CCD 
_diffrn_detector.type                   'ADSC QUANTUM 315' 
_diffrn_detector.pdbx_collection_date   2008-11-26 
_diffrn_detector.details                ? 
# 
_diffrn_radiation.diffrn_id                        1 
_diffrn_radiation.wavelength_id                    1 
_diffrn_radiation.pdbx_monochromatic_or_laue_m_l   M 
_diffrn_radiation.monochromator                    'double crystal' 
_diffrn_radiation.pdbx_diffrn_protocol             'SINGLE WAVELENGTH' 
_diffrn_radiation.pdbx_scattering_type             x-ray 
# 
_diffrn_radiation_wavelength.id           1 
_diffrn_radiation_wavelength.wavelength   0.97924 
_diffrn_radiation_wavelength.wt           1.0 
# 
_diffrn_source.diffrn_id                   1 
_diffrn_source.source                      SYNCHROTRON 
_diffrn_source.type                        'APS BEAMLINE 19-ID' 
_diffrn_source.pdbx_synchrotron_site       APS 
_diffrn_source.pdbx_synchrotron_beamline   19-ID 
_diffrn_source.pdbx_wavelength             ? 
_diffrn_source.pdbx_wavelength_list        0.97924 
# 
_reflns.entry_id                     3FF4 
_reflns.observed_criterion_sigma_I   -3 
_reflns.observed_criterion_sigma_F   ? 
_reflns.d_resolution_low             50 
_reflns.d_resolution_high            2.1 
_reflns.number_obs                   10728 
_reflns.number_all                   10737 
_reflns.percent_possible_obs         99.9 
_reflns.pdbx_Rmerge_I_obs            0.082 
_reflns.pdbx_Rsym_value              ? 
_reflns.pdbx_netI_over_sigmaI        49.64 
_reflns.B_iso_Wilson_estimate        40.966 
_reflns.pdbx_redundancy              14.7 
_reflns.R_free_details               ? 
_reflns.limit_h_max                  ? 
_reflns.limit_h_min                  ? 
_reflns.limit_k_max                  ? 
_reflns.limit_k_min                  ? 
_reflns.limit_l_max                  ? 
_reflns.limit_l_min                  ? 
_reflns.observed_criterion_F_max     ? 
_reflns.observed_criterion_F_min     ? 
_reflns.pdbx_chi_squared             ? 
_reflns.pdbx_scaling_rejects         ? 
_reflns.pdbx_ordinal                 1 
_reflns.pdbx_diffrn_id               1 
# 
_reflns_shell.d_res_high             2.1 
_reflns_shell.d_res_low              2.12 
_reflns_shell.percent_possible_all   100.0 
_reflns_shell.Rmerge_I_obs           0.920 
_reflns_shell.pdbx_Rsym_value        ? 
_reflns_shell.meanI_over_sigI_obs    3.38 
_reflns_shell.pdbx_redundancy        15.0 
_reflns_shell.percent_possible_obs   ? 
_reflns_shell.number_unique_all      262 
_reflns_shell.number_measured_all    ? 
_reflns_shell.number_measured_obs    ? 
_reflns_shell.number_unique_obs      ? 
_reflns_shell.pdbx_chi_squared       ? 
_reflns_shell.pdbx_ordinal           1 
_reflns_shell.pdbx_diffrn_id         1 
# 
_refine.entry_id                                 3FF4 
_refine.ls_number_reflns_obs                     10584 
_refine.ls_number_reflns_all                     10584 
_refine.pdbx_ls_sigma_I                          ? 
_refine.pdbx_ls_sigma_F                          0 
_refine.pdbx_data_cutoff_high_absF               ? 
_refine.pdbx_data_cutoff_low_absF                ? 
_refine.pdbx_data_cutoff_high_rms_absF           ? 
_refine.ls_d_res_low                             50 
_refine.ls_d_res_high                            2.10 
_refine.ls_percent_reflns_obs                    98.79 
_refine.ls_R_factor_obs                          0.18003 
_refine.ls_R_factor_all                          0.18003 
_refine.ls_R_factor_R_work                       0.17909 
_refine.ls_R_factor_R_free                       0.19826 
_refine.ls_R_factor_R_free_error                 ? 
_refine.ls_R_factor_R_free_error_details         ? 
_refine.ls_percent_reflns_R_free                 4.8 
_refine.ls_number_reflns_R_free                  505 
_refine.ls_number_parameters                     ? 
_refine.ls_number_restraints                     ? 
_refine.occupancy_min                            ? 
_refine.occupancy_max                            ? 
_refine.correlation_coeff_Fo_to_Fc               0.965 
_refine.correlation_coeff_Fo_to_Fc_free          0.965 
_refine.B_iso_mean                               31.107 
_refine.aniso_B[1][1]                            -0.08 
_refine.aniso_B[2][2]                            -0.08 
_refine.aniso_B[3][3]                            0.12 
_refine.aniso_B[1][2]                            -0.04 
_refine.aniso_B[1][3]                            0.00 
_refine.aniso_B[2][3]                            0.00 
_refine.solvent_model_details                    MASK 
_refine.solvent_model_param_ksol                 ? 
_refine.solvent_model_param_bsol                 ? 
_refine.pdbx_solvent_vdw_probe_radii             1.20 
_refine.pdbx_solvent_ion_probe_radii             0.80 
_refine.pdbx_solvent_shrinkage_radii             0.80 
_refine.pdbx_ls_cross_valid_method               THROUGHOUT 
_refine.details                                  'HYDROGENS HAVE BEEN ADDED IN THE RIDING POSITIONS' 
_refine.pdbx_starting_model                      ? 
_refine.pdbx_method_to_determine_struct          SAD 
_refine.pdbx_isotropic_thermal_model             ? 
_refine.pdbx_stereochemistry_target_values       'MAXIMUM LIKELIHOOD WITH PHASES' 
_refine.pdbx_stereochem_target_val_spec_case     ? 
_refine.pdbx_R_Free_selection_details            RANDOM 
_refine.pdbx_overall_ESU_R                       0.165 
_refine.pdbx_overall_ESU_R_Free                  0.139 
_refine.overall_SU_ML                            0.108 
_refine.overall_SU_B                             9.053 
_refine.ls_redundancy_reflns_obs                 ? 
_refine.B_iso_min                                ? 
_refine.B_iso_max                                ? 
_refine.overall_SU_R_Cruickshank_DPI             ? 
_refine.overall_SU_R_free                        ? 
_refine.ls_wR_factor_R_free                      ? 
_refine.ls_wR_factor_R_work                      ? 
_refine.overall_FOM_free_R_set                   ? 
_refine.overall_FOM_work_R_set                   ? 
_refine.pdbx_overall_phase_error                 ? 
_refine.pdbx_refine_id                           'X-RAY DIFFRACTION' 
_refine.pdbx_TLS_residual_ADP_flag               'LIKELY RESIDUAL' 
_refine.pdbx_diffrn_id                           1 
_refine.pdbx_overall_SU_R_free_Cruickshank_DPI   ? 
_refine.pdbx_overall_SU_R_Blow_DPI               ? 
_refine.pdbx_overall_SU_R_free_Blow_DPI          ? 
# 
_refine_hist.pdbx_refine_id                   'X-RAY DIFFRACTION' 
_refine_hist.cycle_id                         LAST 
_refine_hist.pdbx_number_atoms_protein        947 
_refine_hist.pdbx_number_atoms_nucleic_acid   0 
_refine_hist.pdbx_number_atoms_ligand         7 
_refine_hist.number_atoms_solvent             65 
_refine_hist.number_atoms_total               1019 
_refine_hist.d_res_high                       2.10 
_refine_hist.d_res_low                        50 
# 
loop_
_refine_ls_restr.type 
_refine_ls_restr.dev_ideal 
_refine_ls_restr.dev_ideal_target 
_refine_ls_restr.weight 
_refine_ls_restr.number 
_refine_ls_restr.pdbx_refine_id 
_refine_ls_restr.pdbx_restraint_function 
r_bond_refined_d             0.015  0.022  ? 1028 'X-RAY DIFFRACTION' ? 
r_bond_other_d               ?      ?      ? ?    'X-RAY DIFFRACTION' ? 
r_angle_refined_deg          1.404  1.995  ? 1398 'X-RAY DIFFRACTION' ? 
r_angle_other_deg            ?      ?      ? ?    'X-RAY DIFFRACTION' ? 
r_dihedral_angle_1_deg       5.443  5.000  ? 132  'X-RAY DIFFRACTION' ? 
r_dihedral_angle_2_deg       39.235 25.217 ? 46   'X-RAY DIFFRACTION' ? 
r_dihedral_angle_3_deg       16.198 15.000 ? 188  'X-RAY DIFFRACTION' ? 
r_dihedral_angle_4_deg       18.691 15.000 ? 6    'X-RAY DIFFRACTION' ? 
r_chiral_restr               0.089  0.200  ? 158  'X-RAY DIFFRACTION' ? 
r_gen_planes_refined         0.006  0.021  ? 783  'X-RAY DIFFRACTION' ? 
r_gen_planes_other           ?      ?      ? ?    'X-RAY DIFFRACTION' ? 
r_nbd_refined                ?      ?      ? ?    'X-RAY DIFFRACTION' ? 
r_nbd_other                  ?      ?      ? ?    'X-RAY DIFFRACTION' ? 
r_nbtor_refined              ?      ?      ? ?    'X-RAY DIFFRACTION' ? 
r_nbtor_other                ?      ?      ? ?    'X-RAY DIFFRACTION' ? 
r_xyhbond_nbd_refined        ?      ?      ? ?    'X-RAY DIFFRACTION' ? 
r_xyhbond_nbd_other          ?      ?      ? ?    'X-RAY DIFFRACTION' ? 
r_metal_ion_refined          ?      ?      ? ?    'X-RAY DIFFRACTION' ? 
r_metal_ion_other            ?      ?      ? ?    'X-RAY DIFFRACTION' ? 
r_symmetry_vdw_refined       ?      ?      ? ?    'X-RAY DIFFRACTION' ? 
r_symmetry_vdw_other         ?      ?      ? ?    'X-RAY DIFFRACTION' ? 
r_symmetry_hbond_refined     ?      ?      ? ?    'X-RAY DIFFRACTION' ? 
r_symmetry_hbond_other       ?      ?      ? ?    'X-RAY DIFFRACTION' ? 
r_symmetry_metal_ion_refined ?      ?      ? ?    'X-RAY DIFFRACTION' ? 
r_symmetry_metal_ion_other   ?      ?      ? ?    'X-RAY DIFFRACTION' ? 
r_mcbond_it                  0.718  1.500  ? 638  'X-RAY DIFFRACTION' ? 
r_mcbond_other               ?      ?      ? ?    'X-RAY DIFFRACTION' ? 
r_mcangle_it                 1.264  2.000  ? 1046 'X-RAY DIFFRACTION' ? 
r_scbond_it                  2.036  3.000  ? 390  'X-RAY DIFFRACTION' ? 
r_scangle_it                 3.082  4.500  ? 352  'X-RAY DIFFRACTION' ? 
r_rigid_bond_restr           ?      ?      ? ?    'X-RAY DIFFRACTION' ? 
r_sphericity_free            ?      ?      ? ?    'X-RAY DIFFRACTION' ? 
r_sphericity_bonded          ?      ?      ? ?    'X-RAY DIFFRACTION' ? 
# 
_refine_ls_shell.pdbx_total_number_of_bins_used   20 
_refine_ls_shell.d_res_high                       2.103 
_refine_ls_shell.d_res_low                        2.158 
_refine_ls_shell.number_reflns_R_work             742 
_refine_ls_shell.R_factor_R_work                  0.179 
_refine_ls_shell.percent_reflns_obs               100.00 
_refine_ls_shell.R_factor_R_free                  0.258 
_refine_ls_shell.R_factor_R_free_error            ? 
_refine_ls_shell.percent_reflns_R_free            ? 
_refine_ls_shell.number_reflns_R_free             47 
_refine_ls_shell.number_reflns_all                ? 
_refine_ls_shell.R_factor_all                     ? 
_refine_ls_shell.number_reflns_obs                789 
_refine_ls_shell.redundancy_reflns_obs            ? 
_refine_ls_shell.pdbx_refine_id                   'X-RAY DIFFRACTION' 
# 
_struct.entry_id                  3FF4 
_struct.title                     'Crystal structure of uncharacterized protein CHU_1412' 
_struct.pdbx_model_details        ? 
_struct.pdbx_CASP_flag            ? 
_struct.pdbx_model_type_details   ? 
# 
_struct_keywords.entry_id        3FF4 
_struct_keywords.pdbx_keywords   'structural genomics, unknown function' 
_struct_keywords.text            
;structural genomics, Cytophaga hutchinsonii ATCC 33406, PSI-2, Protein Structure Initiative, Midwest Center for Structural Genomics, MCSG, unknown function
;
# 
loop_
_struct_asym.id 
_struct_asym.pdbx_blank_PDB_chainid_flag 
_struct_asym.pdbx_modified 
_struct_asym.entity_id 
_struct_asym.details 
A N N 1 ? 
B N N 2 ? 
C N N 3 ? 
# 
_struct_ref.id                         1 
_struct_ref.db_name                    UNP 
_struct_ref.db_code                    Q11V83_CYTH3 
_struct_ref.pdbx_db_accession          Q11V83 
_struct_ref.entity_id                  1 
_struct_ref.pdbx_seq_one_letter_code   
;MKKTLILGATPETNRYAYLAAERLKSHGHEFIPVGRKKGEVLGKTIINERPVIEGVDTVTLYINPQNQLSEYNYILSLKP
KRVIFNPGTENEELEEILSENGIEPVIGCTLVMLSAGTF
;
_struct_ref.pdbx_align_begin           1 
_struct_ref.pdbx_db_isoform            ? 
# 
_struct_ref_seq.align_id                      1 
_struct_ref_seq.ref_id                        1 
_struct_ref_seq.pdbx_PDB_id_code              3FF4 
_struct_ref_seq.pdbx_strand_id                A 
_struct_ref_seq.seq_align_beg                 4 
_struct_ref_seq.pdbx_seq_align_beg_ins_code   ? 
_struct_ref_seq.seq_align_end                 122 
_struct_ref_seq.pdbx_seq_align_end_ins_code   ? 
_struct_ref_seq.pdbx_db_accession             Q11V83 
_struct_ref_seq.db_align_beg                  1 
_struct_ref_seq.pdbx_db_align_beg_ins_code    ? 
_struct_ref_seq.db_align_end                  119 
_struct_ref_seq.pdbx_db_align_end_ins_code    ? 
_struct_ref_seq.pdbx_auth_seq_align_beg       1 
_struct_ref_seq.pdbx_auth_seq_align_end       119 
# 
loop_
_struct_ref_seq_dif.align_id 
_struct_ref_seq_dif.pdbx_pdb_id_code 
_struct_ref_seq_dif.mon_id 
_struct_ref_seq_dif.pdbx_pdb_strand_id 
_struct_ref_seq_dif.seq_num 
_struct_ref_seq_dif.pdbx_pdb_ins_code 
_struct_ref_seq_dif.pdbx_seq_db_name 
_struct_ref_seq_dif.pdbx_seq_db_accession_code 
_struct_ref_seq_dif.db_mon_id 
_struct_ref_seq_dif.pdbx_seq_db_seq_num 
_struct_ref_seq_dif.details 
_struct_ref_seq_dif.pdbx_auth_seq_num 
_struct_ref_seq_dif.pdbx_ordinal 
1 3FF4 SER A 1 ? UNP Q11V83 ? ? 'expression tag' -2 1 
1 3FF4 ASN A 2 ? UNP Q11V83 ? ? 'expression tag' -1 2 
1 3FF4 ALA A 3 ? UNP Q11V83 ? ? 'expression tag' 0  3 
# 
_pdbx_struct_assembly.id                   1 
_pdbx_struct_assembly.details              author_and_software_defined_assembly 
_pdbx_struct_assembly.method_details       PISA 
_pdbx_struct_assembly.oligomeric_details   monomeric 
_pdbx_struct_assembly.oligomeric_count     1 
# 
_pdbx_struct_assembly_gen.assembly_id       1 
_pdbx_struct_assembly_gen.oper_expression   1 
_pdbx_struct_assembly_gen.asym_id_list      A,B,C 
# 
_pdbx_struct_oper_list.id                   1 
_pdbx_struct_oper_list.type                 'identity operation' 
_pdbx_struct_oper_list.name                 1_555 
_pdbx_struct_oper_list.symmetry_operation   x,y,z 
_pdbx_struct_oper_list.matrix[1][1]         1.0000000000 
_pdbx_struct_oper_list.matrix[1][2]         0.0000000000 
_pdbx_struct_oper_list.matrix[1][3]         0.0000000000 
_pdbx_struct_oper_list.vector[1]            0.0000000000 
_pdbx_struct_oper_list.matrix[2][1]         0.0000000000 
_pdbx_struct_oper_list.matrix[2][2]         1.0000000000 
_pdbx_struct_oper_list.matrix[2][3]         0.0000000000 
_pdbx_struct_oper_list.vector[2]            0.0000000000 
_pdbx_struct_oper_list.matrix[3][1]         0.0000000000 
_pdbx_struct_oper_list.matrix[3][2]         0.0000000000 
_pdbx_struct_oper_list.matrix[3][3]         1.0000000000 
_pdbx_struct_oper_list.vector[3]            0.0000000000 
# 
_struct_biol.id   1 
# 
loop_
_struct_conf.conf_type_id 
_struct_conf.id 
_struct_conf.pdbx_PDB_helix_id 
_struct_conf.beg_label_comp_id 
_struct_conf.beg_label_asym_id 
_struct_conf.beg_label_seq_id 
_struct_conf.pdbx_beg_PDB_ins_code 
_struct_conf.end_label_comp_id 
_struct_conf.end_label_asym_id 
_struct_conf.end_label_seq_id 
_struct_conf.pdbx_end_PDB_ins_code 
_struct_conf.beg_auth_comp_id 
_struct_conf.beg_auth_asym_id 
_struct_conf.beg_auth_seq_id 
_struct_conf.end_auth_comp_id 
_struct_conf.end_auth_asym_id 
_struct_conf.end_auth_seq_id 
_struct_conf.pdbx_PDB_helix_class 
_struct_conf.details 
_struct_conf.pdbx_PDB_helix_length 
HELX_P HELX_P1 1 ARG A 18  ? GLY A 31  ? ARG A 15  GLY A 28  1 ? 14 
HELX_P HELX_P2 2 ASN A 67  ? LEU A 72  ? ASN A 64  LEU A 69  1 ? 6  
HELX_P HELX_P3 3 GLU A 74  ? LYS A 82  ? GLU A 71  LYS A 79  1 ? 9  
HELX_P HELX_P4 4 ASN A 94  ? ASN A 104 ? ASN A 91  ASN A 101 1 ? 11 
HELX_P HELX_P5 5 CYS A 112 ? ALA A 119 ? CYS A 109 ALA A 116 1 ? 8  
# 
_struct_conf_type.id          HELX_P 
_struct_conf_type.criteria    ? 
_struct_conf_type.reference   ? 
# 
loop_
_struct_conn.id 
_struct_conn.conn_type_id 
_struct_conn.pdbx_leaving_atom_flag 
_struct_conn.pdbx_PDB_id 
_struct_conn.ptnr1_label_asym_id 
_struct_conn.ptnr1_label_comp_id 
_struct_conn.ptnr1_label_seq_id 
_struct_conn.ptnr1_label_atom_id 
_struct_conn.pdbx_ptnr1_label_alt_id 
_struct_conn.pdbx_ptnr1_PDB_ins_code 
_struct_conn.pdbx_ptnr1_standard_comp_id 
_struct_conn.ptnr1_symmetry 
_struct_conn.ptnr2_label_asym_id 
_struct_conn.ptnr2_label_comp_id 
_struct_conn.ptnr2_label_seq_id 
_struct_conn.ptnr2_label_atom_id 
_struct_conn.pdbx_ptnr2_label_alt_id 
_struct_conn.pdbx_ptnr2_PDB_ins_code 
_struct_conn.ptnr1_auth_asym_id 
_struct_conn.ptnr1_auth_comp_id 
_struct_conn.ptnr1_auth_seq_id 
_struct_conn.ptnr2_auth_asym_id 
_struct_conn.ptnr2_auth_comp_id 
_struct_conn.ptnr2_auth_seq_id 
_struct_conn.ptnr2_symmetry 
_struct_conn.pdbx_ptnr3_label_atom_id 
_struct_conn.pdbx_ptnr3_label_seq_id 
_struct_conn.pdbx_ptnr3_label_comp_id 
_struct_conn.pdbx_ptnr3_label_asym_id 
_struct_conn.pdbx_ptnr3_label_alt_id 
_struct_conn.pdbx_ptnr3_PDB_ins_code 
_struct_conn.details 
_struct_conn.pdbx_dist_value 
_struct_conn.pdbx_value_order 
_struct_conn.pdbx_role 
covale1 covale both ? A ALA 3   C ? ? ? 1_555 A MSE 4   N ? ? A ALA 0   A MSE 1   1_555 ? ? ? ? ? ? ? 1.335 ? ? 
covale2 covale both ? A MSE 4   C ? ? ? 1_555 A LYS 5   N ? ? A MSE 1   A LYS 2   1_555 ? ? ? ? ? ? ? 1.329 ? ? 
covale3 covale both ? A VAL 115 C ? ? ? 1_555 A MSE 116 N ? ? A VAL 112 A MSE 113 1_555 ? ? ? ? ? ? ? 1.332 ? ? 
covale4 covale both ? A MSE 116 C ? ? ? 1_555 A LEU 117 N ? ? A MSE 113 A LEU 114 1_555 ? ? ? ? ? ? ? 1.330 ? ? 
# 
_struct_conn_type.id          covale 
_struct_conn_type.criteria    ? 
_struct_conn_type.reference   ? 
# 
loop_
_pdbx_modification_feature.ordinal 
_pdbx_modification_feature.label_comp_id 
_pdbx_modification_feature.label_asym_id 
_pdbx_modification_feature.label_seq_id 
_pdbx_modification_feature.label_alt_id 
_pdbx_modification_feature.modified_residue_label_comp_id 
_pdbx_modification_feature.modified_residue_label_asym_id 
_pdbx_modification_feature.modified_residue_label_seq_id 
_pdbx_modification_feature.modified_residue_label_alt_id 
_pdbx_modification_feature.auth_comp_id 
_pdbx_modification_feature.auth_asym_id 
_pdbx_modification_feature.auth_seq_id 
_pdbx_modification_feature.PDB_ins_code 
_pdbx_modification_feature.symmetry 
_pdbx_modification_feature.modified_residue_auth_comp_id 
_pdbx_modification_feature.modified_residue_auth_asym_id 
_pdbx_modification_feature.modified_residue_auth_seq_id 
_pdbx_modification_feature.modified_residue_PDB_ins_code 
_pdbx_modification_feature.modified_residue_symmetry 
_pdbx_modification_feature.comp_id_linking_atom 
_pdbx_modification_feature.modified_residue_id_linking_atom 
_pdbx_modification_feature.modified_residue_id 
_pdbx_modification_feature.ref_pcm_id 
_pdbx_modification_feature.ref_comp_id 
_pdbx_modification_feature.type 
_pdbx_modification_feature.category 
1 MSE A 4   ? . . . . MSE A 1   ? 1_555 . . . . . . . MET 1 MSE Selenomethionine 'Named protein modification' 
2 MSE A 116 ? . . . . MSE A 113 ? 1_555 . . . . . . . MET 1 MSE Selenomethionine 'Named protein modification' 
# 
loop_
_struct_sheet.id 
_struct_sheet.type 
_struct_sheet.number_strands 
_struct_sheet.details 
A ? 5 ? 
B ? 2 ? 
# 
loop_
_struct_sheet_order.sheet_id 
_struct_sheet_order.range_id_1 
_struct_sheet_order.range_id_2 
_struct_sheet_order.offset 
_struct_sheet_order.sense 
A 1 2 ? parallel      
A 2 3 ? parallel      
A 3 4 ? parallel      
A 4 5 ? parallel      
B 1 2 ? anti-parallel 
# 
loop_
_struct_sheet_range.sheet_id 
_struct_sheet_range.id 
_struct_sheet_range.beg_label_comp_id 
_struct_sheet_range.beg_label_asym_id 
_struct_sheet_range.beg_label_seq_id 
_struct_sheet_range.pdbx_beg_PDB_ins_code 
_struct_sheet_range.end_label_comp_id 
_struct_sheet_range.end_label_asym_id 
_struct_sheet_range.end_label_seq_id 
_struct_sheet_range.pdbx_end_PDB_ins_code 
_struct_sheet_range.beg_auth_comp_id 
_struct_sheet_range.beg_auth_asym_id 
_struct_sheet_range.beg_auth_seq_id 
_struct_sheet_range.end_auth_comp_id 
_struct_sheet_range.end_auth_asym_id 
_struct_sheet_range.end_auth_seq_id 
A 1 PHE A 34  ? VAL A 37  ? PHE A 31  VAL A 34  
A 2 THR A 7   ? LEU A 10  ? THR A 4   LEU A 7   
A 3 THR A 61  ? LEU A 64  ? THR A 58  LEU A 61  
A 4 ARG A 85  ? PHE A 88  ? ARG A 82  PHE A 85  
A 5 GLU A 107 ? ILE A 110 ? GLU A 104 ILE A 107 
B 1 GLU A 43  ? VAL A 44  ? GLU A 40  VAL A 41  
B 2 LYS A 47  ? THR A 48  ? LYS A 44  THR A 45  
# 
loop_
_pdbx_struct_sheet_hbond.sheet_id 
_pdbx_struct_sheet_hbond.range_id_1 
_pdbx_struct_sheet_hbond.range_id_2 
_pdbx_struct_sheet_hbond.range_1_label_atom_id 
_pdbx_struct_sheet_hbond.range_1_label_comp_id 
_pdbx_struct_sheet_hbond.range_1_label_asym_id 
_pdbx_struct_sheet_hbond.range_1_label_seq_id 
_pdbx_struct_sheet_hbond.range_1_PDB_ins_code 
_pdbx_struct_sheet_hbond.range_1_auth_atom_id 
_pdbx_struct_sheet_hbond.range_1_auth_comp_id 
_pdbx_struct_sheet_hbond.range_1_auth_asym_id 
_pdbx_struct_sheet_hbond.range_1_auth_seq_id 
_pdbx_struct_sheet_hbond.range_2_label_atom_id 
_pdbx_struct_sheet_hbond.range_2_label_comp_id 
_pdbx_struct_sheet_hbond.range_2_label_asym_id 
_pdbx_struct_sheet_hbond.range_2_label_seq_id 
_pdbx_struct_sheet_hbond.range_2_PDB_ins_code 
_pdbx_struct_sheet_hbond.range_2_auth_atom_id 
_pdbx_struct_sheet_hbond.range_2_auth_comp_id 
_pdbx_struct_sheet_hbond.range_2_auth_asym_id 
_pdbx_struct_sheet_hbond.range_2_auth_seq_id 
A 1 2 O VAL A 37 ? O VAL A 34 N ILE A 9   ? N ILE A 6   
A 2 3 N LEU A 8  ? N LEU A 5  O THR A 63  ? O THR A 60  
A 3 4 N VAL A 62 ? N VAL A 59 O ILE A 87  ? O ILE A 84  
A 4 5 N PHE A 88 ? N PHE A 85 O VAL A 109 ? O VAL A 106 
B 1 2 N VAL A 44 ? N VAL A 41 O LYS A 47  ? O LYS A 44  
# 
_struct_site.id                   AC1 
_struct_site.pdbx_evidence_code   Software 
_struct_site.pdbx_auth_asym_id    A 
_struct_site.pdbx_auth_comp_id    PEG 
_struct_site.pdbx_auth_seq_id     201 
_struct_site.pdbx_auth_ins_code   ? 
_struct_site.pdbx_num_residues    7 
_struct_site.details              'BINDING SITE FOR RESIDUE PEG A 201' 
# 
loop_
_struct_site_gen.id 
_struct_site_gen.site_id 
_struct_site_gen.pdbx_num_res 
_struct_site_gen.label_comp_id 
_struct_site_gen.label_asym_id 
_struct_site_gen.label_seq_id 
_struct_site_gen.pdbx_auth_ins_code 
_struct_site_gen.auth_comp_id 
_struct_site_gen.auth_asym_id 
_struct_site_gen.auth_seq_id 
_struct_site_gen.label_atom_id 
_struct_site_gen.label_alt_id 
_struct_site_gen.symmetry 
_struct_site_gen.details 
1 AC1 7 GLY A 111 ? GLY A 108 . ? 1_555 ? 
2 AC1 7 CYS A 112 ? CYS A 109 . ? 1_555 ? 
3 AC1 7 VAL A 115 ? VAL A 112 . ? 1_555 ? 
4 AC1 7 MSE A 116 ? MSE A 113 . ? 1_555 ? 
5 AC1 7 ALA A 119 ? ALA A 116 . ? 1_555 ? 
6 AC1 7 THR A 121 ? THR A 118 . ? 1_555 ? 
7 AC1 7 HOH C .   ? HOH A 133 . ? 1_555 ? 
# 
_pdbx_entry_details.entry_id                   3FF4 
_pdbx_entry_details.compound_details           ? 
_pdbx_entry_details.source_details             ? 
_pdbx_entry_details.nonpolymer_details         ? 
_pdbx_entry_details.sequence_details           ? 
_pdbx_entry_details.has_ligand_of_interest     ? 
_pdbx_entry_details.has_protein_modification   Y 
# 
_pdbx_validate_close_contact.id               1 
_pdbx_validate_close_contact.PDB_model_num    1 
_pdbx_validate_close_contact.auth_atom_id_1   O 
_pdbx_validate_close_contact.auth_asym_id_1   A 
_pdbx_validate_close_contact.auth_comp_id_1   HOH 
_pdbx_validate_close_contact.auth_seq_id_1    128 
_pdbx_validate_close_contact.PDB_ins_code_1   ? 
_pdbx_validate_close_contact.label_alt_id_1   ? 
_pdbx_validate_close_contact.auth_atom_id_2   O 
_pdbx_validate_close_contact.auth_asym_id_2   A 
_pdbx_validate_close_contact.auth_comp_id_2   HOH 
_pdbx_validate_close_contact.auth_seq_id_2    184 
_pdbx_validate_close_contact.PDB_ins_code_2   ? 
_pdbx_validate_close_contact.label_alt_id_2   ? 
_pdbx_validate_close_contact.dist             2.18 
# 
_pdbx_validate_symm_contact.id                1 
_pdbx_validate_symm_contact.PDB_model_num     1 
_pdbx_validate_symm_contact.auth_atom_id_1    NZ 
_pdbx_validate_symm_contact.auth_asym_id_1    A 
_pdbx_validate_symm_contact.auth_comp_id_1    LYS 
_pdbx_validate_symm_contact.auth_seq_id_1     44 
_pdbx_validate_symm_contact.PDB_ins_code_1    ? 
_pdbx_validate_symm_contact.label_alt_id_1    ? 
_pdbx_validate_symm_contact.site_symmetry_1   1_555 
_pdbx_validate_symm_contact.auth_atom_id_2    O 
_pdbx_validate_symm_contact.auth_asym_id_2    A 
_pdbx_validate_symm_contact.auth_comp_id_2    HOH 
_pdbx_validate_symm_contact.auth_seq_id_2     148 
_pdbx_validate_symm_contact.PDB_ins_code_2    ? 
_pdbx_validate_symm_contact.label_alt_id_2    ? 
_pdbx_validate_symm_contact.site_symmetry_2   5_665 
_pdbx_validate_symm_contact.dist              2.13 
# 
_pdbx_validate_rmsd_bond.id                        1 
_pdbx_validate_rmsd_bond.PDB_model_num             1 
_pdbx_validate_rmsd_bond.auth_atom_id_1            CB 
_pdbx_validate_rmsd_bond.auth_asym_id_1            A 
_pdbx_validate_rmsd_bond.auth_comp_id_1            GLU 
_pdbx_validate_rmsd_bond.auth_seq_id_1             100 
_pdbx_validate_rmsd_bond.PDB_ins_code_1            ? 
_pdbx_validate_rmsd_bond.label_alt_id_1            ? 
_pdbx_validate_rmsd_bond.auth_atom_id_2            CG 
_pdbx_validate_rmsd_bond.auth_asym_id_2            A 
_pdbx_validate_rmsd_bond.auth_comp_id_2            GLU 
_pdbx_validate_rmsd_bond.auth_seq_id_2             100 
_pdbx_validate_rmsd_bond.PDB_ins_code_2            ? 
_pdbx_validate_rmsd_bond.label_alt_id_2            ? 
_pdbx_validate_rmsd_bond.bond_value                1.390 
_pdbx_validate_rmsd_bond.bond_target_value         1.517 
_pdbx_validate_rmsd_bond.bond_deviation            -0.127 
_pdbx_validate_rmsd_bond.bond_standard_deviation   0.019 
_pdbx_validate_rmsd_bond.linker_flag               N 
# 
_pdbx_SG_project.id                    1 
_pdbx_SG_project.project_name          'PSI, Protein Structure Initiative' 
_pdbx_SG_project.full_name_of_center   'Midwest Center for Structural Genomics' 
_pdbx_SG_project.initial_of_center     MCSG 
# 
loop_
_pdbx_struct_mod_residue.id 
_pdbx_struct_mod_residue.label_asym_id 
_pdbx_struct_mod_residue.label_comp_id 
_pdbx_struct_mod_residue.label_seq_id 
_pdbx_struct_mod_residue.auth_asym_id 
_pdbx_struct_mod_residue.auth_comp_id 
_pdbx_struct_mod_residue.auth_seq_id 
_pdbx_struct_mod_residue.PDB_ins_code 
_pdbx_struct_mod_residue.parent_comp_id 
_pdbx_struct_mod_residue.details 
1 A MSE 4   A MSE 1   ? MET SELENOMETHIONINE 
2 A MSE 116 A MSE 113 ? MET SELENOMETHIONINE 
# 
loop_
_pdbx_refine_tls.pdbx_refine_id 
_pdbx_refine_tls.id 
_pdbx_refine_tls.details 
_pdbx_refine_tls.method 
_pdbx_refine_tls.origin_x 
_pdbx_refine_tls.origin_y 
_pdbx_refine_tls.origin_z 
_pdbx_refine_tls.T[1][1] 
_pdbx_refine_tls.T[2][2] 
_pdbx_refine_tls.T[3][3] 
_pdbx_refine_tls.T[1][2] 
_pdbx_refine_tls.T[1][3] 
_pdbx_refine_tls.T[2][3] 
_pdbx_refine_tls.L[1][1] 
_pdbx_refine_tls.L[2][2] 
_pdbx_refine_tls.L[3][3] 
_pdbx_refine_tls.L[1][2] 
_pdbx_refine_tls.L[1][3] 
_pdbx_refine_tls.L[2][3] 
_pdbx_refine_tls.S[1][1] 
_pdbx_refine_tls.S[2][2] 
_pdbx_refine_tls.S[3][3] 
_pdbx_refine_tls.S[1][2] 
_pdbx_refine_tls.S[1][3] 
_pdbx_refine_tls.S[2][3] 
_pdbx_refine_tls.S[2][1] 
_pdbx_refine_tls.S[3][1] 
_pdbx_refine_tls.S[3][2] 
'X-RAY DIFFRACTION' 1 ? refined 2.6518   -0.3962 2.0329  0.0281 0.0578 0.0103 0.0031  0.0007  0.0050  3.8116 3.7225 4.2079 -0.7495 0.3850  -0.5877 0.1413 -0.0382 -0.1031 -0.1849 0.0360  0.0423  0.1861  0.1777 0.2600  
'X-RAY DIFFRACTION' 2 ? refined 3.9299   -0.1275 -3.1130 0.0264 0.0751 0.0251 0.0231  0.0142  0.0167  4.0953 4.6792 4.9688 0.6258  0.1634  -0.1527 0.2066 -0.1366 -0.0700 0.1965  0.2071  -0.2031 -0.1385 0.2037 0.4159  
'X-RAY DIFFRACTION' 3 ? refined -11.8639 0.6445  0.1477  0.0235 0.1221 0.1709 -0.0283 -0.0051 -0.0347 6.0136 3.6628 4.6647 -1.3896 -1.9422 -0.3963 0.0145 -0.1459 0.1314  -0.0129 -0.1171 0.5169  -0.0113 0.2168 -0.5643 
# 
loop_
_pdbx_refine_tls_group.pdbx_refine_id 
_pdbx_refine_tls_group.id 
_pdbx_refine_tls_group.refine_tls_id 
_pdbx_refine_tls_group.beg_auth_asym_id 
_pdbx_refine_tls_group.beg_auth_seq_id 
_pdbx_refine_tls_group.end_auth_asym_id 
_pdbx_refine_tls_group.end_auth_seq_id 
_pdbx_refine_tls_group.selection_details 
_pdbx_refine_tls_group.beg_label_asym_id 
_pdbx_refine_tls_group.beg_label_seq_id 
_pdbx_refine_tls_group.end_label_asym_id 
_pdbx_refine_tls_group.end_label_seq_id 
_pdbx_refine_tls_group.selection 
'X-RAY DIFFRACTION' 1  1 A 1   A 11  ? . . . . ? 
'X-RAY DIFFRACTION' 2  1 A 29  A 35  ? . . . . ? 
'X-RAY DIFFRACTION' 3  1 A 44  A 50  ? . . . . ? 
'X-RAY DIFFRACTION' 4  1 A 51  A 64  ? . . . . ? 
'X-RAY DIFFRACTION' 5  1 A 108 A 119 ? . . . . ? 
'X-RAY DIFFRACTION' 6  2 A 12  A 28  ? . . . . ? 
'X-RAY DIFFRACTION' 7  2 A 36  A 43  ? . . . . ? 
'X-RAY DIFFRACTION' 8  2 A 80  A 88  ? . . . . ? 
'X-RAY DIFFRACTION' 9  2 A 103 A 107 ? . . . . ? 
'X-RAY DIFFRACTION' 10 3 A 65  A 79  ? . . . . ? 
'X-RAY DIFFRACTION' 11 3 A 89  A 102 ? . . . . ? 
# 
_pdbx_unobs_or_zero_occ_residues.id               1 
_pdbx_unobs_or_zero_occ_residues.PDB_model_num    1 
_pdbx_unobs_or_zero_occ_residues.polymer_flag     Y 
_pdbx_unobs_or_zero_occ_residues.occupancy_flag   1 
_pdbx_unobs_or_zero_occ_residues.auth_asym_id     A 
_pdbx_unobs_or_zero_occ_residues.auth_comp_id     SER 
_pdbx_unobs_or_zero_occ_residues.auth_seq_id      -2 
_pdbx_unobs_or_zero_occ_residues.PDB_ins_code     ? 
_pdbx_unobs_or_zero_occ_residues.label_asym_id    A 
_pdbx_unobs_or_zero_occ_residues.label_comp_id    SER 
_pdbx_unobs_or_zero_occ_residues.label_seq_id     1 
# 
loop_
_chem_comp_atom.comp_id 
_chem_comp_atom.atom_id 
_chem_comp_atom.type_symbol 
_chem_comp_atom.pdbx_aromatic_flag 
_chem_comp_atom.pdbx_stereo_config 
_chem_comp_atom.pdbx_ordinal 
ALA N    N  N N 1   
ALA CA   C  N S 2   
ALA C    C  N N 3   
ALA O    O  N N 4   
ALA CB   C  N N 5   
ALA OXT  O  N N 6   
ALA H    H  N N 7   
ALA H2   H  N N 8   
ALA HA   H  N N 9   
ALA HB1  H  N N 10  
ALA HB2  H  N N 11  
ALA HB3  H  N N 12  
ALA HXT  H  N N 13  
ARG N    N  N N 14  
ARG CA   C  N S 15  
ARG C    C  N N 16  
ARG O    O  N N 17  
ARG CB   C  N N 18  
ARG CG   C  N N 19  
ARG CD   C  N N 20  
ARG NE   N  N N 21  
ARG CZ   C  N N 22  
ARG NH1  N  N N 23  
ARG NH2  N  N N 24  
ARG OXT  O  N N 25  
ARG H    H  N N 26  
ARG H2   H  N N 27  
ARG HA   H  N N 28  
ARG HB2  H  N N 29  
ARG HB3  H  N N 30  
ARG HG2  H  N N 31  
ARG HG3  H  N N 32  
ARG HD2  H  N N 33  
ARG HD3  H  N N 34  
ARG HE   H  N N 35  
ARG HH11 H  N N 36  
ARG HH12 H  N N 37  
ARG HH21 H  N N 38  
ARG HH22 H  N N 39  
ARG HXT  H  N N 40  
ASN N    N  N N 41  
ASN CA   C  N S 42  
ASN C    C  N N 43  
ASN O    O  N N 44  
ASN CB   C  N N 45  
ASN CG   C  N N 46  
ASN OD1  O  N N 47  
ASN ND2  N  N N 48  
ASN OXT  O  N N 49  
ASN H    H  N N 50  
ASN H2   H  N N 51  
ASN HA   H  N N 52  
ASN HB2  H  N N 53  
ASN HB3  H  N N 54  
ASN HD21 H  N N 55  
ASN HD22 H  N N 56  
ASN HXT  H  N N 57  
ASP N    N  N N 58  
ASP CA   C  N S 59  
ASP C    C  N N 60  
ASP O    O  N N 61  
ASP CB   C  N N 62  
ASP CG   C  N N 63  
ASP OD1  O  N N 64  
ASP OD2  O  N N 65  
ASP OXT  O  N N 66  
ASP H    H  N N 67  
ASP H2   H  N N 68  
ASP HA   H  N N 69  
ASP HB2  H  N N 70  
ASP HB3  H  N N 71  
ASP HD2  H  N N 72  
ASP HXT  H  N N 73  
CYS N    N  N N 74  
CYS CA   C  N R 75  
CYS C    C  N N 76  
CYS O    O  N N 77  
CYS CB   C  N N 78  
CYS SG   S  N N 79  
CYS OXT  O  N N 80  
CYS H    H  N N 81  
CYS H2   H  N N 82  
CYS HA   H  N N 83  
CYS HB2  H  N N 84  
CYS HB3  H  N N 85  
CYS HG   H  N N 86  
CYS HXT  H  N N 87  
GLN N    N  N N 88  
GLN CA   C  N S 89  
GLN C    C  N N 90  
GLN O    O  N N 91  
GLN CB   C  N N 92  
GLN CG   C  N N 93  
GLN CD   C  N N 94  
GLN OE1  O  N N 95  
GLN NE2  N  N N 96  
GLN OXT  O  N N 97  
GLN H    H  N N 98  
GLN H2   H  N N 99  
GLN HA   H  N N 100 
GLN HB2  H  N N 101 
GLN HB3  H  N N 102 
GLN HG2  H  N N 103 
GLN HG3  H  N N 104 
GLN HE21 H  N N 105 
GLN HE22 H  N N 106 
GLN HXT  H  N N 107 
GLU N    N  N N 108 
GLU CA   C  N S 109 
GLU C    C  N N 110 
GLU O    O  N N 111 
GLU CB   C  N N 112 
GLU CG   C  N N 113 
GLU CD   C  N N 114 
GLU OE1  O  N N 115 
GLU OE2  O  N N 116 
GLU OXT  O  N N 117 
GLU H    H  N N 118 
GLU H2   H  N N 119 
GLU HA   H  N N 120 
GLU HB2  H  N N 121 
GLU HB3  H  N N 122 
GLU HG2  H  N N 123 
GLU HG3  H  N N 124 
GLU HE2  H  N N 125 
GLU HXT  H  N N 126 
GLY N    N  N N 127 
GLY CA   C  N N 128 
GLY C    C  N N 129 
GLY O    O  N N 130 
GLY OXT  O  N N 131 
GLY H    H  N N 132 
GLY H2   H  N N 133 
GLY HA2  H  N N 134 
GLY HA3  H  N N 135 
GLY HXT  H  N N 136 
HIS N    N  N N 137 
HIS CA   C  N S 138 
HIS C    C  N N 139 
HIS O    O  N N 140 
HIS CB   C  N N 141 
HIS CG   C  Y N 142 
HIS ND1  N  Y N 143 
HIS CD2  C  Y N 144 
HIS CE1  C  Y N 145 
HIS NE2  N  Y N 146 
HIS OXT  O  N N 147 
HIS H    H  N N 148 
HIS H2   H  N N 149 
HIS HA   H  N N 150 
HIS HB2  H  N N 151 
HIS HB3  H  N N 152 
HIS HD1  H  N N 153 
HIS HD2  H  N N 154 
HIS HE1  H  N N 155 
HIS HE2  H  N N 156 
HIS HXT  H  N N 157 
HOH O    O  N N 158 
HOH H1   H  N N 159 
HOH H2   H  N N 160 
ILE N    N  N N 161 
ILE CA   C  N S 162 
ILE C    C  N N 163 
ILE O    O  N N 164 
ILE CB   C  N S 165 
ILE CG1  C  N N 166 
ILE CG2  C  N N 167 
ILE CD1  C  N N 168 
ILE OXT  O  N N 169 
ILE H    H  N N 170 
ILE H2   H  N N 171 
ILE HA   H  N N 172 
ILE HB   H  N N 173 
ILE HG12 H  N N 174 
ILE HG13 H  N N 175 
ILE HG21 H  N N 176 
ILE HG22 H  N N 177 
ILE HG23 H  N N 178 
ILE HD11 H  N N 179 
ILE HD12 H  N N 180 
ILE HD13 H  N N 181 
ILE HXT  H  N N 182 
LEU N    N  N N 183 
LEU CA   C  N S 184 
LEU C    C  N N 185 
LEU O    O  N N 186 
LEU CB   C  N N 187 
LEU CG   C  N N 188 
LEU CD1  C  N N 189 
LEU CD2  C  N N 190 
LEU OXT  O  N N 191 
LEU H    H  N N 192 
LEU H2   H  N N 193 
LEU HA   H  N N 194 
LEU HB2  H  N N 195 
LEU HB3  H  N N 196 
LEU HG   H  N N 197 
LEU HD11 H  N N 198 
LEU HD12 H  N N 199 
LEU HD13 H  N N 200 
LEU HD21 H  N N 201 
LEU HD22 H  N N 202 
LEU HD23 H  N N 203 
LEU HXT  H  N N 204 
LYS N    N  N N 205 
LYS CA   C  N S 206 
LYS C    C  N N 207 
LYS O    O  N N 208 
LYS CB   C  N N 209 
LYS CG   C  N N 210 
LYS CD   C  N N 211 
LYS CE   C  N N 212 
LYS NZ   N  N N 213 
LYS OXT  O  N N 214 
LYS H    H  N N 215 
LYS H2   H  N N 216 
LYS HA   H  N N 217 
LYS HB2  H  N N 218 
LYS HB3  H  N N 219 
LYS HG2  H  N N 220 
LYS HG3  H  N N 221 
LYS HD2  H  N N 222 
LYS HD3  H  N N 223 
LYS HE2  H  N N 224 
LYS HE3  H  N N 225 
LYS HZ1  H  N N 226 
LYS HZ2  H  N N 227 
LYS HZ3  H  N N 228 
LYS HXT  H  N N 229 
MSE N    N  N N 230 
MSE CA   C  N S 231 
MSE C    C  N N 232 
MSE O    O  N N 233 
MSE OXT  O  N N 234 
MSE CB   C  N N 235 
MSE CG   C  N N 236 
MSE SE   SE N N 237 
MSE CE   C  N N 238 
MSE H    H  N N 239 
MSE H2   H  N N 240 
MSE HA   H  N N 241 
MSE HXT  H  N N 242 
MSE HB2  H  N N 243 
MSE HB3  H  N N 244 
MSE HG2  H  N N 245 
MSE HG3  H  N N 246 
MSE HE1  H  N N 247 
MSE HE2  H  N N 248 
MSE HE3  H  N N 249 
PEG C1   C  N N 250 
PEG O1   O  N N 251 
PEG C2   C  N N 252 
PEG O2   O  N N 253 
PEG C3   C  N N 254 
PEG C4   C  N N 255 
PEG O4   O  N N 256 
PEG H11  H  N N 257 
PEG H12  H  N N 258 
PEG HO1  H  N N 259 
PEG H21  H  N N 260 
PEG H22  H  N N 261 
PEG H31  H  N N 262 
PEG H32  H  N N 263 
PEG H41  H  N N 264 
PEG H42  H  N N 265 
PEG HO4  H  N N 266 
PHE N    N  N N 267 
PHE CA   C  N S 268 
PHE C    C  N N 269 
PHE O    O  N N 270 
PHE CB   C  N N 271 
PHE CG   C  Y N 272 
PHE CD1  C  Y N 273 
PHE CD2  C  Y N 274 
PHE CE1  C  Y N 275 
PHE CE2  C  Y N 276 
PHE CZ   C  Y N 277 
PHE OXT  O  N N 278 
PHE H    H  N N 279 
PHE H2   H  N N 280 
PHE HA   H  N N 281 
PHE HB2  H  N N 282 
PHE HB3  H  N N 283 
PHE HD1  H  N N 284 
PHE HD2  H  N N 285 
PHE HE1  H  N N 286 
PHE HE2  H  N N 287 
PHE HZ   H  N N 288 
PHE HXT  H  N N 289 
PRO N    N  N N 290 
PRO CA   C  N S 291 
PRO C    C  N N 292 
PRO O    O  N N 293 
PRO CB   C  N N 294 
PRO CG   C  N N 295 
PRO CD   C  N N 296 
PRO OXT  O  N N 297 
PRO H    H  N N 298 
PRO HA   H  N N 299 
PRO HB2  H  N N 300 
PRO HB3  H  N N 301 
PRO HG2  H  N N 302 
PRO HG3  H  N N 303 
PRO HD2  H  N N 304 
PRO HD3  H  N N 305 
PRO HXT  H  N N 306 
SER N    N  N N 307 
SER CA   C  N S 308 
SER C    C  N N 309 
SER O    O  N N 310 
SER CB   C  N N 311 
SER OG   O  N N 312 
SER OXT  O  N N 313 
SER H    H  N N 314 
SER H2   H  N N 315 
SER HA   H  N N 316 
SER HB2  H  N N 317 
SER HB3  H  N N 318 
SER HG   H  N N 319 
SER HXT  H  N N 320 
THR N    N  N N 321 
THR CA   C  N S 322 
THR C    C  N N 323 
THR O    O  N N 324 
THR CB   C  N R 325 
THR OG1  O  N N 326 
THR CG2  C  N N 327 
THR OXT  O  N N 328 
THR H    H  N N 329 
THR H2   H  N N 330 
THR HA   H  N N 331 
THR HB   H  N N 332 
THR HG1  H  N N 333 
THR HG21 H  N N 334 
THR HG22 H  N N 335 
THR HG23 H  N N 336 
THR HXT  H  N N 337 
TYR N    N  N N 338 
TYR CA   C  N S 339 
TYR C    C  N N 340 
TYR O    O  N N 341 
TYR CB   C  N N 342 
TYR CG   C  Y N 343 
TYR CD1  C  Y N 344 
TYR CD2  C  Y N 345 
TYR CE1  C  Y N 346 
TYR CE2  C  Y N 347 
TYR CZ   C  Y N 348 
TYR OH   O  N N 349 
TYR OXT  O  N N 350 
TYR H    H  N N 351 
TYR H2   H  N N 352 
TYR HA   H  N N 353 
TYR HB2  H  N N 354 
TYR HB3  H  N N 355 
TYR HD1  H  N N 356 
TYR HD2  H  N N 357 
TYR HE1  H  N N 358 
TYR HE2  H  N N 359 
TYR HH   H  N N 360 
TYR HXT  H  N N 361 
VAL N    N  N N 362 
VAL CA   C  N S 363 
VAL C    C  N N 364 
VAL O    O  N N 365 
VAL CB   C  N N 366 
VAL CG1  C  N N 367 
VAL CG2  C  N N 368 
VAL OXT  O  N N 369 
VAL H    H  N N 370 
VAL H2   H  N N 371 
VAL HA   H  N N 372 
VAL HB   H  N N 373 
VAL HG11 H  N N 374 
VAL HG12 H  N N 375 
VAL HG13 H  N N 376 
VAL HG21 H  N N 377 
VAL HG22 H  N N 378 
VAL HG23 H  N N 379 
VAL HXT  H  N N 380 
# 
loop_
_chem_comp_bond.comp_id 
_chem_comp_bond.atom_id_1 
_chem_comp_bond.atom_id_2 
_chem_comp_bond.value_order 
_chem_comp_bond.pdbx_aromatic_flag 
_chem_comp_bond.pdbx_stereo_config 
_chem_comp_bond.pdbx_ordinal 
ALA N   CA   sing N N 1   
ALA N   H    sing N N 2   
ALA N   H2   sing N N 3   
ALA CA  C    sing N N 4   
ALA CA  CB   sing N N 5   
ALA CA  HA   sing N N 6   
ALA C   O    doub N N 7   
ALA C   OXT  sing N N 8   
ALA CB  HB1  sing N N 9   
ALA CB  HB2  sing N N 10  
ALA CB  HB3  sing N N 11  
ALA OXT HXT  sing N N 12  
ARG N   CA   sing N N 13  
ARG N   H    sing N N 14  
ARG N   H2   sing N N 15  
ARG CA  C    sing N N 16  
ARG CA  CB   sing N N 17  
ARG CA  HA   sing N N 18  
ARG C   O    doub N N 19  
ARG C   OXT  sing N N 20  
ARG CB  CG   sing N N 21  
ARG CB  HB2  sing N N 22  
ARG CB  HB3  sing N N 23  
ARG CG  CD   sing N N 24  
ARG CG  HG2  sing N N 25  
ARG CG  HG3  sing N N 26  
ARG CD  NE   sing N N 27  
ARG CD  HD2  sing N N 28  
ARG CD  HD3  sing N N 29  
ARG NE  CZ   sing N N 30  
ARG NE  HE   sing N N 31  
ARG CZ  NH1  sing N N 32  
ARG CZ  NH2  doub N N 33  
ARG NH1 HH11 sing N N 34  
ARG NH1 HH12 sing N N 35  
ARG NH2 HH21 sing N N 36  
ARG NH2 HH22 sing N N 37  
ARG OXT HXT  sing N N 38  
ASN N   CA   sing N N 39  
ASN N   H    sing N N 40  
ASN N   H2   sing N N 41  
ASN CA  C    sing N N 42  
ASN CA  CB   sing N N 43  
ASN CA  HA   sing N N 44  
ASN C   O    doub N N 45  
ASN C   OXT  sing N N 46  
ASN CB  CG   sing N N 47  
ASN CB  HB2  sing N N 48  
ASN CB  HB3  sing N N 49  
ASN CG  OD1  doub N N 50  
ASN CG  ND2  sing N N 51  
ASN ND2 HD21 sing N N 52  
ASN ND2 HD22 sing N N 53  
ASN OXT HXT  sing N N 54  
ASP N   CA   sing N N 55  
ASP N   H    sing N N 56  
ASP N   H2   sing N N 57  
ASP CA  C    sing N N 58  
ASP CA  CB   sing N N 59  
ASP CA  HA   sing N N 60  
ASP C   O    doub N N 61  
ASP C   OXT  sing N N 62  
ASP CB  CG   sing N N 63  
ASP CB  HB2  sing N N 64  
ASP CB  HB3  sing N N 65  
ASP CG  OD1  doub N N 66  
ASP CG  OD2  sing N N 67  
ASP OD2 HD2  sing N N 68  
ASP OXT HXT  sing N N 69  
CYS N   CA   sing N N 70  
CYS N   H    sing N N 71  
CYS N   H2   sing N N 72  
CYS CA  C    sing N N 73  
CYS CA  CB   sing N N 74  
CYS CA  HA   sing N N 75  
CYS C   O    doub N N 76  
CYS C   OXT  sing N N 77  
CYS CB  SG   sing N N 78  
CYS CB  HB2  sing N N 79  
CYS CB  HB3  sing N N 80  
CYS SG  HG   sing N N 81  
CYS OXT HXT  sing N N 82  
GLN N   CA   sing N N 83  
GLN N   H    sing N N 84  
GLN N   H2   sing N N 85  
GLN CA  C    sing N N 86  
GLN CA  CB   sing N N 87  
GLN CA  HA   sing N N 88  
GLN C   O    doub N N 89  
GLN C   OXT  sing N N 90  
GLN CB  CG   sing N N 91  
GLN CB  HB2  sing N N 92  
GLN CB  HB3  sing N N 93  
GLN CG  CD   sing N N 94  
GLN CG  HG2  sing N N 95  
GLN CG  HG3  sing N N 96  
GLN CD  OE1  doub N N 97  
GLN CD  NE2  sing N N 98  
GLN NE2 HE21 sing N N 99  
GLN NE2 HE22 sing N N 100 
GLN OXT HXT  sing N N 101 
GLU N   CA   sing N N 102 
GLU N   H    sing N N 103 
GLU N   H2   sing N N 104 
GLU CA  C    sing N N 105 
GLU CA  CB   sing N N 106 
GLU CA  HA   sing N N 107 
GLU C   O    doub N N 108 
GLU C   OXT  sing N N 109 
GLU CB  CG   sing N N 110 
GLU CB  HB2  sing N N 111 
GLU CB  HB3  sing N N 112 
GLU CG  CD   sing N N 113 
GLU CG  HG2  sing N N 114 
GLU CG  HG3  sing N N 115 
GLU CD  OE1  doub N N 116 
GLU CD  OE2  sing N N 117 
GLU OE2 HE2  sing N N 118 
GLU OXT HXT  sing N N 119 
GLY N   CA   sing N N 120 
GLY N   H    sing N N 121 
GLY N   H2   sing N N 122 
GLY CA  C    sing N N 123 
GLY CA  HA2  sing N N 124 
GLY CA  HA3  sing N N 125 
GLY C   O    doub N N 126 
GLY C   OXT  sing N N 127 
GLY OXT HXT  sing N N 128 
HIS N   CA   sing N N 129 
HIS N   H    sing N N 130 
HIS N   H2   sing N N 131 
HIS CA  C    sing N N 132 
HIS CA  CB   sing N N 133 
HIS CA  HA   sing N N 134 
HIS C   O    doub N N 135 
HIS C   OXT  sing N N 136 
HIS CB  CG   sing N N 137 
HIS CB  HB2  sing N N 138 
HIS CB  HB3  sing N N 139 
HIS CG  ND1  sing Y N 140 
HIS CG  CD2  doub Y N 141 
HIS ND1 CE1  doub Y N 142 
HIS ND1 HD1  sing N N 143 
HIS CD2 NE2  sing Y N 144 
HIS CD2 HD2  sing N N 145 
HIS CE1 NE2  sing Y N 146 
HIS CE1 HE1  sing N N 147 
HIS NE2 HE2  sing N N 148 
HIS OXT HXT  sing N N 149 
HOH O   H1   sing N N 150 
HOH O   H2   sing N N 151 
ILE N   CA   sing N N 152 
ILE N   H    sing N N 153 
ILE N   H2   sing N N 154 
ILE CA  C    sing N N 155 
ILE CA  CB   sing N N 156 
ILE CA  HA   sing N N 157 
ILE C   O    doub N N 158 
ILE C   OXT  sing N N 159 
ILE CB  CG1  sing N N 160 
ILE CB  CG2  sing N N 161 
ILE CB  HB   sing N N 162 
ILE CG1 CD1  sing N N 163 
ILE CG1 HG12 sing N N 164 
ILE CG1 HG13 sing N N 165 
ILE CG2 HG21 sing N N 166 
ILE CG2 HG22 sing N N 167 
ILE CG2 HG23 sing N N 168 
ILE CD1 HD11 sing N N 169 
ILE CD1 HD12 sing N N 170 
ILE CD1 HD13 sing N N 171 
ILE OXT HXT  sing N N 172 
LEU N   CA   sing N N 173 
LEU N   H    sing N N 174 
LEU N   H2   sing N N 175 
LEU CA  C    sing N N 176 
LEU CA  CB   sing N N 177 
LEU CA  HA   sing N N 178 
LEU C   O    doub N N 179 
LEU C   OXT  sing N N 180 
LEU CB  CG   sing N N 181 
LEU CB  HB2  sing N N 182 
LEU CB  HB3  sing N N 183 
LEU CG  CD1  sing N N 184 
LEU CG  CD2  sing N N 185 
LEU CG  HG   sing N N 186 
LEU CD1 HD11 sing N N 187 
LEU CD1 HD12 sing N N 188 
LEU CD1 HD13 sing N N 189 
LEU CD2 HD21 sing N N 190 
LEU CD2 HD22 sing N N 191 
LEU CD2 HD23 sing N N 192 
LEU OXT HXT  sing N N 193 
LYS N   CA   sing N N 194 
LYS N   H    sing N N 195 
LYS N   H2   sing N N 196 
LYS CA  C    sing N N 197 
LYS CA  CB   sing N N 198 
LYS CA  HA   sing N N 199 
LYS C   O    doub N N 200 
LYS C   OXT  sing N N 201 
LYS CB  CG   sing N N 202 
LYS CB  HB2  sing N N 203 
LYS CB  HB3  sing N N 204 
LYS CG  CD   sing N N 205 
LYS CG  HG2  sing N N 206 
LYS CG  HG3  sing N N 207 
LYS CD  CE   sing N N 208 
LYS CD  HD2  sing N N 209 
LYS CD  HD3  sing N N 210 
LYS CE  NZ   sing N N 211 
LYS CE  HE2  sing N N 212 
LYS CE  HE3  sing N N 213 
LYS NZ  HZ1  sing N N 214 
LYS NZ  HZ2  sing N N 215 
LYS NZ  HZ3  sing N N 216 
LYS OXT HXT  sing N N 217 
MSE N   CA   sing N N 218 
MSE N   H    sing N N 219 
MSE N   H2   sing N N 220 
MSE CA  C    sing N N 221 
MSE CA  CB   sing N N 222 
MSE CA  HA   sing N N 223 
MSE C   O    doub N N 224 
MSE C   OXT  sing N N 225 
MSE OXT HXT  sing N N 226 
MSE CB  CG   sing N N 227 
MSE CB  HB2  sing N N 228 
MSE CB  HB3  sing N N 229 
MSE CG  SE   sing N N 230 
MSE CG  HG2  sing N N 231 
MSE CG  HG3  sing N N 232 
MSE SE  CE   sing N N 233 
MSE CE  HE1  sing N N 234 
MSE CE  HE2  sing N N 235 
MSE CE  HE3  sing N N 236 
PEG C1  O1   sing N N 237 
PEG C1  C2   sing N N 238 
PEG C1  H11  sing N N 239 
PEG C1  H12  sing N N 240 
PEG O1  HO1  sing N N 241 
PEG C2  O2   sing N N 242 
PEG C2  H21  sing N N 243 
PEG C2  H22  sing N N 244 
PEG O2  C3   sing N N 245 
PEG C3  C4   sing N N 246 
PEG C3  H31  sing N N 247 
PEG C3  H32  sing N N 248 
PEG C4  O4   sing N N 249 
PEG C4  H41  sing N N 250 
PEG C4  H42  sing N N 251 
PEG O4  HO4  sing N N 252 
PHE N   CA   sing N N 253 
PHE N   H    sing N N 254 
PHE N   H2   sing N N 255 
PHE CA  C    sing N N 256 
PHE CA  CB   sing N N 257 
PHE CA  HA   sing N N 258 
PHE C   O    doub N N 259 
PHE C   OXT  sing N N 260 
PHE CB  CG   sing N N 261 
PHE CB  HB2  sing N N 262 
PHE CB  HB3  sing N N 263 
PHE CG  CD1  doub Y N 264 
PHE CG  CD2  sing Y N 265 
PHE CD1 CE1  sing Y N 266 
PHE CD1 HD1  sing N N 267 
PHE CD2 CE2  doub Y N 268 
PHE CD2 HD2  sing N N 269 
PHE CE1 CZ   doub Y N 270 
PHE CE1 HE1  sing N N 271 
PHE CE2 CZ   sing Y N 272 
PHE CE2 HE2  sing N N 273 
PHE CZ  HZ   sing N N 274 
PHE OXT HXT  sing N N 275 
PRO N   CA   sing N N 276 
PRO N   CD   sing N N 277 
PRO N   H    sing N N 278 
PRO CA  C    sing N N 279 
PRO CA  CB   sing N N 280 
PRO CA  HA   sing N N 281 
PRO C   O    doub N N 282 
PRO C   OXT  sing N N 283 
PRO CB  CG   sing N N 284 
PRO CB  HB2  sing N N 285 
PRO CB  HB3  sing N N 286 
PRO CG  CD   sing N N 287 
PRO CG  HG2  sing N N 288 
PRO CG  HG3  sing N N 289 
PRO CD  HD2  sing N N 290 
PRO CD  HD3  sing N N 291 
PRO OXT HXT  sing N N 292 
SER N   CA   sing N N 293 
SER N   H    sing N N 294 
SER N   H2   sing N N 295 
SER CA  C    sing N N 296 
SER CA  CB   sing N N 297 
SER CA  HA   sing N N 298 
SER C   O    doub N N 299 
SER C   OXT  sing N N 300 
SER CB  OG   sing N N 301 
SER CB  HB2  sing N N 302 
SER CB  HB3  sing N N 303 
SER OG  HG   sing N N 304 
SER OXT HXT  sing N N 305 
THR N   CA   sing N N 306 
THR N   H    sing N N 307 
THR N   H2   sing N N 308 
THR CA  C    sing N N 309 
THR CA  CB   sing N N 310 
THR CA  HA   sing N N 311 
THR C   O    doub N N 312 
THR C   OXT  sing N N 313 
THR CB  OG1  sing N N 314 
THR CB  CG2  sing N N 315 
THR CB  HB   sing N N 316 
THR OG1 HG1  sing N N 317 
THR CG2 HG21 sing N N 318 
THR CG2 HG22 sing N N 319 
THR CG2 HG23 sing N N 320 
THR OXT HXT  sing N N 321 
TYR N   CA   sing N N 322 
TYR N   H    sing N N 323 
TYR N   H2   sing N N 324 
TYR CA  C    sing N N 325 
TYR CA  CB   sing N N 326 
TYR CA  HA   sing N N 327 
TYR C   O    doub N N 328 
TYR C   OXT  sing N N 329 
TYR CB  CG   sing N N 330 
TYR CB  HB2  sing N N 331 
TYR CB  HB3  sing N N 332 
TYR CG  CD1  doub Y N 333 
TYR CG  CD2  sing Y N 334 
TYR CD1 CE1  sing Y N 335 
TYR CD1 HD1  sing N N 336 
TYR CD2 CE2  doub Y N 337 
TYR CD2 HD2  sing N N 338 
TYR CE1 CZ   doub Y N 339 
TYR CE1 HE1  sing N N 340 
TYR CE2 CZ   sing Y N 341 
TYR CE2 HE2  sing N N 342 
TYR CZ  OH   sing N N 343 
TYR OH  HH   sing N N 344 
TYR OXT HXT  sing N N 345 
VAL N   CA   sing N N 346 
VAL N   H    sing N N 347 
VAL N   H2   sing N N 348 
VAL CA  C    sing N N 349 
VAL CA  CB   sing N N 350 
VAL CA  HA   sing N N 351 
VAL C   O    doub N N 352 
VAL C   OXT  sing N N 353 
VAL CB  CG1  sing N N 354 
VAL CB  CG2  sing N N 355 
VAL CB  HB   sing N N 356 
VAL CG1 HG11 sing N N 357 
VAL CG1 HG12 sing N N 358 
VAL CG1 HG13 sing N N 359 
VAL CG2 HG21 sing N N 360 
VAL CG2 HG22 sing N N 361 
VAL CG2 HG23 sing N N 362 
VAL OXT HXT  sing N N 363 
# 
_atom_sites.entry_id                    3FF4 
_atom_sites.fract_transf_matrix[1][1]   0.00262155 
_atom_sites.fract_transf_matrix[1][2]   -0.00741202 
_atom_sites.fract_transf_matrix[1][3]   0.01359266 
_atom_sites.fract_transf_matrix[2][1]   -0.01182066 
_atom_sites.fract_transf_matrix[2][2]   -0.00718515 
_atom_sites.fract_transf_matrix[2][3]   0.00743168 
_atom_sites.fract_transf_matrix[3][1]   0.00335516 
_atom_sites.fract_transf_matrix[3][2]   -0.01419521 
_atom_sites.fract_transf_matrix[3][3]   -0.00838768 
_atom_sites.fract_transf_vector[1]      0.850825 
_atom_sites.fract_transf_vector[2]      0.303468 
_atom_sites.fract_transf_vector[3]      0.074076 
# 
loop_
_atom_type.symbol 
C  
N  
O  
S  
SE 
# 
loop_
_atom_site.group_PDB 
_atom_site.id 
_atom_site.type_symbol 
_atom_site.label_atom_id 
_atom_site.label_alt_id 
_atom_site.label_comp_id 
_atom_site.label_asym_id 
_atom_site.label_entity_id 
_atom_site.label_seq_id 
_atom_site.pdbx_PDB_ins_code 
_atom_site.Cartn_x 
_atom_site.Cartn_y 
_atom_site.Cartn_z 
_atom_site.occupancy 
_atom_site.B_iso_or_equiv 
_atom_site.pdbx_formal_charge 
_atom_site.auth_seq_id 
_atom_site.auth_comp_id 
_atom_site.auth_asym_id 
_atom_site.auth_atom_id 
_atom_site.pdbx_PDB_model_num 
ATOM   1    N  N   . ASN A 1 2   ? 9.782   15.518  4.449   1.00 62.09 ? -1  ASN A N   1 
ATOM   2    C  CA  . ASN A 1 2   ? 8.683   15.079  5.365   1.00 62.03 ? -1  ASN A CA  1 
ATOM   3    C  C   . ASN A 1 2   ? 9.083   13.843  6.248   1.00 60.07 ? -1  ASN A C   1 
ATOM   4    O  O   . ASN A 1 2   ? 10.213  13.321  6.157   1.00 60.70 ? -1  ASN A O   1 
ATOM   5    C  CB  . ASN A 1 2   ? 7.358   14.892  4.555   1.00 63.16 ? -1  ASN A CB  1 
ATOM   6    C  CG  . ASN A 1 2   ? 6.078   14.770  5.451   1.00 66.62 ? -1  ASN A CG  1 
ATOM   7    O  OD1 . ASN A 1 2   ? 6.149   14.716  6.692   1.00 71.35 ? -1  ASN A OD1 1 
ATOM   8    N  ND2 . ASN A 1 2   ? 4.904   14.709  4.798   1.00 69.51 ? -1  ASN A ND2 1 
ATOM   9    N  N   . ALA A 1 3   ? 8.155   13.416  7.107   1.00 57.00 ? 0   ALA A N   1 
ATOM   10   C  CA  . ALA A 1 3   ? 8.391   12.428  8.157   1.00 53.46 ? 0   ALA A CA  1 
ATOM   11   C  C   . ALA A 1 3   ? 8.393   11.004  7.612   1.00 50.71 ? 0   ALA A C   1 
ATOM   12   O  O   . ALA A 1 3   ? 7.864   10.743  6.511   1.00 49.97 ? 0   ALA A O   1 
ATOM   13   C  CB  . ALA A 1 3   ? 7.305   12.559  9.211   1.00 54.17 ? 0   ALA A CB  1 
HETATM 14   N  N   . MSE A 1 4   ? 8.987   10.101  8.396   1.00 46.92 ? 1   MSE A N   1 
HETATM 15   C  CA  . MSE A 1 4   ? 8.895   8.675   8.155   1.00 43.73 ? 1   MSE A CA  1 
HETATM 16   C  C   . MSE A 1 4   ? 7.467   8.234   8.405   1.00 41.24 ? 1   MSE A C   1 
HETATM 17   O  O   . MSE A 1 4   ? 6.864   8.628   9.394   1.00 40.78 ? 1   MSE A O   1 
HETATM 18   C  CB  . MSE A 1 4   ? 9.881   7.924   9.037   1.00 43.83 ? 1   MSE A CB  1 
HETATM 19   C  CG  . MSE A 1 4   ? 11.346  8.322   8.766   1.00 45.79 ? 1   MSE A CG  1 
HETATM 20   SE SE  . MSE A 1 4   ? 11.854  8.330   6.830   1.00 51.55 ? 1   MSE A SE  1 
HETATM 21   C  CE  . MSE A 1 4   ? 11.488  10.202  6.344   1.00 47.07 ? 1   MSE A CE  1 
ATOM   22   N  N   . LYS A 1 5   ? 6.915   7.453   7.481   1.00 38.01 ? 2   LYS A N   1 
ATOM   23   C  CA  . LYS A 1 5   ? 5.564   6.946   7.612   1.00 35.61 ? 2   LYS A CA  1 
ATOM   24   C  C   . LYS A 1 5   ? 5.558   5.434   7.469   1.00 34.53 ? 2   LYS A C   1 
ATOM   25   O  O   . LYS A 1 5   ? 6.080   4.893   6.491   1.00 33.40 ? 2   LYS A O   1 
ATOM   26   C  CB  . LYS A 1 5   ? 4.654   7.592   6.565   1.00 35.63 ? 2   LYS A CB  1 
ATOM   27   C  CG  . LYS A 1 5   ? 4.689   9.095   6.641   1.00 33.39 ? 2   LYS A CG  1 
ATOM   28   C  CD  . LYS A 1 5   ? 3.770   9.736   5.664   1.00 33.46 ? 2   LYS A CD  1 
ATOM   29   C  CE  . LYS A 1 5   ? 3.714   11.214  5.946   1.00 32.37 ? 2   LYS A CE  1 
ATOM   30   N  NZ  . LYS A 1 5   ? 2.917   11.868  4.917   1.00 32.05 ? 2   LYS A NZ  1 
ATOM   31   N  N   . LYS A 1 6   ? 4.972   4.757   8.452   1.00 32.37 ? 3   LYS A N   1 
ATOM   32   C  CA  . LYS A 1 6   ? 4.775   3.326   8.346   1.00 31.51 ? 3   LYS A CA  1 
ATOM   33   C  C   . LYS A 1 6   ? 3.778   2.999   7.244   1.00 30.37 ? 3   LYS A C   1 
ATOM   34   O  O   . LYS A 1 6   ? 2.589   3.354   7.327   1.00 30.11 ? 3   LYS A O   1 
ATOM   35   C  CB  . LYS A 1 6   ? 4.318   2.712   9.664   1.00 31.59 ? 3   LYS A CB  1 
ATOM   36   C  CG  . LYS A 1 6   ? 4.026   1.225   9.503   1.00 33.12 ? 3   LYS A CG  1 
ATOM   37   C  CD  . LYS A 1 6   ? 4.447   0.453   10.686  1.00 37.28 ? 3   LYS A CD  1 
ATOM   38   C  CE  . LYS A 1 6   ? 3.507   0.635   11.799  1.00 34.85 ? 3   LYS A CE  1 
ATOM   39   N  NZ  . LYS A 1 6   ? 4.173   0.064   12.994  1.00 37.63 ? 3   LYS A NZ  1 
ATOM   40   N  N   . THR A 1 7   ? 4.272   2.305   6.228   1.00 29.63 ? 4   THR A N   1 
ATOM   41   C  CA  . THR A 1 7   ? 3.562   2.137   4.949   1.00 29.08 ? 4   THR A CA  1 
ATOM   42   C  C   . THR A 1 7   ? 3.314   0.666   4.611   1.00 29.46 ? 4   THR A C   1 
ATOM   43   O  O   . THR A 1 7   ? 4.253   -0.134  4.447   1.00 29.43 ? 4   THR A O   1 
ATOM   44   C  CB  . THR A 1 7   ? 4.329   2.824   3.792   1.00 28.34 ? 4   THR A CB  1 
ATOM   45   O  OG1 . THR A 1 7   ? 4.465   4.219   4.109   1.00 28.88 ? 4   THR A OG1 1 
ATOM   46   C  CG2 . THR A 1 7   ? 3.556   2.667   2.473   1.00 29.47 ? 4   THR A CG2 1 
ATOM   47   N  N   . LEU A 1 8   ? 2.046   0.303   4.507   1.00 29.01 ? 5   LEU A N   1 
ATOM   48   C  CA  . LEU A 1 8   ? 1.703   -1.086  4.167   1.00 28.18 ? 5   LEU A CA  1 
ATOM   49   C  C   . LEU A 1 8   ? 1.472   -1.147  2.645   1.00 28.11 ? 5   LEU A C   1 
ATOM   50   O  O   . LEU A 1 8   ? 0.648   -0.387  2.107   1.00 28.19 ? 5   LEU A O   1 
ATOM   51   C  CB  . LEU A 1 8   ? 0.456   -1.543  4.954   1.00 28.13 ? 5   LEU A CB  1 
ATOM   52   C  CG  . LEU A 1 8   ? 0.049   -3.025  4.885   1.00 26.82 ? 5   LEU A CG  1 
ATOM   53   C  CD1 . LEU A 1 8   ? -0.531  -3.397  6.246   1.00 27.75 ? 5   LEU A CD1 1 
ATOM   54   C  CD2 . LEU A 1 8   ? -0.974  -3.260  3.758   1.00 28.11 ? 5   LEU A CD2 1 
ATOM   55   N  N   . ILE A 1 9   ? 2.198   -2.039  1.969   1.00 27.00 ? 6   ILE A N   1 
ATOM   56   C  CA  . ILE A 1 9   ? 2.008   -2.292  0.519   1.00 26.35 ? 6   ILE A CA  1 
ATOM   57   C  C   . ILE A 1 9   ? 1.080   -3.464  0.341   1.00 26.51 ? 6   ILE A C   1 
ATOM   58   O  O   . ILE A 1 9   ? 1.425   -4.603  0.704   1.00 26.86 ? 6   ILE A O   1 
ATOM   59   C  CB  . ILE A 1 9   ? 3.361   -2.634  -0.156  1.00 25.29 ? 6   ILE A CB  1 
ATOM   60   C  CG1 . ILE A 1 9   ? 4.403   -1.554  0.195   1.00 25.18 ? 6   ILE A CG1 1 
ATOM   61   C  CG2 . ILE A 1 9   ? 3.170   -2.912  -1.704  1.00 25.90 ? 6   ILE A CG2 1 
ATOM   62   C  CD1 . ILE A 1 9   ? 5.858   -1.837  -0.319  1.00 23.58 ? 6   ILE A CD1 1 
ATOM   63   N  N   . LEU A 1 10  ? -0.091  -3.191  -0.224  1.00 26.65 ? 7   LEU A N   1 
ATOM   64   C  CA  . LEU A 1 10  ? -1.097  -4.192  -0.440  1.00 27.09 ? 7   LEU A CA  1 
ATOM   65   C  C   . LEU A 1 10  ? -1.108  -4.592  -1.929  1.00 27.58 ? 7   LEU A C   1 
ATOM   66   O  O   . LEU A 1 10  ? -1.430  -3.786  -2.815  1.00 26.98 ? 7   LEU A O   1 
ATOM   67   C  CB  . LEU A 1 10  ? -2.468  -3.663  0.019   1.00 27.51 ? 7   LEU A CB  1 
ATOM   68   C  CG  . LEU A 1 10  ? -3.618  -4.668  0.062   1.00 27.79 ? 7   LEU A CG  1 
ATOM   69   C  CD1 . LEU A 1 10  ? -3.262  -5.820  1.011   1.00 24.67 ? 7   LEU A CD1 1 
ATOM   70   C  CD2 . LEU A 1 10  ? -4.926  -4.015  0.512   1.00 25.77 ? 7   LEU A CD2 1 
ATOM   71   N  N   . GLY A 1 11  ? -0.775  -5.854  -2.175  1.00 27.25 ? 8   GLY A N   1 
ATOM   72   C  CA  . GLY A 1 11  ? -0.394  -6.315  -3.497  1.00 27.42 ? 8   GLY A CA  1 
ATOM   73   C  C   . GLY A 1 11  ? 1.115   -6.515  -3.631  1.00 27.77 ? 8   GLY A C   1 
ATOM   74   O  O   . GLY A 1 11  ? 1.639   -6.596  -4.758  1.00 28.42 ? 8   GLY A O   1 
ATOM   75   N  N   . ALA A 1 12  ? 1.834   -6.626  -2.504  1.00 27.42 ? 9   ALA A N   1 
ATOM   76   C  CA  . ALA A 1 12  ? 3.294   -6.840  -2.556  1.00 28.04 ? 9   ALA A CA  1 
ATOM   77   C  C   . ALA A 1 12  ? 3.682   -8.058  -3.408  1.00 28.87 ? 9   ALA A C   1 
ATOM   78   O  O   . ALA A 1 12  ? 2.976   -9.077  -3.414  1.00 29.24 ? 9   ALA A O   1 
ATOM   79   C  CB  . ALA A 1 12  ? 3.851   -6.999  -1.172  1.00 27.41 ? 9   ALA A CB  1 
ATOM   80   N  N   . THR A 1 13  ? 4.793   -7.956  -4.132  1.00 29.67 ? 10  THR A N   1 
ATOM   81   C  CA  . THR A 1 13  ? 5.254   -9.058  -5.016  1.00 30.42 ? 10  THR A CA  1 
ATOM   82   C  C   . THR A 1 13  ? 6.776   -9.100  -5.009  1.00 31.47 ? 10  THR A C   1 
ATOM   83   O  O   . THR A 1 13  ? 7.412   -8.047  -4.837  1.00 32.08 ? 10  THR A O   1 
ATOM   84   C  CB  . THR A 1 13  ? 4.685   -8.964  -6.469  1.00 30.27 ? 10  THR A CB  1 
ATOM   85   O  OG1 . THR A 1 13  ? 5.289   -9.986  -7.285  1.00 30.02 ? 10  THR A OG1 1 
ATOM   86   C  CG2 . THR A 1 13  ? 4.924   -7.592  -7.099  1.00 28.43 ? 10  THR A CG2 1 
ATOM   87   N  N   . PRO A 1 14  ? 7.379   -10.308 -5.125  1.00 32.44 ? 11  PRO A N   1 
ATOM   88   C  CA  . PRO A 1 14  ? 8.848   -10.331 -5.258  1.00 32.79 ? 11  PRO A CA  1 
ATOM   89   C  C   . PRO A 1 14  ? 9.368   -10.000 -6.681  1.00 33.25 ? 11  PRO A C   1 
ATOM   90   O  O   . PRO A 1 14  ? 10.581  -9.768  -6.842  1.00 33.72 ? 11  PRO A O   1 
ATOM   91   C  CB  . PRO A 1 14  ? 9.217   -11.768 -4.846  1.00 32.69 ? 11  PRO A CB  1 
ATOM   92   C  CG  . PRO A 1 14  ? 7.997   -12.570 -5.201  1.00 32.96 ? 11  PRO A CG  1 
ATOM   93   C  CD  . PRO A 1 14  ? 6.812   -11.671 -4.999  1.00 32.11 ? 11  PRO A CD  1 
ATOM   94   N  N   A GLU A 1 15  ? 8.481   -9.986  -7.680  0.50 32.70 ? 12  GLU A N   1 
ATOM   95   N  N   B GLU A 1 15  ? 8.470   -9.979  -7.675  0.50 33.03 ? 12  GLU A N   1 
ATOM   96   C  CA  A GLU A 1 15  ? 8.868   -9.679  -9.066  0.50 32.04 ? 12  GLU A CA  1 
ATOM   97   C  CA  B GLU A 1 15  ? 8.815   -9.634  -9.069  0.50 32.72 ? 12  GLU A CA  1 
ATOM   98   C  C   A GLU A 1 15  ? 9.405   -8.252  -9.176  0.50 31.85 ? 12  GLU A C   1 
ATOM   99   C  C   B GLU A 1 15  ? 9.408   -8.228  -9.155  0.50 32.20 ? 12  GLU A C   1 
ATOM   100  O  O   A GLU A 1 15  ? 8.663   -7.285  -9.004  0.50 31.22 ? 12  GLU A O   1 
ATOM   101  O  O   B GLU A 1 15  ? 8.697   -7.243  -8.957  0.50 31.54 ? 12  GLU A O   1 
ATOM   102  C  CB  A GLU A 1 15  ? 7.682   -9.891  -10.006 0.50 31.96 ? 12  GLU A CB  1 
ATOM   103  C  CB  B GLU A 1 15  ? 7.574   -9.722  -9.965  0.50 32.88 ? 12  GLU A CB  1 
ATOM   104  C  CG  A GLU A 1 15  ? 7.161   -11.319 -9.988  0.50 30.87 ? 12  GLU A CG  1 
ATOM   105  C  CG  B GLU A 1 15  ? 6.974   -11.114 -10.064 0.50 33.86 ? 12  GLU A CG  1 
ATOM   106  C  CD  A GLU A 1 15  ? 5.695   -11.401 -10.325 0.50 29.56 ? 12  GLU A CD  1 
ATOM   107  C  CD  B GLU A 1 15  ? 7.863   -12.072 -10.827 0.50 35.07 ? 12  GLU A CD  1 
ATOM   108  O  OE1 A GLU A 1 15  ? 4.902   -10.638 -9.729  0.50 27.86 ? 12  GLU A OE1 1 
ATOM   109  O  OE1 B GLU A 1 15  ? 8.196   -11.786 -12.000 0.50 36.21 ? 12  GLU A OE1 1 
ATOM   110  O  OE2 A GLU A 1 15  ? 5.334   -12.217 -11.201 0.50 29.14 ? 12  GLU A OE2 1 
ATOM   111  O  OE2 B GLU A 1 15  ? 8.225   -13.122 -10.259 0.50 36.52 ? 12  GLU A OE2 1 
ATOM   112  N  N   . THR A 1 16  ? 10.702  -8.144  -9.460  1.00 31.76 ? 13  THR A N   1 
ATOM   113  C  CA  . THR A 1 16  ? 11.438  -6.867  -9.380  1.00 31.79 ? 13  THR A CA  1 
ATOM   114  C  C   . THR A 1 16  ? 11.033  -5.805  -10.403 1.00 31.64 ? 13  THR A C   1 
ATOM   115  O  O   . THR A 1 16  ? 11.361  -4.628  -10.242 1.00 32.47 ? 13  THR A O   1 
ATOM   116  C  CB  . THR A 1 16  ? 12.981  -7.065  -9.428  1.00 32.02 ? 13  THR A CB  1 
ATOM   117  O  OG1 . THR A 1 16  ? 13.352  -7.673  -10.673 1.00 31.98 ? 13  THR A OG1 1 
ATOM   118  C  CG2 . THR A 1 16  ? 13.478  -7.922  -8.269  1.00 32.02 ? 13  THR A CG2 1 
ATOM   119  N  N   . ASN A 1 17  ? 10.329  -6.214  -11.449 1.00 30.72 ? 14  ASN A N   1 
ATOM   120  C  CA  . ASN A 1 17  ? 9.860   -5.294  -12.481 1.00 30.37 ? 14  ASN A CA  1 
ATOM   121  C  C   . ASN A 1 17  ? 8.488   -4.709  -12.155 1.00 29.50 ? 14  ASN A C   1 
ATOM   122  O  O   . ASN A 1 17  ? 8.008   -3.808  -12.842 1.00 29.63 ? 14  ASN A O   1 
ATOM   123  C  CB  . ASN A 1 17  ? 9.784   -6.031  -13.825 1.00 30.61 ? 14  ASN A CB  1 
ATOM   124  C  CG  . ASN A 1 17  ? 8.788   -7.189  -13.788 1.00 31.26 ? 14  ASN A CG  1 
ATOM   125  O  OD1 . ASN A 1 17  ? 8.889   -8.089  -12.951 1.00 32.16 ? 14  ASN A OD1 1 
ATOM   126  N  ND2 . ASN A 1 17  ? 7.816   -7.158  -14.683 1.00 33.07 ? 14  ASN A ND2 1 
ATOM   127  N  N   . ARG A 1 18  ? 7.847   -5.229  -11.112 1.00 28.95 ? 15  ARG A N   1 
ATOM   128  C  CA  . ARG A 1 18  ? 6.513   -4.773  -10.752 1.00 27.63 ? 15  ARG A CA  1 
ATOM   129  C  C   . ARG A 1 18  ? 6.576   -3.550  -9.855  1.00 28.27 ? 15  ARG A C   1 
ATOM   130  O  O   . ARG A 1 18  ? 7.473   -3.434  -8.982  1.00 27.90 ? 15  ARG A O   1 
ATOM   131  C  CB  . ARG A 1 18  ? 5.697   -5.903  -10.111 1.00 27.29 ? 15  ARG A CB  1 
ATOM   132  C  CG  . ARG A 1 18  ? 5.427   -7.068  -11.058 1.00 25.35 ? 15  ARG A CG  1 
ATOM   133  C  CD  . ARG A 1 18  ? 4.681   -6.624  -12.323 1.00 25.04 ? 15  ARG A CD  1 
ATOM   134  N  NE  . ARG A 1 18  ? 3.396   -6.045  -11.951 1.00 27.02 ? 15  ARG A NE  1 
ATOM   135  C  CZ  . ARG A 1 18  ? 2.282   -6.737  -11.721 1.00 27.00 ? 15  ARG A CZ  1 
ATOM   136  N  NH1 . ARG A 1 18  ? 1.194   -6.094  -11.349 1.00 26.27 ? 15  ARG A NH1 1 
ATOM   137  N  NH2 . ARG A 1 18  ? 2.246   -8.068  -11.856 1.00 26.90 ? 15  ARG A NH2 1 
ATOM   138  N  N   . TYR A 1 19  ? 5.613   -2.645  -10.063 1.00 27.38 ? 16  TYR A N   1 
ATOM   139  C  CA  . TYR A 1 19  ? 5.549   -1.399  -9.305  1.00 27.13 ? 16  TYR A CA  1 
ATOM   140  C  C   . TYR A 1 19  ? 5.469   -1.572  -7.782  1.00 26.92 ? 16  TYR A C   1 
ATOM   141  O  O   . TYR A 1 19  ? 6.013   -0.754  -7.061  1.00 26.46 ? 16  TYR A O   1 
ATOM   142  C  CB  . TYR A 1 19  ? 4.483   -0.427  -9.857  1.00 26.83 ? 16  TYR A CB  1 
ATOM   143  C  CG  . TYR A 1 19  ? 5.040   0.406   -11.005 1.00 28.61 ? 16  TYR A CG  1 
ATOM   144  C  CD1 . TYR A 1 19  ? 5.476   -0.201  -12.179 1.00 27.75 ? 16  TYR A CD1 1 
ATOM   145  C  CD2 . TYR A 1 19  ? 5.158   1.784   -10.895 1.00 29.37 ? 16  TYR A CD2 1 
ATOM   146  C  CE1 . TYR A 1 19  ? 5.994   0.542   -13.231 1.00 30.33 ? 16  TYR A CE1 1 
ATOM   147  C  CE2 . TYR A 1 19  ? 5.659   2.553   -11.948 1.00 30.67 ? 16  TYR A CE2 1 
ATOM   148  C  CZ  . TYR A 1 19  ? 6.070   1.923   -13.102 1.00 31.60 ? 16  TYR A CZ  1 
ATOM   149  O  OH  . TYR A 1 19  ? 6.600   2.653   -14.118 1.00 34.25 ? 16  TYR A OH  1 
ATOM   150  N  N   . ALA A 1 20  ? 4.836   -2.635  -7.291  1.00 26.74 ? 17  ALA A N   1 
ATOM   151  C  CA  . ALA A 1 20  ? 4.810   -2.844  -5.821  1.00 27.76 ? 17  ALA A CA  1 
ATOM   152  C  C   . ALA A 1 20  ? 6.197   -3.126  -5.263  1.00 27.08 ? 17  ALA A C   1 
ATOM   153  O  O   . ALA A 1 20  ? 6.476   -2.810  -4.091  1.00 26.80 ? 17  ALA A O   1 
ATOM   154  C  CB  . ALA A 1 20  ? 3.839   -3.966  -5.410  1.00 26.62 ? 17  ALA A CB  1 
ATOM   155  N  N   . TYR A 1 21  ? 7.043   -3.746  -6.091  1.00 26.60 ? 18  TYR A N   1 
ATOM   156  C  CA  . TYR A 1 21  ? 8.445   -3.962  -5.747  1.00 26.87 ? 18  TYR A CA  1 
ATOM   157  C  C   . TYR A 1 21  ? 9.208   -2.648  -5.835  1.00 27.01 ? 18  TYR A C   1 
ATOM   158  O  O   . TYR A 1 21  ? 9.877   -2.251  -4.874  1.00 26.67 ? 18  TYR A O   1 
ATOM   159  C  CB  . TYR A 1 21  ? 9.107   -5.031  -6.622  1.00 26.04 ? 18  TYR A CB  1 
ATOM   160  C  CG  . TYR A 1 21  ? 10.456  -5.464  -6.100  1.00 27.82 ? 18  TYR A CG  1 
ATOM   161  C  CD1 . TYR A 1 21  ? 10.558  -6.551  -5.232  1.00 28.94 ? 18  TYR A CD1 1 
ATOM   162  C  CD2 . TYR A 1 21  ? 11.628  -4.781  -6.465  1.00 27.63 ? 18  TYR A CD2 1 
ATOM   163  C  CE1 . TYR A 1 21  ? 11.790  -6.967  -4.730  1.00 31.54 ? 18  TYR A CE1 1 
ATOM   164  C  CE2 . TYR A 1 21  ? 12.870  -5.179  -5.961  1.00 30.71 ? 18  TYR A CE2 1 
ATOM   165  C  CZ  . TYR A 1 21  ? 12.935  -6.271  -5.091  1.00 32.41 ? 18  TYR A CZ  1 
ATOM   166  O  OH  . TYR A 1 21  ? 14.147  -6.703  -4.596  1.00 36.93 ? 18  TYR A OH  1 
ATOM   167  N  N   . LEU A 1 22  ? 9.092   -1.962  -6.970  1.00 26.56 ? 19  LEU A N   1 
ATOM   168  C  CA  . LEU A 1 22  ? 9.688   -0.638  -7.074  1.00 27.01 ? 19  LEU A CA  1 
ATOM   169  C  C   . LEU A 1 22  ? 9.319   0.253   -5.848  1.00 27.55 ? 19  LEU A C   1 
ATOM   170  O  O   . LEU A 1 22  ? 10.188  0.941   -5.301  1.00 26.99 ? 19  LEU A O   1 
ATOM   171  C  CB  . LEU A 1 22  ? 9.318   0.017   -8.397  1.00 26.35 ? 19  LEU A CB  1 
ATOM   172  C  CG  . LEU A 1 22  ? 9.703   -0.840  -9.607  1.00 27.66 ? 19  LEU A CG  1 
ATOM   173  C  CD1 . LEU A 1 22  ? 9.244   -0.188  -10.904 1.00 28.98 ? 19  LEU A CD1 1 
ATOM   174  C  CD2 . LEU A 1 22  ? 11.225  -1.081  -9.639  1.00 25.04 ? 19  LEU A CD2 1 
ATOM   175  N  N   . ALA A 1 23  ? 8.059   0.204   -5.397  1.00 26.84 ? 20  ALA A N   1 
ATOM   176  C  CA  . ALA A 1 23  ? 7.650   1.053   -4.284  1.00 27.52 ? 20  ALA A CA  1 
ATOM   177  C  C   . ALA A 1 23  ? 8.383   0.685   -2.999  1.00 28.02 ? 20  ALA A C   1 
ATOM   178  O  O   . ALA A 1 23  ? 8.805   1.567   -2.261  1.00 29.50 ? 20  ALA A O   1 
ATOM   179  C  CB  . ALA A 1 23  ? 6.146   0.999   -4.067  1.00 26.11 ? 20  ALA A CB  1 
ATOM   180  N  N   . ALA A 1 24  ? 8.521   -0.612  -2.731  1.00 27.95 ? 21  ALA A N   1 
ATOM   181  C  CA  . ALA A 1 24  ? 9.224   -1.068  -1.529  1.00 28.16 ? 21  ALA A CA  1 
ATOM   182  C  C   . ALA A 1 24  ? 10.649  -0.542  -1.528  1.00 28.62 ? 21  ALA A C   1 
ATOM   183  O  O   . ALA A 1 24  ? 11.101  -0.030  -0.493  1.00 28.65 ? 21  ALA A O   1 
ATOM   184  C  CB  . ALA A 1 24  ? 9.203   -2.587  -1.412  1.00 26.86 ? 21  ALA A CB  1 
ATOM   185  N  N   . GLU A 1 25  ? 11.312  -0.622  -2.687  1.00 28.65 ? 22  GLU A N   1 
ATOM   186  C  CA  . GLU A 1 25  ? 12.675  -0.096  -2.861  1.00 30.64 ? 22  GLU A CA  1 
ATOM   187  C  C   . GLU A 1 25  ? 12.767  1.403   -2.578  1.00 30.70 ? 22  GLU A C   1 
ATOM   188  O  O   . GLU A 1 25  ? 13.676  1.831   -1.870  1.00 30.93 ? 22  GLU A O   1 
ATOM   189  C  CB  . GLU A 1 25  ? 13.205  -0.332  -4.277  1.00 30.68 ? 22  GLU A CB  1 
ATOM   190  C  CG  . GLU A 1 25  ? 13.581  -1.755  -4.592  1.00 33.93 ? 22  GLU A CG  1 
ATOM   191  C  CD  . GLU A 1 25  ? 14.226  -1.911  -5.979  1.00 36.86 ? 22  GLU A CD  1 
ATOM   192  O  OE1 . GLU A 1 25  ? 13.734  -1.285  -6.960  1.00 37.62 ? 22  GLU A OE1 1 
ATOM   193  O  OE2 . GLU A 1 25  ? 15.227  -2.666  -6.079  1.00 36.68 ? 22  GLU A OE2 1 
ATOM   194  N  N   . ARG A 1 26  ? 11.852  2.199   -3.149  1.00 30.46 ? 23  ARG A N   1 
ATOM   195  C  CA  . ARG A 1 26  ? 11.899  3.640   -2.899  1.00 30.30 ? 23  ARG A CA  1 
ATOM   196  C  C   . ARG A 1 26  ? 11.542  3.964   -1.438  1.00 29.43 ? 23  ARG A C   1 
ATOM   197  O  O   . ARG A 1 26  ? 12.194  4.792   -0.823  1.00 29.67 ? 23  ARG A O   1 
ATOM   198  C  CB  . ARG A 1 26  ? 11.017  4.449   -3.861  1.00 29.68 ? 23  ARG A CB  1 
ATOM   199  C  CG  . ARG A 1 26  ? 11.391  4.389   -5.332  1.00 33.38 ? 23  ARG A CG  1 
ATOM   200  C  CD  . ARG A 1 26  ? 12.723  5.067   -5.667  1.00 34.22 ? 23  ARG A CD  1 
ATOM   201  N  NE  . ARG A 1 26  ? 13.804  4.102   -5.550  1.00 37.97 ? 23  ARG A NE  1 
ATOM   202  C  CZ  . ARG A 1 26  ? 14.955  4.331   -4.925  1.00 38.32 ? 23  ARG A CZ  1 
ATOM   203  N  NH1 . ARG A 1 26  ? 15.200  5.502   -4.368  1.00 39.23 ? 23  ARG A NH1 1 
ATOM   204  N  NH2 . ARG A 1 26  ? 15.870  3.387   -4.858  1.00 38.27 ? 23  ARG A NH2 1 
ATOM   205  N  N   . LEU A 1 27  ? 10.505  3.324   -0.891  1.00 29.22 ? 24  LEU A N   1 
ATOM   206  C  CA  . LEU A 1 27  ? 10.130  3.558   0.509   1.00 28.79 ? 24  LEU A CA  1 
ATOM   207  C  C   . LEU A 1 27  ? 11.304  3.260   1.411   1.00 28.83 ? 24  LEU A C   1 
ATOM   208  O  O   . LEU A 1 27  ? 11.683  4.072   2.274   1.00 28.73 ? 24  LEU A O   1 
ATOM   209  C  CB  . LEU A 1 27  ? 8.942   2.675   0.895   1.00 27.96 ? 24  LEU A CB  1 
ATOM   210  C  CG  . LEU A 1 27  ? 7.598   3.131   0.325   1.00 28.51 ? 24  LEU A CG  1 
ATOM   211  C  CD1 . LEU A 1 27  ? 6.572   1.990   0.325   1.00 26.19 ? 24  LEU A CD1 1 
ATOM   212  C  CD2 . LEU A 1 27  ? 7.051   4.402   1.065   1.00 29.21 ? 24  LEU A CD2 1 
ATOM   213  N  N   . LYS A 1 28  ? 11.900  2.094   1.183   1.00 29.89 ? 25  LYS A N   1 
ATOM   214  C  CA  . LYS A 1 28  ? 13.038  1.666   1.975   1.00 30.58 ? 25  LYS A CA  1 
ATOM   215  C  C   . LYS A 1 28  ? 14.185  2.655   1.869   1.00 30.98 ? 25  LYS A C   1 
ATOM   216  O  O   . LYS A 1 28  ? 14.738  3.042   2.885   1.00 30.26 ? 25  LYS A O   1 
ATOM   217  C  CB  . LYS A 1 28  ? 13.501  0.266   1.599   1.00 30.08 ? 25  LYS A CB  1 
ATOM   218  C  CG  . LYS A 1 28  ? 14.694  -0.174  2.416   1.00 31.00 ? 25  LYS A CG  1 
ATOM   219  C  CD  . LYS A 1 28  ? 15.067  -1.622  2.169   1.00 31.69 ? 25  LYS A CD  1 
ATOM   220  C  CE  . LYS A 1 28  ? 16.510  -1.862  2.616   1.00 34.95 ? 25  LYS A CE  1 
ATOM   221  N  NZ  . LYS A 1 28  ? 16.455  -2.984  3.556   1.00 34.04 ? 25  LYS A NZ  1 
ATOM   222  N  N   . SER A 1 29  ? 14.531  3.089   0.658   1.00 31.69 ? 26  SER A N   1 
ATOM   223  C  CA  . SER A 1 29  ? 15.707  3.963   0.519   1.00 32.45 ? 26  SER A CA  1 
ATOM   224  C  C   . SER A 1 29  ? 15.415  5.333   1.098   1.00 32.56 ? 26  SER A C   1 
ATOM   225  O  O   . SER A 1 29  ? 16.342  6.072   1.422   1.00 33.03 ? 26  SER A O   1 
ATOM   226  C  CB  . SER A 1 29  ? 16.205  4.092   -0.930  1.00 32.17 ? 26  SER A CB  1 
ATOM   227  O  OG  . SER A 1 29  ? 15.239  4.763   -1.711  1.00 35.50 ? 26  SER A OG  1 
ATOM   228  N  N   . HIS A 1 30  ? 14.135  5.671   1.213   1.00 33.19 ? 27  HIS A N   1 
ATOM   229  C  CA  . HIS A 1 30  ? 13.731  6.914   1.869   1.00 33.25 ? 27  HIS A CA  1 
ATOM   230  C  C   . HIS A 1 30  ? 13.630  6.779   3.387   1.00 33.13 ? 27  HIS A C   1 
ATOM   231  O  O   . HIS A 1 30  ? 13.508  7.779   4.076   1.00 33.66 ? 27  HIS A O   1 
ATOM   232  C  CB  . HIS A 1 30  ? 12.429  7.488   1.274   1.00 33.23 ? 27  HIS A CB  1 
ATOM   233  C  CG  . HIS A 1 30  ? 12.642  8.290   0.026   1.00 33.31 ? 27  HIS A CG  1 
ATOM   234  N  ND1 . HIS A 1 30  ? 12.612  7.732   -1.232  1.00 33.90 ? 27  HIS A ND1 1 
ATOM   235  C  CD2 . HIS A 1 30  ? 12.918  9.602   -0.153  1.00 32.78 ? 27  HIS A CD2 1 
ATOM   236  C  CE1 . HIS A 1 30  ? 12.840  8.668   -2.136  1.00 33.47 ? 27  HIS A CE1 1 
ATOM   237  N  NE2 . HIS A 1 30  ? 13.025  9.813   -1.506  1.00 33.03 ? 27  HIS A NE2 1 
ATOM   238  N  N   . GLY A 1 31  ? 13.695  5.554   3.907   1.00 32.64 ? 28  GLY A N   1 
ATOM   239  C  CA  . GLY A 1 31  ? 13.735  5.345   5.360   1.00 31.92 ? 28  GLY A CA  1 
ATOM   240  C  C   . GLY A 1 31  ? 12.392  5.031   6.013   1.00 31.66 ? 28  GLY A C   1 
ATOM   241  O  O   . GLY A 1 31  ? 12.305  4.894   7.238   1.00 30.80 ? 28  GLY A O   1 
ATOM   242  N  N   . HIS A 1 32  ? 11.347  4.925   5.204   1.00 30.82 ? 29  HIS A N   1 
ATOM   243  C  CA  . HIS A 1 32  ? 10.047  4.485   5.702   1.00 31.79 ? 29  HIS A CA  1 
ATOM   244  C  C   . HIS A 1 32  ? 10.068  2.988   5.996   1.00 31.86 ? 29  HIS A C   1 
ATOM   245  O  O   . HIS A 1 32  ? 10.675  2.229   5.245   1.00 32.35 ? 29  HIS A O   1 
ATOM   246  C  CB  . HIS A 1 32  ? 8.955   4.776   4.669   1.00 30.82 ? 29  HIS A CB  1 
ATOM   247  C  CG  . HIS A 1 32  ? 8.888   6.222   4.277   1.00 32.03 ? 29  HIS A CG  1 
ATOM   248  N  ND1 . HIS A 1 32  ? 8.254   7.174   5.049   1.00 32.02 ? 29  HIS A ND1 1 
ATOM   249  C  CD2 . HIS A 1 32  ? 9.400   6.879   3.212   1.00 30.31 ? 29  HIS A CD2 1 
ATOM   250  C  CE1 . HIS A 1 32  ? 8.360   8.356   4.461   1.00 31.75 ? 29  HIS A CE1 1 
ATOM   251  N  NE2 . HIS A 1 32  ? 9.057   8.204   3.348   1.00 30.17 ? 29  HIS A NE2 1 
ATOM   252  N  N   . GLU A 1 33  ? 9.406   2.577   7.077   1.00 31.63 ? 30  GLU A N   1 
ATOM   253  C  CA  . GLU A 1 33  ? 9.136   1.160   7.319   1.00 31.55 ? 30  GLU A CA  1 
ATOM   254  C  C   . GLU A 1 33  ? 8.032   0.688   6.357   1.00 30.91 ? 30  GLU A C   1 
ATOM   255  O  O   . GLU A 1 33  ? 6.920   1.229   6.363   1.00 30.76 ? 30  GLU A O   1 
ATOM   256  C  CB  . GLU A 1 33  ? 8.723   0.931   8.772   1.00 31.10 ? 30  GLU A CB  1 
ATOM   257  C  CG  . GLU A 1 33  ? 8.107   -0.430  9.017   1.00 33.54 ? 30  GLU A CG  1 
ATOM   258  C  CD  . GLU A 1 33  ? 7.828   -0.680  10.494  1.00 36.84 ? 30  GLU A CD  1 
ATOM   259  O  OE1 . GLU A 1 33  ? 7.545   0.298   11.252  1.00 36.17 ? 30  GLU A OE1 1 
ATOM   260  O  OE2 . GLU A 1 33  ? 7.920   -1.860  10.895  1.00 37.22 ? 30  GLU A OE2 1 
ATOM   261  N  N   . PHE A 1 34  ? 8.357   -0.276  5.498   1.00 30.77 ? 31  PHE A N   1 
ATOM   262  C  CA  . PHE A 1 34  ? 7.344   -0.868  4.600   1.00 31.78 ? 31  PHE A CA  1 
ATOM   263  C  C   . PHE A 1 34  ? 6.911   -2.236  5.122   1.00 31.95 ? 31  PHE A C   1 
ATOM   264  O  O   . PHE A 1 34  ? 7.725   -2.982  5.734   1.00 31.90 ? 31  PHE A O   1 
ATOM   265  C  CB  . PHE A 1 34  ? 7.825   -0.947  3.133   1.00 31.73 ? 31  PHE A CB  1 
ATOM   266  C  CG  . PHE A 1 34  ? 8.794   -2.058  2.866   1.00 34.08 ? 31  PHE A CG  1 
ATOM   267  C  CD1 . PHE A 1 34  ? 8.343   -3.286  2.351   1.00 33.72 ? 31  PHE A CD1 1 
ATOM   268  C  CD2 . PHE A 1 34  ? 10.150  -1.897  3.144   1.00 34.07 ? 31  PHE A CD2 1 
ATOM   269  C  CE1 . PHE A 1 34  ? 9.241   -4.335  2.129   1.00 35.23 ? 31  PHE A CE1 1 
ATOM   270  C  CE2 . PHE A 1 34  ? 11.053  -2.944  2.932   1.00 36.46 ? 31  PHE A CE2 1 
ATOM   271  C  CZ  . PHE A 1 34  ? 10.592  -4.164  2.407   1.00 35.88 ? 31  PHE A CZ  1 
ATOM   272  N  N   . ILE A 1 35  ? 5.640   -2.564  4.896   1.00 30.98 ? 32  ILE A N   1 
ATOM   273  C  CA  . ILE A 1 35  ? 5.124   -3.876  5.268   1.00 30.98 ? 32  ILE A CA  1 
ATOM   274  C  C   . ILE A 1 35  ? 4.447   -4.562  4.069   1.00 30.35 ? 32  ILE A C   1 
ATOM   275  O  O   . ILE A 1 35  ? 3.398   -4.087  3.631   1.00 30.32 ? 32  ILE A O   1 
ATOM   276  C  CB  . ILE A 1 35  ? 4.133   -3.789  6.446   1.00 30.43 ? 32  ILE A CB  1 
ATOM   277  C  CG1 . ILE A 1 35  ? 4.798   -3.105  7.659   1.00 31.82 ? 32  ILE A CG1 1 
ATOM   278  C  CG2 . ILE A 1 35  ? 3.613   -5.216  6.802   1.00 30.50 ? 32  ILE A CG2 1 
ATOM   279  C  CD1 . ILE A 1 35  ? 3.819   -2.661  8.699   1.00 31.48 ? 32  ILE A CD1 1 
ATOM   280  N  N   . PRO A 1 36  ? 5.040   -5.670  3.557   1.00 29.85 ? 33  PRO A N   1 
ATOM   281  C  CA  . PRO A 1 36  ? 4.500   -6.319  2.350   1.00 29.94 ? 33  PRO A CA  1 
ATOM   282  C  C   . PRO A 1 36  ? 3.370   -7.309  2.656   1.00 30.85 ? 33  PRO A C   1 
ATOM   283  O  O   . PRO A 1 36  ? 3.586   -8.307  3.388   1.00 30.43 ? 33  PRO A O   1 
ATOM   284  C  CB  . PRO A 1 36  ? 5.694   -7.065  1.772   1.00 29.48 ? 33  PRO A CB  1 
ATOM   285  C  CG  . PRO A 1 36  ? 6.655   -7.267  2.939   1.00 30.33 ? 33  PRO A CG  1 
ATOM   286  C  CD  . PRO A 1 36  ? 6.315   -6.283  4.017   1.00 29.19 ? 33  PRO A CD  1 
ATOM   287  N  N   . VAL A 1 37  ? 2.187   -7.024  2.108   1.00 29.99 ? 34  VAL A N   1 
ATOM   288  C  CA  . VAL A 1 37  ? 1.007   -7.862  2.269   1.00 29.88 ? 34  VAL A CA  1 
ATOM   289  C  C   . VAL A 1 37  ? 0.443   -8.164  0.880   1.00 31.53 ? 34  VAL A C   1 
ATOM   290  O  O   . VAL A 1 37  ? 0.424   -7.314  -0.016  1.00 30.84 ? 34  VAL A O   1 
ATOM   291  C  CB  . VAL A 1 37  ? -0.074  -7.197  3.166   1.00 29.87 ? 34  VAL A CB  1 
ATOM   292  C  CG1 . VAL A 1 37  ? -1.315  -8.096  3.349   1.00 28.16 ? 34  VAL A CG1 1 
ATOM   293  C  CG2 . VAL A 1 37  ? 0.504   -6.794  4.521   1.00 27.00 ? 34  VAL A CG2 1 
ATOM   294  N  N   . GLY A 1 38  ? 0.014   -9.402  0.686   1.00 33.13 ? 35  GLY A N   1 
ATOM   295  C  CA  . GLY A 1 38  ? -0.646  -9.770  -0.560  1.00 34.92 ? 35  GLY A CA  1 
ATOM   296  C  C   . GLY A 1 38  ? -0.857  -11.255 -0.652  1.00 36.25 ? 35  GLY A C   1 
ATOM   297  O  O   . GLY A 1 38  ? -0.726  -11.977 0.355   1.00 36.26 ? 35  GLY A O   1 
ATOM   298  N  N   A ARG A 1 39  ? -1.187  -11.733 -1.852  0.50 36.74 ? 36  ARG A N   1 
ATOM   299  N  N   B ARG A 1 39  ? -1.173  -11.719 -1.861  0.50 36.94 ? 36  ARG A N   1 
ATOM   300  C  CA  A ARG A 1 39  ? -1.423  -13.157 -2.046  0.50 37.60 ? 36  ARG A CA  1 
ATOM   301  C  CA  B ARG A 1 39  ? -1.444  -13.128 -2.107  0.50 38.02 ? 36  ARG A CA  1 
ATOM   302  C  C   A ARG A 1 39  ? -0.218  -13.907 -2.607  0.50 38.11 ? 36  ARG A C   1 
ATOM   303  C  C   B ARG A 1 39  ? -0.212  -13.891 -2.583  0.50 38.33 ? 36  ARG A C   1 
ATOM   304  O  O   A ARG A 1 39  ? -0.154  -15.128 -2.505  0.50 37.90 ? 36  ARG A O   1 
ATOM   305  O  O   B ARG A 1 39  ? -0.127  -15.101 -2.399  0.50 38.11 ? 36  ARG A O   1 
ATOM   306  C  CB  A ARG A 1 39  ? -2.666  -13.414 -2.912  0.50 37.94 ? 36  ARG A CB  1 
ATOM   307  C  CB  B ARG A 1 39  ? -2.575  -13.279 -3.129  0.50 38.43 ? 36  ARG A CB  1 
ATOM   308  C  CG  A ARG A 1 39  ? -2.580  -12.881 -4.323  0.50 37.88 ? 36  ARG A CG  1 
ATOM   309  C  CG  B ARG A 1 39  ? -3.929  -12.859 -2.597  0.50 39.86 ? 36  ARG A CG  1 
ATOM   310  C  CD  A ARG A 1 39  ? -3.657  -13.527 -5.177  0.50 40.59 ? 36  ARG A CD  1 
ATOM   311  C  CD  B ARG A 1 39  ? -4.693  -12.124 -3.665  0.50 42.30 ? 36  ARG A CD  1 
ATOM   312  N  NE  A ARG A 1 39  ? -3.865  -12.814 -6.429  0.50 41.73 ? 36  ARG A NE  1 
ATOM   313  N  NE  B ARG A 1 39  ? -6.129  -12.239 -3.465  0.50 44.42 ? 36  ARG A NE  1 
ATOM   314  C  CZ  A ARG A 1 39  ? -4.596  -13.283 -7.438  0.50 42.30 ? 36  ARG A CZ  1 
ATOM   315  C  CZ  B ARG A 1 39  ? -7.026  -11.778 -4.325  0.50 46.04 ? 36  ARG A CZ  1 
ATOM   316  N  NH1 A ARG A 1 39  ? -5.184  -14.470 -7.339  0.50 41.50 ? 36  ARG A NH1 1 
ATOM   317  N  NH1 B ARG A 1 39  ? -6.621  -11.173 -5.434  0.50 47.88 ? 36  ARG A NH1 1 
ATOM   318  N  NH2 A ARG A 1 39  ? -4.732  -12.566 -8.547  0.50 41.25 ? 36  ARG A NH2 1 
ATOM   319  N  NH2 B ARG A 1 39  ? -8.323  -11.917 -4.078  0.50 46.91 ? 36  ARG A NH2 1 
ATOM   320  N  N   . LYS A 1 40  ? 0.734   -13.182 -3.196  1.00 38.67 ? 37  LYS A N   1 
ATOM   321  C  CA  . LYS A 1 40  ? 1.947   -13.815 -3.750  1.00 39.40 ? 37  LYS A CA  1 
ATOM   322  C  C   . LYS A 1 40  ? 2.900   -14.282 -2.644  1.00 38.91 ? 37  LYS A C   1 
ATOM   323  O  O   . LYS A 1 40  ? 3.096   -13.592 -1.649  1.00 38.52 ? 37  LYS A O   1 
ATOM   324  C  CB  . LYS A 1 40  ? 2.657   -12.860 -4.713  1.00 39.95 ? 37  LYS A CB  1 
ATOM   325  C  CG  . LYS A 1 40  ? 2.138   -12.972 -6.131  1.00 43.00 ? 37  LYS A CG  1 
ATOM   326  C  CD  . LYS A 1 40  ? 2.327   -11.665 -6.892  1.00 47.27 ? 37  LYS A CD  1 
ATOM   327  C  CE  . LYS A 1 40  ? 2.014   -11.844 -8.392  1.00 48.75 ? 37  LYS A CE  1 
ATOM   328  N  NZ  . LYS A 1 40  ? 2.653   -10.745 -9.204  1.00 48.64 ? 37  LYS A NZ  1 
ATOM   329  N  N   . LYS A 1 41  ? 3.455   -15.473 -2.828  1.00 38.51 ? 38  LYS A N   1 
ATOM   330  C  CA  . LYS A 1 41  ? 4.450   -16.042 -1.921  1.00 38.55 ? 38  LYS A CA  1 
ATOM   331  C  C   . LYS A 1 41  ? 5.818   -15.422 -2.188  1.00 38.05 ? 38  LYS A C   1 
ATOM   332  O  O   . LYS A 1 41  ? 6.151   -15.111 -3.330  1.00 38.72 ? 38  LYS A O   1 
ATOM   333  C  CB  . LYS A 1 41  ? 4.538   -17.550 -2.135  1.00 38.10 ? 38  LYS A CB  1 
ATOM   334  C  CG  . LYS A 1 41  ? 3.243   -18.281 -1.874  1.00 39.90 ? 38  LYS A CG  1 
ATOM   335  C  CD  . LYS A 1 41  ? 3.255   -18.965 -0.505  1.00 41.64 ? 38  LYS A CD  1 
ATOM   336  C  CE  . LYS A 1 41  ? 1.841   -19.419 -0.106  1.00 43.24 ? 38  LYS A CE  1 
ATOM   337  N  NZ  . LYS A 1 41  ? 1.495   -18.992 1.305   1.00 44.08 ? 38  LYS A NZ  1 
ATOM   338  N  N   . GLY A 1 42  ? 6.611   -15.234 -1.142  1.00 37.34 ? 39  GLY A N   1 
ATOM   339  C  CA  . GLY A 1 42  ? 7.980   -14.766 -1.336  1.00 36.22 ? 39  GLY A CA  1 
ATOM   340  C  C   . GLY A 1 42  ? 8.476   -13.744 -0.335  1.00 35.48 ? 39  GLY A C   1 
ATOM   341  O  O   . GLY A 1 42  ? 7.857   -13.531 0.713   1.00 35.52 ? 39  GLY A O   1 
ATOM   342  N  N   A GLU A 1 43  ? 9.600   -13.106 -0.667  0.50 34.96 ? 40  GLU A N   1 
ATOM   343  N  N   B GLU A 1 43  ? 9.616   -13.143 -0.658  0.50 35.04 ? 40  GLU A N   1 
ATOM   344  C  CA  A GLU A 1 43  ? 10.220  -12.094 0.200   0.50 34.29 ? 40  GLU A CA  1 
ATOM   345  C  CA  B GLU A 1 43  ? 10.210  -12.092 0.159   0.50 34.44 ? 40  GLU A CA  1 
ATOM   346  C  C   A GLU A 1 43  ? 10.558  -10.838 -0.600  0.50 33.77 ? 40  GLU A C   1 
ATOM   347  C  C   B GLU A 1 43  ? 10.284  -10.820 -0.679  0.50 33.85 ? 40  GLU A C   1 
ATOM   348  O  O   A GLU A 1 43  ? 11.083  -10.928 -1.721  0.50 33.78 ? 40  GLU A O   1 
ATOM   349  O  O   B GLU A 1 43  ? 10.305  -10.881 -1.913  0.50 34.04 ? 40  GLU A O   1 
ATOM   350  C  CB  A GLU A 1 43  ? 11.528  -12.607 0.822   0.50 34.15 ? 40  GLU A CB  1 
ATOM   351  C  CB  B GLU A 1 43  ? 11.622  -12.480 0.648   0.50 34.38 ? 40  GLU A CB  1 
ATOM   352  C  CG  A GLU A 1 43  ? 12.744  -12.054 0.084   0.50 33.85 ? 40  GLU A CG  1 
ATOM   353  C  CG  B GLU A 1 43  ? 11.674  -13.256 1.957   0.50 34.28 ? 40  GLU A CG  1 
ATOM   354  C  CD  A GLU A 1 43  ? 14.038  -12.200 0.846   0.50 34.24 ? 40  GLU A CD  1 
ATOM   355  C  CD  B GLU A 1 43  ? 11.234  -14.693 1.803   0.50 35.10 ? 40  GLU A CD  1 
ATOM   356  O  OE1 A GLU A 1 43  ? 14.195  -13.191 1.592   0.50 32.76 ? 40  GLU A OE1 1 
ATOM   357  O  OE1 B GLU A 1 43  ? 11.475  -15.284 0.732   0.50 35.93 ? 40  GLU A OE1 1 
ATOM   358  O  OE2 A GLU A 1 43  ? 14.904  -11.313 0.679   0.50 34.43 ? 40  GLU A OE2 1 
ATOM   359  O  OE2 B GLU A 1 43  ? 10.649  -15.241 2.755   0.50 35.87 ? 40  GLU A OE2 1 
ATOM   360  N  N   . VAL A 1 44  ? 10.294  -9.677  -0.001  1.00 32.70 ? 41  VAL A N   1 
ATOM   361  C  CA  . VAL A 1 44  ? 10.561  -8.393  -0.634  1.00 31.57 ? 41  VAL A CA  1 
ATOM   362  C  C   . VAL A 1 44  ? 11.601  -7.713  0.242   1.00 30.96 ? 41  VAL A C   1 
ATOM   363  O  O   . VAL A 1 44  ? 11.355  -7.427  1.419   1.00 29.61 ? 41  VAL A O   1 
ATOM   364  C  CB  . VAL A 1 44  ? 9.286   -7.515  -0.752  1.00 30.61 ? 41  VAL A CB  1 
ATOM   365  C  CG1 . VAL A 1 44  ? 9.639   -6.121  -1.292  1.00 30.47 ? 41  VAL A CG1 1 
ATOM   366  C  CG2 . VAL A 1 44  ? 8.238   -8.204  -1.636  1.00 29.89 ? 41  VAL A CG2 1 
ATOM   367  N  N   . LEU A 1 45  ? 12.788  -7.519  -0.325  1.00 30.79 ? 42  LEU A N   1 
ATOM   368  C  CA  . LEU A 1 45  ? 13.905  -6.904  0.399   1.00 30.71 ? 42  LEU A CA  1 
ATOM   369  C  C   . LEU A 1 45  ? 14.061  -7.446  1.813   1.00 30.77 ? 42  LEU A C   1 
ATOM   370  O  O   . LEU A 1 45  ? 14.207  -6.683  2.763   1.00 31.52 ? 42  LEU A O   1 
ATOM   371  C  CB  . LEU A 1 45  ? 13.735  -5.380  0.423   1.00 30.52 ? 42  LEU A CB  1 
ATOM   372  C  CG  . LEU A 1 45  ? 13.475  -4.751  -0.962  1.00 31.08 ? 42  LEU A CG  1 
ATOM   373  C  CD1 . LEU A 1 45  ? 12.836  -3.386  -0.862  1.00 29.19 ? 42  LEU A CD1 1 
ATOM   374  C  CD2 . LEU A 1 45  ? 14.753  -4.682  -1.801  1.00 30.38 ? 42  LEU A CD2 1 
ATOM   375  N  N   . GLY A 1 46  ? 14.006  -8.760  1.969   1.00 30.96 ? 43  GLY A N   1 
ATOM   376  C  CA  . GLY A 1 46  ? 14.278  -9.359  3.274   1.00 31.01 ? 43  GLY A CA  1 
ATOM   377  C  C   . GLY A 1 46  ? 13.061  -9.643  4.143   1.00 31.28 ? 43  GLY A C   1 
ATOM   378  O  O   . GLY A 1 46  ? 13.192  -10.292 5.175   1.00 31.20 ? 43  GLY A O   1 
ATOM   379  N  N   . LYS A 1 47  ? 11.873  -9.180  3.732   1.00 31.56 ? 44  LYS A N   1 
ATOM   380  C  CA  . LYS A 1 47  ? 10.666  -9.395  4.522   1.00 31.54 ? 44  LYS A CA  1 
ATOM   381  C  C   . LYS A 1 47  ? 9.749   -10.375 3.831   1.00 31.87 ? 44  LYS A C   1 
ATOM   382  O  O   . LYS A 1 47  ? 9.417   -10.207 2.647   1.00 32.22 ? 44  LYS A O   1 
ATOM   383  C  CB  . LYS A 1 47  ? 9.925   -8.084  4.748   1.00 31.87 ? 44  LYS A CB  1 
ATOM   384  C  CG  . LYS A 1 47  ? 10.609  -7.145  5.693   1.00 33.05 ? 44  LYS A CG  1 
ATOM   385  C  CD  . LYS A 1 47  ? 9.979   -5.775  5.575   1.00 34.77 ? 44  LYS A CD  1 
ATOM   386  C  CE  . LYS A 1 47  ? 10.396  -4.872  6.694   1.00 39.29 ? 44  LYS A CE  1 
ATOM   387  N  NZ  . LYS A 1 47  ? 9.299   -4.850  7.725   1.00 43.41 ? 44  LYS A NZ  1 
ATOM   388  N  N   . THR A 1 48  ? 9.349   -11.406 4.570   1.00 31.26 ? 45  THR A N   1 
ATOM   389  C  CA  . THR A 1 48  ? 8.365   -12.364 4.080   1.00 30.92 ? 45  THR A CA  1 
ATOM   390  C  C   . THR A 1 48  ? 7.087   -11.596 3.752   1.00 30.36 ? 45  THR A C   1 
ATOM   391  O  O   . THR A 1 48  ? 6.634   -10.797 4.560   1.00 31.00 ? 45  THR A O   1 
ATOM   392  C  CB  . THR A 1 48  ? 8.049   -13.433 5.168   1.00 30.95 ? 45  THR A CB  1 
ATOM   393  O  OG1 . THR A 1 48  ? 9.254   -14.110 5.565   1.00 32.23 ? 45  THR A OG1 1 
ATOM   394  C  CG2 . THR A 1 48  ? 7.036   -14.461 4.661   1.00 29.64 ? 45  THR A CG2 1 
ATOM   395  N  N   . ILE A 1 49  ? 6.502   -11.833 2.583   1.00 29.88 ? 46  ILE A N   1 
ATOM   396  C  CA  . ILE A 1 49  ? 5.221   -11.229 2.243   1.00 28.91 ? 46  ILE A CA  1 
ATOM   397  C  C   . ILE A 1 49  ? 4.168   -11.894 3.110   1.00 28.82 ? 46  ILE A C   1 
ATOM   398  O  O   . ILE A 1 49  ? 4.071   -13.131 3.144   1.00 29.13 ? 46  ILE A O   1 
ATOM   399  C  CB  . ILE A 1 49  ? 4.859   -11.447 0.752   1.00 29.03 ? 46  ILE A CB  1 
ATOM   400  C  CG1 . ILE A 1 49  ? 5.949   -10.854 -0.153  1.00 27.57 ? 46  ILE A CG1 1 
ATOM   401  C  CG2 . ILE A 1 49  ? 3.456   -10.865 0.450   1.00 28.40 ? 46  ILE A CG2 1 
ATOM   402  C  CD1 . ILE A 1 49  ? 5.787   -11.233 -1.627  1.00 28.08 ? 46  ILE A CD1 1 
ATOM   403  N  N   . ILE A 1 50  ? 3.383   -11.081 3.811   1.00 28.40 ? 47  ILE A N   1 
ATOM   404  C  CA  . ILE A 1 50  ? 2.331   -11.594 4.695   1.00 27.48 ? 47  ILE A CA  1 
ATOM   405  C  C   . ILE A 1 50  ? 1.110   -12.010 3.871   1.00 28.20 ? 47  ILE A C   1 
ATOM   406  O  O   . ILE A 1 50  ? 0.492   -11.186 3.167   1.00 27.37 ? 47  ILE A O   1 
ATOM   407  C  CB  . ILE A 1 50  ? 1.972   -10.571 5.804   1.00 27.20 ? 47  ILE A CB  1 
ATOM   408  C  CG1 . ILE A 1 50  ? 3.215   -10.278 6.664   1.00 24.45 ? 47  ILE A CG1 1 
ATOM   409  C  CG2 . ILE A 1 50  ? 0.788   -11.075 6.635   1.00 25.21 ? 47  ILE A CG2 1 
ATOM   410  C  CD1 . ILE A 1 50  ? 3.159   -9.009  7.484   1.00 21.60 ? 47  ILE A CD1 1 
ATOM   411  N  N   . ASN A 1 51  ? 0.794   -13.311 3.923   1.00 28.23 ? 48  ASN A N   1 
ATOM   412  C  CA  . ASN A 1 51  ? -0.275  -13.832 3.088   1.00 28.16 ? 48  ASN A CA  1 
ATOM   413  C  C   . ASN A 1 51  ? -1.588  -13.895 3.835   1.00 29.02 ? 48  ASN A C   1 
ATOM   414  O  O   . ASN A 1 51  ? -2.622  -14.096 3.220   1.00 28.76 ? 48  ASN A O   1 
ATOM   415  C  CB  . ASN A 1 51  ? 0.081   -15.190 2.480   1.00 27.82 ? 48  ASN A CB  1 
ATOM   416  C  CG  . ASN A 1 51  ? 1.263   -15.121 1.537   1.00 28.71 ? 48  ASN A CG  1 
ATOM   417  O  OD1 . ASN A 1 51  ? 2.104   -16.006 1.552   1.00 31.47 ? 48  ASN A OD1 1 
ATOM   418  N  ND2 . ASN A 1 51  ? 1.346   -14.065 0.720   1.00 29.12 ? 48  ASN A ND2 1 
ATOM   419  N  N   . GLU A 1 52  ? -1.558  -13.745 5.159   1.00 30.24 ? 49  GLU A N   1 
ATOM   420  C  CA  . GLU A 1 52  ? -2.809  -13.549 5.897   1.00 31.89 ? 49  GLU A CA  1 
ATOM   421  C  C   . GLU A 1 52  ? -3.091  -12.053 5.972   1.00 31.92 ? 49  GLU A C   1 
ATOM   422  O  O   . GLU A 1 52  ? -2.427  -11.250 5.308   1.00 31.82 ? 49  GLU A O   1 
ATOM   423  C  CB  . GLU A 1 52  ? -2.774  -14.150 7.306   1.00 31.90 ? 49  GLU A CB  1 
ATOM   424  C  CG  . GLU A 1 52  ? -2.532  -15.640 7.347   1.00 34.50 ? 49  GLU A CG  1 
ATOM   425  C  CD  . GLU A 1 52  ? -1.107  -16.007 6.923   1.00 36.95 ? 49  GLU A CD  1 
ATOM   426  O  OE1 . GLU A 1 52  ? -0.160  -15.274 7.305   1.00 35.78 ? 49  GLU A OE1 1 
ATOM   427  O  OE2 . GLU A 1 52  ? -0.946  -17.021 6.200   1.00 37.62 ? 49  GLU A OE2 1 
ATOM   428  N  N   . ARG A 1 53  ? -4.094  -11.689 6.765   1.00 32.45 ? 50  ARG A N   1 
ATOM   429  C  CA  . ARG A 1 53  ? -4.438  -10.295 6.955   1.00 32.98 ? 50  ARG A CA  1 
ATOM   430  C  C   . ARG A 1 53  ? -4.383  -9.879  8.450   1.00 33.33 ? 50  ARG A C   1 
ATOM   431  O  O   . ARG A 1 53  ? -5.418  -9.582  9.060   1.00 33.15 ? 50  ARG A O   1 
ATOM   432  C  CB  . ARG A 1 53  ? -5.788  -9.996  6.291   1.00 32.54 ? 50  ARG A CB  1 
ATOM   433  C  CG  . ARG A 1 53  ? -5.803  -10.252 4.780   1.00 33.02 ? 50  ARG A CG  1 
ATOM   434  C  CD  . ARG A 1 53  ? -4.868  -9.277  4.003   1.00 34.65 ? 50  ARG A CD  1 
ATOM   435  N  NE  . ARG A 1 53  ? -4.897  -9.459  2.535   1.00 34.29 ? 50  ARG A NE  1 
ATOM   436  C  CZ  . ARG A 1 53  ? -4.118  -10.298 1.828   1.00 34.68 ? 50  ARG A CZ  1 
ATOM   437  N  NH1 . ARG A 1 53  ? -3.213  -11.085 2.425   1.00 33.68 ? 50  ARG A NH1 1 
ATOM   438  N  NH2 . ARG A 1 53  ? -4.245  -10.366 0.500   1.00 34.08 ? 50  ARG A NH2 1 
ATOM   439  N  N   . PRO A 1 54  ? -3.168  -9.834  9.046   1.00 33.44 ? 51  PRO A N   1 
ATOM   440  C  CA  . PRO A 1 54  ? -3.142  -9.422  10.460  1.00 33.66 ? 51  PRO A CA  1 
ATOM   441  C  C   . PRO A 1 54  ? -3.443  -7.918  10.581  1.00 34.53 ? 51  PRO A C   1 
ATOM   442  O  O   . PRO A 1 54  ? -2.982  -7.125  9.746   1.00 33.51 ? 51  PRO A O   1 
ATOM   443  C  CB  . PRO A 1 54  ? -1.694  -9.708  10.866  1.00 33.80 ? 51  PRO A CB  1 
ATOM   444  C  CG  . PRO A 1 54  ? -0.914  -9.433  9.562   1.00 32.26 ? 51  PRO A CG  1 
ATOM   445  C  CD  . PRO A 1 54  ? -1.807  -10.075 8.521   1.00 32.90 ? 51  PRO A CD  1 
ATOM   446  N  N   . VAL A 1 55  ? -4.222  -7.528  11.596  1.00 35.16 ? 52  VAL A N   1 
ATOM   447  C  CA  . VAL A 1 55  ? -4.505  -6.100  11.806  1.00 36.30 ? 52  VAL A CA  1 
ATOM   448  C  C   . VAL A 1 55  ? -3.299  -5.438  12.496  1.00 36.89 ? 52  VAL A C   1 
ATOM   449  O  O   . VAL A 1 55  ? -3.126  -5.526  13.711  1.00 38.31 ? 52  VAL A O   1 
ATOM   450  C  CB  . VAL A 1 55  ? -5.835  -5.845  12.562  1.00 36.36 ? 52  VAL A CB  1 
ATOM   451  C  CG1 . VAL A 1 55  ? -6.107  -4.340  12.681  1.00 36.71 ? 52  VAL A CG1 1 
ATOM   452  C  CG2 . VAL A 1 55  ? -6.993  -6.538  11.841  1.00 36.70 ? 52  VAL A CG2 1 
ATOM   453  N  N   . ILE A 1 56  ? -2.457  -4.800  11.703  1.00 36.46 ? 53  ILE A N   1 
ATOM   454  C  CA  . ILE A 1 56  ? -1.227  -4.217  12.194  1.00 36.08 ? 53  ILE A CA  1 
ATOM   455  C  C   . ILE A 1 56  ? -1.517  -2.806  12.692  1.00 35.49 ? 53  ILE A C   1 
ATOM   456  O  O   . ILE A 1 56  ? -2.194  -2.017  12.013  1.00 35.91 ? 53  ILE A O   1 
ATOM   457  C  CB  . ILE A 1 56  ? -0.115  -4.261  11.085  1.00 36.34 ? 53  ILE A CB  1 
ATOM   458  C  CG1 . ILE A 1 56  ? 0.301   -5.729  10.837  1.00 35.53 ? 53  ILE A CG1 1 
ATOM   459  C  CG2 . ILE A 1 56  ? 1.097   -3.393  11.478  1.00 36.05 ? 53  ILE A CG2 1 
ATOM   460  C  CD1 . ILE A 1 56  ? 0.986   -5.981  9.495   1.00 34.77 ? 53  ILE A CD1 1 
ATOM   461  N  N   A GLU A 1 57  ? -1.024  -2.489  13.882  0.50 34.68 ? 54  GLU A N   1 
ATOM   462  N  N   B GLU A 1 57  ? -1.000  -2.496  13.880  0.50 34.72 ? 54  GLU A N   1 
ATOM   463  C  CA  A GLU A 1 57  ? -1.258  -1.175  14.457  0.50 34.15 ? 54  GLU A CA  1 
ATOM   464  C  CA  B GLU A 1 57  ? -1.197  -1.196  14.512  0.50 34.22 ? 54  GLU A CA  1 
ATOM   465  C  C   A GLU A 1 57  ? -0.270  -0.116  13.954  0.50 33.22 ? 54  GLU A C   1 
ATOM   466  C  C   B GLU A 1 57  ? -0.265  -0.118  13.932  0.50 33.26 ? 54  GLU A C   1 
ATOM   467  O  O   A GLU A 1 57  ? 0.847   -0.428  13.529  0.50 33.18 ? 54  GLU A O   1 
ATOM   468  O  O   B GLU A 1 57  ? 0.829   -0.419  13.444  0.50 33.20 ? 54  GLU A O   1 
ATOM   469  C  CB  A GLU A 1 57  ? -1.313  -1.252  15.986  0.50 34.28 ? 54  GLU A CB  1 
ATOM   470  C  CB  B GLU A 1 57  ? -1.023  -1.316  16.034  0.50 34.39 ? 54  GLU A CB  1 
ATOM   471  C  CG  A GLU A 1 57  ? -2.604  -1.870  16.489  0.50 35.58 ? 54  GLU A CG  1 
ATOM   472  C  CG  B GLU A 1 57  ? -1.907  -0.382  16.828  0.50 35.89 ? 54  GLU A CG  1 
ATOM   473  C  CD  A GLU A 1 57  ? -2.603  -2.059  17.980  0.50 37.75 ? 54  GLU A CD  1 
ATOM   474  C  CD  B GLU A 1 57  ? -1.576  -0.366  18.309  0.50 38.80 ? 54  GLU A CD  1 
ATOM   475  O  OE1 A GLU A 1 57  ? -1.596  -2.574  18.511  0.50 39.40 ? 54  GLU A OE1 1 
ATOM   476  O  OE1 B GLU A 1 57  ? -0.973  -1.345  18.811  0.50 39.47 ? 54  GLU A OE1 1 
ATOM   477  O  OE2 A GLU A 1 57  ? -3.600  -1.691  18.633  0.50 39.72 ? 54  GLU A OE2 1 
ATOM   478  O  OE2 B GLU A 1 57  ? -1.923  0.632   18.977  0.50 39.25 ? 54  GLU A OE2 1 
ATOM   479  N  N   . GLY A 1 58  ? -0.724  1.132   13.964  1.00 32.30 ? 55  GLY A N   1 
ATOM   480  C  CA  . GLY A 1 58  ? 0.091   2.268   13.556  1.00 30.85 ? 55  GLY A CA  1 
ATOM   481  C  C   . GLY A 1 58  ? 0.418   2.438   12.078  1.00 30.21 ? 55  GLY A C   1 
ATOM   482  O  O   . GLY A 1 58  ? 1.363   3.150   11.752  1.00 30.12 ? 55  GLY A O   1 
ATOM   483  N  N   . VAL A 1 59  ? -0.327  1.806   11.173  1.00 29.47 ? 56  VAL A N   1 
ATOM   484  C  CA  . VAL A 1 59  ? -0.102  2.065   9.727   1.00 28.64 ? 56  VAL A CA  1 
ATOM   485  C  C   . VAL A 1 59  ? -0.506  3.509   9.367   1.00 29.06 ? 56  VAL A C   1 
ATOM   486  O  O   . VAL A 1 59  ? -1.634  3.933   9.618   1.00 29.85 ? 56  VAL A O   1 
ATOM   487  C  CB  . VAL A 1 59  ? -0.817  1.028   8.824   1.00 28.59 ? 56  VAL A CB  1 
ATOM   488  C  CG1 . VAL A 1 59  ? -0.643  1.381   7.292   1.00 27.74 ? 56  VAL A CG1 1 
ATOM   489  C  CG2 . VAL A 1 59  ? -0.258  -0.391  9.099   1.00 27.63 ? 56  VAL A CG2 1 
ATOM   490  N  N   . ASP A 1 60  ? 0.410   4.272   8.797   1.00 28.89 ? 57  ASP A N   1 
ATOM   491  C  CA  . ASP A 1 60  ? 0.092   5.622   8.338   1.00 29.12 ? 57  ASP A CA  1 
ATOM   492  C  C   . ASP A 1 60  ? -0.604  5.577   6.971   1.00 28.22 ? 57  ASP A C   1 
ATOM   493  O  O   . ASP A 1 60  ? -1.662  6.200   6.760   1.00 28.21 ? 57  ASP A O   1 
ATOM   494  C  CB  . ASP A 1 60  ? 1.377   6.460   8.268   1.00 29.09 ? 57  ASP A CB  1 
ATOM   495  C  CG  . ASP A 1 60  ? 1.143   7.876   7.744   1.00 31.77 ? 57  ASP A CG  1 
ATOM   496  O  OD1 . ASP A 1 60  ? 1.221   8.844   8.543   1.00 34.80 ? 57  ASP A OD1 1 
ATOM   497  O  OD2 . ASP A 1 60  ? 0.923   8.039   6.523   1.00 34.94 ? 57  ASP A OD2 1 
ATOM   498  N  N   . THR A 1 61  ? 0.010   4.853   6.047   1.00 27.35 ? 58  THR A N   1 
ATOM   499  C  CA  . THR A 1 61  ? -0.405  4.817   4.662   1.00 26.73 ? 58  THR A CA  1 
ATOM   500  C  C   . THR A 1 61  ? -0.559  3.375   4.196   1.00 26.88 ? 58  THR A C   1 
ATOM   501  O  O   . THR A 1 61  ? 0.330   2.547   4.410   1.00 27.33 ? 58  THR A O   1 
ATOM   502  C  CB  . THR A 1 61  ? 0.653   5.539   3.754   1.00 27.06 ? 58  THR A CB  1 
ATOM   503  O  OG1 . THR A 1 61  ? 0.711   6.928   4.087   1.00 26.54 ? 58  THR A OG1 1 
ATOM   504  C  CG2 . THR A 1 61  ? 0.298   5.382   2.276   1.00 27.82 ? 58  THR A CG2 1 
ATOM   505  N  N   . VAL A 1 62  ? -1.685  3.067   3.559   1.00 26.64 ? 59  VAL A N   1 
ATOM   506  C  CA  . VAL A 1 62  ? -1.785  1.846   2.769   1.00 25.96 ? 59  VAL A CA  1 
ATOM   507  C  C   . VAL A 1 62  ? -1.528  2.286   1.310   1.00 26.80 ? 59  VAL A C   1 
ATOM   508  O  O   . VAL A 1 62  ? -2.185  3.192   0.800   1.00 26.34 ? 59  VAL A O   1 
ATOM   509  C  CB  . VAL A 1 62  ? -3.138  1.153   2.935   1.00 26.97 ? 59  VAL A CB  1 
ATOM   510  C  CG1 . VAL A 1 62  ? -3.282  -0.044  1.941   1.00 24.78 ? 59  VAL A CG1 1 
ATOM   511  C  CG2 . VAL A 1 62  ? -3.332  0.689   4.422   1.00 25.44 ? 59  VAL A CG2 1 
ATOM   512  N  N   . THR A 1 63  ? -0.541  1.676   0.669   1.00 26.72 ? 60  THR A N   1 
ATOM   513  C  CA  . THR A 1 63  ? -0.318  1.926   -0.766  1.00 27.27 ? 60  THR A CA  1 
ATOM   514  C  C   . THR A 1 63  ? -0.739  0.701   -1.594  1.00 27.49 ? 60  THR A C   1 
ATOM   515  O  O   . THR A 1 63  ? -0.266  -0.437  -1.396  1.00 28.01 ? 60  THR A O   1 
ATOM   516  C  CB  . THR A 1 63  ? 1.131   2.452   -1.093  1.00 27.23 ? 60  THR A CB  1 
ATOM   517  O  OG1 . THR A 1 63  ? 1.221   2.879   -2.472  1.00 25.51 ? 60  THR A OG1 1 
ATOM   518  C  CG2 . THR A 1 63  ? 2.230   1.377   -0.764  1.00 25.95 ? 60  THR A CG2 1 
ATOM   519  N  N   . LEU A 1 64  ? -1.678  0.952   -2.491  1.00 28.04 ? 61  LEU A N   1 
ATOM   520  C  CA  . LEU A 1 64  ? -2.412  -0.087  -3.196  1.00 28.21 ? 61  LEU A CA  1 
ATOM   521  C  C   . LEU A 1 64  ? -1.798  -0.472  -4.535  1.00 29.63 ? 61  LEU A C   1 
ATOM   522  O  O   . LEU A 1 64  ? -1.602  0.394   -5.410  1.00 28.56 ? 61  LEU A O   1 
ATOM   523  C  CB  . LEU A 1 64  ? -3.824  0.393   -3.490  1.00 28.99 ? 61  LEU A CB  1 
ATOM   524  C  CG  . LEU A 1 64  ? -4.838  0.409   -2.357  1.00 29.19 ? 61  LEU A CG  1 
ATOM   525  C  CD1 . LEU A 1 64  ? -6.117  0.980   -2.953  1.00 29.09 ? 61  LEU A CD1 1 
ATOM   526  C  CD2 . LEU A 1 64  ? -5.073  -1.014  -1.864  1.00 29.68 ? 61  LEU A CD2 1 
ATOM   527  N  N   . TYR A 1 65  ? -1.543  -1.774  -4.688  1.00 28.38 ? 62  TYR A N   1 
ATOM   528  C  CA  . TYR A 1 65  ? -1.114  -2.324  -5.956  1.00 30.13 ? 62  TYR A CA  1 
ATOM   529  C  C   . TYR A 1 65  ? -1.963  -3.521  -6.323  1.00 30.78 ? 62  TYR A C   1 
ATOM   530  O  O   . TYR A 1 65  ? -1.423  -4.498  -6.784  1.00 33.87 ? 62  TYR A O   1 
ATOM   531  C  CB  . TYR A 1 65  ? 0.382   -2.699  -5.939  1.00 28.41 ? 62  TYR A CB  1 
ATOM   532  C  CG  . TYR A 1 65  ? 1.228   -1.465  -5.927  1.00 28.70 ? 62  TYR A CG  1 
ATOM   533  C  CD1 . TYR A 1 65  ? 1.491   -0.770  -7.119  1.00 27.38 ? 62  TYR A CD1 1 
ATOM   534  C  CD2 . TYR A 1 65  ? 1.713   -0.934  -4.716  1.00 27.43 ? 62  TYR A CD2 1 
ATOM   535  C  CE1 . TYR A 1 65  ? 2.248   0.416   -7.116  1.00 26.85 ? 62  TYR A CE1 1 
ATOM   536  C  CE2 . TYR A 1 65  ? 2.495   0.253   -4.712  1.00 26.43 ? 62  TYR A CE2 1 
ATOM   537  C  CZ  . TYR A 1 65  ? 2.747   0.905   -5.902  1.00 26.81 ? 62  TYR A CZ  1 
ATOM   538  O  OH  . TYR A 1 65  ? 3.474   2.076   -5.910  1.00 27.72 ? 62  TYR A OH  1 
ATOM   539  N  N   . ILE A 1 66  ? -3.271  -3.467  -6.064  1.00 30.83 ? 63  ILE A N   1 
ATOM   540  C  CA  . ILE A 1 66  ? -4.198  -4.525  -6.474  1.00 29.86 ? 63  ILE A CA  1 
ATOM   541  C  C   . ILE A 1 66  ? -5.263  -3.828  -7.294  1.00 29.59 ? 63  ILE A C   1 
ATOM   542  O  O   . ILE A 1 66  ? -5.560  -2.668  -7.043  1.00 30.00 ? 63  ILE A O   1 
ATOM   543  C  CB  . ILE A 1 66  ? -4.862  -5.259  -5.274  1.00 29.41 ? 63  ILE A CB  1 
ATOM   544  C  CG1 . ILE A 1 66  ? -5.251  -4.256  -4.183  1.00 30.10 ? 63  ILE A CG1 1 
ATOM   545  C  CG2 . ILE A 1 66  ? -3.914  -6.311  -4.658  1.00 30.32 ? 63  ILE A CG2 1 
ATOM   546  C  CD1 . ILE A 1 66  ? -6.248  -4.856  -3.143  1.00 30.75 ? 63  ILE A CD1 1 
ATOM   547  N  N   . ASN A 1 67  ? -5.803  -4.516  -8.288  1.00 29.27 ? 64  ASN A N   1 
ATOM   548  C  CA  . ASN A 1 67  ? -6.769  -3.920  -9.170  1.00 30.52 ? 64  ASN A CA  1 
ATOM   549  C  C   . ASN A 1 67  ? -8.107  -3.770  -8.417  1.00 30.71 ? 64  ASN A C   1 
ATOM   550  O  O   . ASN A 1 67  ? -8.318  -4.447  -7.376  1.00 29.76 ? 64  ASN A O   1 
ATOM   551  C  CB  . ASN A 1 67  ? -6.890  -4.737  -10.482 1.00 31.02 ? 64  ASN A CB  1 
ATOM   552  C  CG  . ASN A 1 67  ? -7.517  -6.149  -10.281 1.00 33.01 ? 64  ASN A CG  1 
ATOM   553  O  OD1 . ASN A 1 67  ? -8.435  -6.352  -9.487  1.00 32.20 ? 64  ASN A OD1 1 
ATOM   554  N  ND2 . ASN A 1 67  ? -7.022  -7.118  -11.047 1.00 36.29 ? 64  ASN A ND2 1 
ATOM   555  N  N   . PRO A 1 68  ? -9.001  -2.902  -8.929  1.00 30.92 ? 65  PRO A N   1 
ATOM   556  C  CA  . PRO A 1 68  ? -10.254 -2.628  -8.245  1.00 31.35 ? 65  PRO A CA  1 
ATOM   557  C  C   . PRO A 1 68  ? -11.109 -3.874  -7.986  1.00 31.66 ? 65  PRO A C   1 
ATOM   558  O  O   . PRO A 1 68  ? -11.749 -3.956  -6.933  1.00 31.99 ? 65  PRO A O   1 
ATOM   559  C  CB  . PRO A 1 68  ? -10.959 -1.635  -9.178  1.00 31.22 ? 65  PRO A CB  1 
ATOM   560  C  CG  . PRO A 1 68  ? -9.828  -0.929  -9.873  1.00 31.77 ? 65  PRO A CG  1 
ATOM   561  C  CD  . PRO A 1 68  ? -8.825  -2.036  -10.112 1.00 31.05 ? 65  PRO A CD  1 
ATOM   562  N  N   A GLN A 1 69  ? -11.120 -4.828  -8.915  0.50 31.78 ? 66  GLN A N   1 
ATOM   563  N  N   B GLN A 1 69  ? -11.117 -4.826  -8.914  0.50 31.80 ? 66  GLN A N   1 
ATOM   564  C  CA  A GLN A 1 69  ? -11.844 -6.089  -8.703  0.50 32.14 ? 66  GLN A CA  1 
ATOM   565  C  CA  B GLN A 1 69  ? -11.842 -6.075  -8.687  0.50 32.20 ? 66  GLN A CA  1 
ATOM   566  C  C   A GLN A 1 69  ? -11.344 -6.820  -7.445  0.50 32.23 ? 66  GLN A C   1 
ATOM   567  C  C   B GLN A 1 69  ? -11.341 -6.781  -7.419  0.50 32.26 ? 66  GLN A C   1 
ATOM   568  O  O   A GLN A 1 69  ? -12.147 -7.220  -6.595  0.50 32.52 ? 66  GLN A O   1 
ATOM   569  O  O   B GLN A 1 69  ? -12.140 -7.131  -6.542  0.50 32.54 ? 66  GLN A O   1 
ATOM   570  C  CB  A GLN A 1 69  ? -11.763 -7.000  -9.936  0.50 32.19 ? 66  GLN A CB  1 
ATOM   571  C  CB  B GLN A 1 69  ? -11.735 -7.013  -9.890  0.50 32.27 ? 66  GLN A CB  1 
ATOM   572  C  CG  A GLN A 1 69  ? -12.739 -6.636  -11.046 0.50 32.55 ? 66  GLN A CG  1 
ATOM   573  C  CG  B GLN A 1 69  ? -12.281 -8.385  -9.595  0.50 32.85 ? 66  GLN A CG  1 
ATOM   574  C  CD  A GLN A 1 69  ? -12.307 -7.182  -12.401 0.50 34.03 ? 66  GLN A CD  1 
ATOM   575  C  CD  B GLN A 1 69  ? -12.162 -9.316  -10.765 0.50 34.01 ? 66  GLN A CD  1 
ATOM   576  O  OE1 A GLN A 1 69  ? -11.105 -7.265  -12.702 0.50 34.11 ? 66  GLN A OE1 1 
ATOM   577  O  OE1 B GLN A 1 69  ? -11.063 -9.577  -11.259 0.50 35.27 ? 66  GLN A OE1 1 
ATOM   578  N  NE2 A GLN A 1 69  ? -13.285 -7.560  -13.225 0.50 33.18 ? 66  GLN A NE2 1 
ATOM   579  N  NE2 B GLN A 1 69  ? -13.297 -9.826  -11.224 0.50 33.26 ? 66  GLN A NE2 1 
ATOM   580  N  N   . ASN A 1 70  ? -10.023 -6.954  -7.321  1.00 31.90 ? 67  ASN A N   1 
ATOM   581  C  CA  . ASN A 1 70  ? -9.388  -7.599  -6.164  1.00 31.90 ? 67  ASN A CA  1 
ATOM   582  C  C   . ASN A 1 70  ? -9.453  -6.805  -4.860  1.00 30.81 ? 67  ASN A C   1 
ATOM   583  O  O   . ASN A 1 70  ? -9.195  -7.363  -3.793  1.00 31.25 ? 67  ASN A O   1 
ATOM   584  C  CB  . ASN A 1 70  ? -7.931  -7.976  -6.466  1.00 31.95 ? 67  ASN A CB  1 
ATOM   585  C  CG  . ASN A 1 70  ? -7.810  -9.066  -7.527  1.00 35.32 ? 67  ASN A CG  1 
ATOM   586  O  OD1 . ASN A 1 70  ? -8.667  -9.950  -7.642  1.00 36.85 ? 67  ASN A OD1 1 
ATOM   587  N  ND2 . ASN A 1 70  ? -6.738  -9.009  -8.312  1.00 37.06 ? 67  ASN A ND2 1 
ATOM   588  N  N   . GLN A 1 71  ? -9.793  -5.516  -4.941  1.00 29.99 ? 68  GLN A N   1 
ATOM   589  C  CA  . GLN A 1 71  ? -9.907  -4.676  -3.763  1.00 28.27 ? 68  GLN A CA  1 
ATOM   590  C  C   . GLN A 1 71  ? -11.158 -5.018  -2.972  1.00 27.95 ? 68  GLN A C   1 
ATOM   591  O  O   . GLN A 1 71  ? -11.164 -4.897  -1.766  1.00 27.00 ? 68  GLN A O   1 
ATOM   592  C  CB  . GLN A 1 71  ? -9.953  -3.192  -4.138  1.00 28.49 ? 68  GLN A CB  1 
ATOM   593  C  CG  . GLN A 1 71  ? -8.645  -2.592  -4.608  1.00 26.99 ? 68  GLN A CG  1 
ATOM   594  C  CD  . GLN A 1 71  ? -8.838  -1.222  -5.243  1.00 26.22 ? 68  GLN A CD  1 
ATOM   595  O  OE1 . GLN A 1 71  ? -9.809  -0.513  -4.936  1.00 26.79 ? 68  GLN A OE1 1 
ATOM   596  N  NE2 . GLN A 1 71  ? -7.897  -0.828  -6.107  1.00 24.20 ? 68  GLN A NE2 1 
ATOM   597  N  N   . LEU A 1 72  ? -12.223 -5.420  -3.660  1.00 28.08 ? 69  LEU A N   1 
ATOM   598  C  CA  . LEU A 1 72  ? -13.491 -5.763  -3.003  1.00 28.96 ? 69  LEU A CA  1 
ATOM   599  C  C   . LEU A 1 72  ? -13.298 -6.607  -1.742  1.00 29.37 ? 69  LEU A C   1 
ATOM   600  O  O   . LEU A 1 72  ? -13.845 -6.300  -0.687  1.00 29.45 ? 69  LEU A O   1 
ATOM   601  C  CB  . LEU A 1 72  ? -14.388 -6.505  -3.981  1.00 29.49 ? 69  LEU A CB  1 
ATOM   602  C  CG  . LEU A 1 72  ? -15.449 -5.705  -4.732  1.00 30.78 ? 69  LEU A CG  1 
ATOM   603  C  CD1 . LEU A 1 72  ? -14.968 -4.361  -5.226  1.00 31.53 ? 69  LEU A CD1 1 
ATOM   604  C  CD2 . LEU A 1 72  ? -15.992 -6.562  -5.898  1.00 33.61 ? 69  LEU A CD2 1 
ATOM   605  N  N   . SER A 1 73  ? -12.495 -7.661  -1.845  1.00 29.50 ? 70  SER A N   1 
ATOM   606  C  CA  . SER A 1 73  ? -12.295 -8.564  -0.708  1.00 29.69 ? 70  SER A CA  1 
ATOM   607  C  C   . SER A 1 73  ? -11.425 -7.928  0.397   1.00 29.07 ? 70  SER A C   1 
ATOM   608  O  O   . SER A 1 73  ? -11.241 -8.525  1.455   1.00 28.72 ? 70  SER A O   1 
ATOM   609  C  CB  . SER A 1 73  ? -11.651 -9.870  -1.192  1.00 29.22 ? 70  SER A CB  1 
ATOM   610  O  OG  . SER A 1 73  ? -10.427 -9.558  -1.848  1.00 32.97 ? 70  SER A OG  1 
ATOM   611  N  N   . GLU A 1 74  ? -10.896 -6.722  0.149   1.00 28.47 ? 71  GLU A N   1 
ATOM   612  C  CA  . GLU A 1 74  ? -9.977  -6.052  1.095   1.00 27.80 ? 71  GLU A CA  1 
ATOM   613  C  C   . GLU A 1 74  ? -10.530 -4.792  1.788   1.00 27.99 ? 71  GLU A C   1 
ATOM   614  O  O   . GLU A 1 74  ? -9.855  -4.219  2.653   1.00 28.72 ? 71  GLU A O   1 
ATOM   615  C  CB  . GLU A 1 74  ? -8.662  -5.665  0.389   1.00 27.96 ? 71  GLU A CB  1 
ATOM   616  C  CG  . GLU A 1 74  ? -7.957  -6.793  -0.368  1.00 26.48 ? 71  GLU A CG  1 
ATOM   617  C  CD  . GLU A 1 74  ? -7.284  -7.835  0.557   1.00 30.20 ? 71  GLU A CD  1 
ATOM   618  O  OE1 . GLU A 1 74  ? -7.089  -7.602  1.773   1.00 29.99 ? 71  GLU A OE1 1 
ATOM   619  O  OE2 . GLU A 1 74  ? -6.943  -8.913  0.059   1.00 31.29 ? 71  GLU A OE2 1 
ATOM   620  N  N   . TYR A 1 75  ? -11.720 -4.337  1.389   1.00 27.74 ? 72  TYR A N   1 
ATOM   621  C  CA  . TYR A 1 75  ? -12.322 -3.099  1.930   1.00 28.24 ? 72  TYR A CA  1 
ATOM   622  C  C   . TYR A 1 75  ? -12.320 -3.083  3.471   1.00 28.30 ? 72  TYR A C   1 
ATOM   623  O  O   . TYR A 1 75  ? -11.820 -2.155  4.105   1.00 28.40 ? 72  TYR A O   1 
ATOM   624  C  CB  . TYR A 1 75  ? -13.781 -2.967  1.456   1.00 27.92 ? 72  TYR A CB  1 
ATOM   625  C  CG  . TYR A 1 75  ? -14.021 -2.457  0.042   1.00 28.75 ? 72  TYR A CG  1 
ATOM   626  C  CD1 . TYR A 1 75  ? -12.992 -2.367  -0.890  1.00 28.99 ? 72  TYR A CD1 1 
ATOM   627  C  CD2 . TYR A 1 75  ? -15.316 -2.106  -0.371  1.00 29.38 ? 72  TYR A CD2 1 
ATOM   628  C  CE1 . TYR A 1 75  ? -13.235 -1.915  -2.186  1.00 27.64 ? 72  TYR A CE1 1 
ATOM   629  C  CE2 . TYR A 1 75  ? -15.560 -1.652  -1.662  1.00 28.09 ? 72  TYR A CE2 1 
ATOM   630  C  CZ  . TYR A 1 75  ? -14.513 -1.551  -2.558  1.00 29.75 ? 72  TYR A CZ  1 
ATOM   631  O  OH  . TYR A 1 75  ? -14.747 -1.111  -3.835  1.00 28.01 ? 72  TYR A OH  1 
ATOM   632  N  N   . ASN A 1 76  ? -12.891 -4.117  4.069   1.00 28.40 ? 73  ASN A N   1 
ATOM   633  C  CA  . ASN A 1 76  ? -13.006 -4.159  5.523   1.00 29.21 ? 73  ASN A CA  1 
ATOM   634  C  C   . ASN A 1 76  ? -11.652 -4.261  6.208   1.00 28.66 ? 73  ASN A C   1 
ATOM   635  O  O   . ASN A 1 76  ? -11.476 -3.711  7.286   1.00 29.70 ? 73  ASN A O   1 
ATOM   636  C  CB  . ASN A 1 76  ? -13.936 -5.292  5.966   1.00 28.72 ? 73  ASN A CB  1 
ATOM   637  C  CG  . ASN A 1 76  ? -15.381 -4.991  5.654   1.00 32.48 ? 73  ASN A CG  1 
ATOM   638  O  OD1 . ASN A 1 76  ? -15.767 -3.824  5.471   1.00 33.04 ? 73  ASN A OD1 1 
ATOM   639  N  ND2 . ASN A 1 76  ? -16.200 -6.043  5.571   1.00 34.10 ? 73  ASN A ND2 1 
ATOM   640  N  N   . TYR A 1 77  ? -10.695 -4.933  5.565   1.00 28.10 ? 74  TYR A N   1 
ATOM   641  C  CA  . TYR A 1 77  ? -9.335  -5.015  6.100   1.00 27.40 ? 74  TYR A CA  1 
ATOM   642  C  C   . TYR A 1 77  ? -8.664  -3.635  6.107   1.00 27.33 ? 74  TYR A C   1 
ATOM   643  O  O   . TYR A 1 77  ? -8.092  -3.205  7.120   1.00 27.49 ? 74  TYR A O   1 
ATOM   644  C  CB  . TYR A 1 77  ? -8.490  -6.049  5.343   1.00 27.49 ? 74  TYR A CB  1 
ATOM   645  C  CG  . TYR A 1 77  ? -7.053  -6.159  5.841   1.00 26.77 ? 74  TYR A CG  1 
ATOM   646  C  CD1 . TYR A 1 77  ? -6.774  -6.530  7.175   1.00 25.56 ? 74  TYR A CD1 1 
ATOM   647  C  CD2 . TYR A 1 77  ? -5.978  -5.848  5.000   1.00 26.45 ? 74  TYR A CD2 1 
ATOM   648  C  CE1 . TYR A 1 77  ? -5.456  -6.595  7.643   1.00 25.76 ? 74  TYR A CE1 1 
ATOM   649  C  CE2 . TYR A 1 77  ? -4.636  -5.938  5.455   1.00 26.06 ? 74  TYR A CE2 1 
ATOM   650  C  CZ  . TYR A 1 77  ? -4.403  -6.295  6.765   1.00 27.57 ? 74  TYR A CZ  1 
ATOM   651  O  OH  . TYR A 1 77  ? -3.123  -6.370  7.203   1.00 28.41 ? 74  TYR A OH  1 
ATOM   652  N  N   . ILE A 1 78  ? -8.782  -2.933  4.992   1.00 26.44 ? 75  ILE A N   1 
ATOM   653  C  CA  . ILE A 1 78  ? -8.224  -1.587  4.892   1.00 26.19 ? 75  ILE A CA  1 
ATOM   654  C  C   . ILE A 1 78  ? -8.830  -0.694  6.006   1.00 26.26 ? 75  ILE A C   1 
ATOM   655  O  O   . ILE A 1 78  ? -8.083  -0.046  6.755   1.00 25.93 ? 75  ILE A O   1 
ATOM   656  C  CB  . ILE A 1 78  ? -8.402  -0.984  3.466   1.00 25.11 ? 75  ILE A CB  1 
ATOM   657  C  CG1 . ILE A 1 78  ? -7.575  -1.794  2.436   1.00 23.94 ? 75  ILE A CG1 1 
ATOM   658  C  CG2 . ILE A 1 78  ? -8.007  0.485   3.462   1.00 25.73 ? 75  ILE A CG2 1 
ATOM   659  C  CD1 . ILE A 1 78  ? -8.066  -1.687  1.000   1.00 25.04 ? 75  ILE A CD1 1 
ATOM   660  N  N   . LEU A 1 79  ? -10.162 -0.710  6.118   1.00 26.70 ? 76  LEU A N   1 
ATOM   661  C  CA  . LEU A 1 79  ? -10.866 0.002   7.197   1.00 27.16 ? 76  LEU A CA  1 
ATOM   662  C  C   . LEU A 1 79  ? -10.361 -0.398  8.590   1.00 27.34 ? 76  LEU A C   1 
ATOM   663  O  O   . LEU A 1 79  ? -10.039 0.476   9.396   1.00 28.89 ? 76  LEU A O   1 
ATOM   664  C  CB  . LEU A 1 79  ? -12.389 -0.191  7.080   1.00 26.91 ? 76  LEU A CB  1 
ATOM   665  C  CG  . LEU A 1 79  ? -13.115 0.455   5.890   1.00 26.89 ? 76  LEU A CG  1 
ATOM   666  C  CD1 . LEU A 1 79  ? -14.607 0.115   5.937   1.00 25.82 ? 76  LEU A CD1 1 
ATOM   667  C  CD2 . LEU A 1 79  ? -12.936 1.981   5.849   1.00 25.06 ? 76  LEU A CD2 1 
ATOM   668  N  N   . SER A 1 80  ? -10.265 -1.700  8.876   1.00 26.86 ? 77  SER A N   1 
ATOM   669  C  CA  . SER A 1 80  ? -9.764  -2.141  10.190  1.00 27.21 ? 77  SER A CA  1 
ATOM   670  C  C   . SER A 1 80  ? -8.333  -1.646  10.497  1.00 27.19 ? 77  SER A C   1 
ATOM   671  O  O   . SER A 1 80  ? -7.963  -1.545  11.661  1.00 27.67 ? 77  SER A O   1 
ATOM   672  C  CB  . SER A 1 80  ? -9.828  -3.664  10.357  1.00 26.77 ? 77  SER A CB  1 
ATOM   673  O  OG  . SER A 1 80  ? -8.742  -4.286  9.674   1.00 26.54 ? 77  SER A OG  1 
ATOM   674  N  N   . LEU A 1 81  ? -7.534  -1.350  9.469   1.00 26.55 ? 78  LEU A N   1 
ATOM   675  C  CA  . LEU A 1 81  ? -6.212  -0.800  9.726   1.00 26.54 ? 78  LEU A CA  1 
ATOM   676  C  C   . LEU A 1 81  ? -6.267  0.665   10.186  1.00 26.47 ? 78  LEU A C   1 
ATOM   677  O  O   . LEU A 1 81  ? -5.283  1.187   10.738  1.00 26.17 ? 78  LEU A O   1 
ATOM   678  C  CB  . LEU A 1 81  ? -5.306  -0.929  8.507   1.00 26.81 ? 78  LEU A CB  1 
ATOM   679  C  CG  . LEU A 1 81  ? -4.924  -2.346  8.065   1.00 27.34 ? 78  LEU A CG  1 
ATOM   680  C  CD1 . LEU A 1 81  ? -4.222  -2.296  6.679   1.00 25.06 ? 78  LEU A CD1 1 
ATOM   681  C  CD2 . LEU A 1 81  ? -4.024  -2.962  9.135   1.00 26.09 ? 78  LEU A CD2 1 
ATOM   682  N  N   . LYS A 1 82  ? -7.398  1.321   9.935   1.00 26.26 ? 79  LYS A N   1 
ATOM   683  C  CA  . LYS A 1 82  ? -7.566  2.755   10.236  1.00 26.11 ? 79  LYS A CA  1 
ATOM   684  C  C   . LYS A 1 82  ? -6.337  3.591   9.829   1.00 25.25 ? 79  LYS A C   1 
ATOM   685  O  O   . LYS A 1 82  ? -5.798  4.338   10.641  1.00 24.66 ? 79  LYS A O   1 
ATOM   686  C  CB  . LYS A 1 82  ? -7.896  2.964   11.729  1.00 26.22 ? 79  LYS A CB  1 
ATOM   687  C  CG  . LYS A 1 82  ? -9.233  2.354   12.162  1.00 29.58 ? 79  LYS A CG  1 
ATOM   688  C  CD  . LYS A 1 82  ? -9.575  2.727   13.624  1.00 37.42 ? 79  LYS A CD  1 
ATOM   689  C  CE  . LYS A 1 82  ? -10.618 3.894   13.678  1.00 42.04 ? 79  LYS A CE  1 
ATOM   690  N  NZ  . LYS A 1 82  ? -10.611 4.681   14.972  1.00 45.43 ? 79  LYS A NZ  1 
ATOM   691  N  N   . PRO A 1 83  ? -5.877  3.474   8.568   1.00 25.26 ? 80  PRO A N   1 
ATOM   692  C  CA  . PRO A 1 83  ? -4.702  4.263   8.195   1.00 24.87 ? 80  PRO A CA  1 
ATOM   693  C  C   . PRO A 1 83  ? -5.077  5.734   8.099   1.00 25.60 ? 80  PRO A C   1 
ATOM   694  O  O   . PRO A 1 83  ? -6.251  6.034   7.961   1.00 25.63 ? 80  PRO A O   1 
ATOM   695  C  CB  . PRO A 1 83  ? -4.380  3.755   6.790   1.00 25.34 ? 80  PRO A CB  1 
ATOM   696  C  CG  . PRO A 1 83  ? -5.678  3.310   6.231   1.00 24.05 ? 80  PRO A CG  1 
ATOM   697  C  CD  . PRO A 1 83  ? -6.428  2.720   7.424   1.00 25.07 ? 80  PRO A CD  1 
ATOM   698  N  N   . LYS A 1 84  ? -4.104  6.640   8.138   1.00 25.83 ? 81  LYS A N   1 
ATOM   699  C  CA  . LYS A 1 84  ? -4.369  8.052   7.828   1.00 26.48 ? 81  LYS A CA  1 
ATOM   700  C  C   . LYS A 1 84  ? -4.688  8.264   6.343   1.00 25.73 ? 81  LYS A C   1 
ATOM   701  O  O   . LYS A 1 84  ? -5.478  9.123   5.985   1.00 24.77 ? 81  LYS A O   1 
ATOM   702  C  CB  . LYS A 1 84  ? -3.163  8.908   8.197   1.00 27.06 ? 81  LYS A CB  1 
ATOM   703  C  CG  . LYS A 1 84  ? -2.786  8.821   9.673   1.00 30.95 ? 81  LYS A CG  1 
ATOM   704  C  CD  . LYS A 1 84  ? -1.733  9.853   10.006  1.00 37.72 ? 81  LYS A CD  1 
ATOM   705  C  CE  . LYS A 1 84  ? -2.388  11.221  10.200  1.00 40.37 ? 81  LYS A CE  1 
ATOM   706  N  NZ  . LYS A 1 84  ? -1.398  12.251  10.601  1.00 42.02 ? 81  LYS A NZ  1 
ATOM   707  N  N   . ARG A 1 85  ? -4.101  7.445   5.478   1.00 25.84 ? 82  ARG A N   1 
ATOM   708  C  CA  . ARG A 1 85  ? -4.158  7.705   4.050   1.00 25.53 ? 82  ARG A CA  1 
ATOM   709  C  C   . ARG A 1 85  ? -4.094  6.399   3.277   1.00 25.65 ? 82  ARG A C   1 
ATOM   710  O  O   . ARG A 1 85  ? -3.391  5.460   3.683   1.00 26.32 ? 82  ARG A O   1 
ATOM   711  C  CB  . ARG A 1 85  ? -2.976  8.600   3.638   1.00 25.72 ? 82  ARG A CB  1 
ATOM   712  C  CG  . ARG A 1 85  ? -2.784  8.779   2.115   1.00 26.07 ? 82  ARG A CG  1 
ATOM   713  C  CD  . ARG A 1 85  ? -1.604  9.691   1.809   1.00 23.21 ? 82  ARG A CD  1 
ATOM   714  N  NE  . ARG A 1 85  ? -0.345  9.100   2.269   1.00 24.78 ? 82  ARG A NE  1 
ATOM   715  C  CZ  . ARG A 1 85  ? 0.853   9.673   2.138   1.00 27.18 ? 82  ARG A CZ  1 
ATOM   716  N  NH1 . ARG A 1 85  ? 0.970   10.891  1.560   1.00 24.64 ? 82  ARG A NH1 1 
ATOM   717  N  NH2 . ARG A 1 85  ? 1.934   9.038   2.595   1.00 22.81 ? 82  ARG A NH2 1 
ATOM   718  N  N   . VAL A 1 86  ? -4.805  6.344   2.151   1.00 24.38 ? 83  VAL A N   1 
ATOM   719  C  CA  . VAL A 1 86  ? -4.683  5.229   1.238   1.00 23.25 ? 83  VAL A CA  1 
ATOM   720  C  C   . VAL A 1 86  ? -4.305  5.802   -0.140  1.00 23.92 ? 83  VAL A C   1 
ATOM   721  O  O   . VAL A 1 86  ? -4.980  6.714   -0.638  1.00 23.87 ? 83  VAL A O   1 
ATOM   722  C  CB  . VAL A 1 86  ? -5.976  4.389   1.149   1.00 22.91 ? 83  VAL A CB  1 
ATOM   723  C  CG1 . VAL A 1 86  ? -5.850  3.297   0.091   1.00 21.50 ? 83  VAL A CG1 1 
ATOM   724  C  CG2 . VAL A 1 86  ? -6.327  3.722   2.502   1.00 21.15 ? 83  VAL A CG2 1 
ATOM   725  N  N   . ILE A 1 87  ? -3.217  5.301   -0.723  1.00 23.63 ? 84  ILE A N   1 
ATOM   726  C  CA  . ILE A 1 87  ? -2.770  5.772   -2.059  1.00 24.30 ? 84  ILE A CA  1 
ATOM   727  C  C   . ILE A 1 87  ? -3.238  4.810   -3.165  1.00 24.87 ? 84  ILE A C   1 
ATOM   728  O  O   . ILE A 1 87  ? -2.977  3.583   -3.098  1.00 25.31 ? 84  ILE A O   1 
ATOM   729  C  CB  . ILE A 1 87  ? -1.246  5.919   -2.164  1.00 24.48 ? 84  ILE A CB  1 
ATOM   730  C  CG1 . ILE A 1 87  ? -0.723  6.869   -1.093  1.00 23.85 ? 84  ILE A CG1 1 
ATOM   731  C  CG2 . ILE A 1 87  ? -0.829  6.402   -3.621  1.00 24.02 ? 84  ILE A CG2 1 
ATOM   732  C  CD1 . ILE A 1 87  ? 0.814   6.950   -0.991  1.00 20.47 ? 84  ILE A CD1 1 
ATOM   733  N  N   . PHE A 1 88  ? -3.978  5.369   -4.129  1.00 24.39 ? 85  PHE A N   1 
ATOM   734  C  CA  . PHE A 1 88  ? -4.400  4.678   -5.368  1.00 23.85 ? 85  PHE A CA  1 
ATOM   735  C  C   . PHE A 1 88  ? -3.381  4.932   -6.495  1.00 23.96 ? 85  PHE A C   1 
ATOM   736  O  O   . PHE A 1 88  ? -3.464  5.952   -7.222  1.00 22.88 ? 85  PHE A O   1 
ATOM   737  C  CB  . PHE A 1 88  ? -5.806  5.165   -5.774  1.00 23.51 ? 85  PHE A CB  1 
ATOM   738  C  CG  . PHE A 1 88  ? -6.849  4.792   -4.781  1.00 23.72 ? 85  PHE A CG  1 
ATOM   739  C  CD1 . PHE A 1 88  ? -7.644  3.673   -4.974  1.00 20.92 ? 85  PHE A CD1 1 
ATOM   740  C  CD2 . PHE A 1 88  ? -6.947  5.478   -3.579  1.00 21.63 ? 85  PHE A CD2 1 
ATOM   741  C  CE1 . PHE A 1 88  ? -8.576  3.313   -4.006  1.00 23.00 ? 85  PHE A CE1 1 
ATOM   742  C  CE2 . PHE A 1 88  ? -7.867  5.100   -2.612  1.00 22.47 ? 85  PHE A CE2 1 
ATOM   743  C  CZ  . PHE A 1 88  ? -8.678  4.037   -2.821  1.00 20.97 ? 85  PHE A CZ  1 
ATOM   744  N  N   . ASN A 1 89  ? -2.406  4.017   -6.619  1.00 24.27 ? 86  ASN A N   1 
ATOM   745  C  CA  . ASN A 1 89  ? -1.403  4.076   -7.689  1.00 24.72 ? 86  ASN A CA  1 
ATOM   746  C  C   . ASN A 1 89  ? -2.071  3.793   -9.045  1.00 24.95 ? 86  ASN A C   1 
ATOM   747  O  O   . ASN A 1 89  ? -3.192  3.273   -9.068  1.00 24.94 ? 86  ASN A O   1 
ATOM   748  C  CB  . ASN A 1 89  ? -0.243  3.123   -7.373  1.00 24.27 ? 86  ASN A CB  1 
ATOM   749  C  CG  . ASN A 1 89  ? 0.367   3.428   -6.034  1.00 24.94 ? 86  ASN A CG  1 
ATOM   750  O  OD1 . ASN A 1 89  ? 1.116   4.391   -5.892  1.00 25.59 ? 86  ASN A OD1 1 
ATOM   751  N  ND2 . ASN A 1 89  ? -0.004  2.668   -5.029  1.00 24.39 ? 86  ASN A ND2 1 
ATOM   752  N  N   . PRO A 1 90  ? -1.407  4.159   -10.164 1.00 25.11 ? 87  PRO A N   1 
ATOM   753  C  CA  . PRO A 1 90  ? -2.003  4.005   -11.477 1.00 25.59 ? 87  PRO A CA  1 
ATOM   754  C  C   . PRO A 1 90  ? -2.608  2.635   -11.751 1.00 26.44 ? 87  PRO A C   1 
ATOM   755  O  O   . PRO A 1 90  ? -1.950  1.580   -11.588 1.00 26.55 ? 87  PRO A O   1 
ATOM   756  C  CB  . PRO A 1 90  ? -0.840  4.352   -12.438 1.00 25.96 ? 87  PRO A CB  1 
ATOM   757  C  CG  . PRO A 1 90  ? -0.123  5.480   -11.674 1.00 24.74 ? 87  PRO A CG  1 
ATOM   758  C  CD  . PRO A 1 90  ? -0.107  4.858   -10.243 1.00 25.60 ? 87  PRO A CD  1 
ATOM   759  N  N   . GLY A 1 91  ? -3.869  2.689   -12.160 1.00 26.58 ? 88  GLY A N   1 
ATOM   760  C  CA  . GLY A 1 91  ? -4.669  1.524   -12.488 1.00 27.39 ? 88  GLY A CA  1 
ATOM   761  C  C   . GLY A 1 91  ? -5.394  0.927   -11.289 1.00 27.71 ? 88  GLY A C   1 
ATOM   762  O  O   . GLY A 1 91  ? -6.110  -0.070  -11.443 1.00 28.87 ? 88  GLY A O   1 
ATOM   763  N  N   . THR A 1 92  ? -5.237  1.505   -10.094 1.00 26.73 ? 89  THR A N   1 
ATOM   764  C  CA  . THR A 1 92  ? -5.959  0.971   -8.938  1.00 25.71 ? 89  THR A CA  1 
ATOM   765  C  C   . THR A 1 92  ? -7.144  1.869   -8.556  1.00 26.24 ? 89  THR A C   1 
ATOM   766  O  O   . THR A 1 92  ? -7.877  1.556   -7.611  1.00 26.32 ? 89  THR A O   1 
ATOM   767  C  CB  . THR A 1 92  ? -5.044  0.789   -7.700  1.00 26.33 ? 89  THR A CB  1 
ATOM   768  O  OG1 . THR A 1 92  ? -4.671  2.080   -7.205  1.00 26.52 ? 89  THR A OG1 1 
ATOM   769  C  CG2 . THR A 1 92  ? -3.785  -0.030  -8.039  1.00 22.43 ? 89  THR A CG2 1 
ATOM   770  N  N   . GLU A 1 93  ? -7.330  2.976   -9.278  1.00 25.67 ? 90  GLU A N   1 
ATOM   771  C  CA  . GLU A 1 93  ? -8.380  3.945   -8.946  1.00 26.19 ? 90  GLU A CA  1 
ATOM   772  C  C   . GLU A 1 93  ? -9.752  3.259   -8.805  1.00 26.94 ? 90  GLU A C   1 
ATOM   773  O  O   . GLU A 1 93  ? -10.149 2.435   -9.640  1.00 26.32 ? 90  GLU A O   1 
ATOM   774  C  CB  . GLU A 1 93  ? -8.491  5.075   -9.997  1.00 26.07 ? 90  GLU A CB  1 
ATOM   775  C  CG  . GLU A 1 93  ? -7.273  6.013   -10.117 1.00 26.32 ? 90  GLU A CG  1 
ATOM   776  C  CD  . GLU A 1 93  ? -6.162  5.470   -11.030 1.00 29.19 ? 90  GLU A CD  1 
ATOM   777  O  OE1 . GLU A 1 93  ? -6.199  4.269   -11.402 1.00 28.35 ? 90  GLU A OE1 1 
ATOM   778  O  OE2 . GLU A 1 93  ? -5.219  6.233   -11.355 1.00 27.05 ? 90  GLU A OE2 1 
ATOM   779  N  N   . ASN A 1 94  ? -10.481 3.634   -7.760  1.00 26.95 ? 91  ASN A N   1 
ATOM   780  C  CA  . ASN A 1 94  ? -11.710 2.952   -7.425  1.00 28.32 ? 91  ASN A CA  1 
ATOM   781  C  C   . ASN A 1 94  ? -12.591 3.953   -6.691  1.00 28.92 ? 91  ASN A C   1 
ATOM   782  O  O   . ASN A 1 94  ? -12.401 4.209   -5.503  1.00 29.44 ? 91  ASN A O   1 
ATOM   783  C  CB  . ASN A 1 94  ? -11.408 1.709   -6.565  1.00 28.28 ? 91  ASN A CB  1 
ATOM   784  C  CG  . ASN A 1 94  ? -12.663 0.957   -6.128  1.00 29.04 ? 91  ASN A CG  1 
ATOM   785  O  OD1 . ASN A 1 94  ? -13.783 1.431   -6.323  1.00 30.58 ? 91  ASN A OD1 1 
ATOM   786  N  ND2 . ASN A 1 94  ? -12.475 -0.224  -5.531  1.00 25.29 ? 91  ASN A ND2 1 
ATOM   787  N  N   . GLU A 1 95  ? -13.539 4.547   -7.410  1.00 29.27 ? 92  GLU A N   1 
ATOM   788  C  CA  . GLU A 1 95  ? -14.306 5.647   -6.829  1.00 29.96 ? 92  GLU A CA  1 
ATOM   789  C  C   . GLU A 1 95  ? -15.115 5.215   -5.613  1.00 28.99 ? 92  GLU A C   1 
ATOM   790  O  O   . GLU A 1 95  ? -15.112 5.921   -4.613  1.00 29.32 ? 92  GLU A O   1 
ATOM   791  C  CB  . GLU A 1 95  ? -15.182 6.360   -7.856  1.00 30.22 ? 92  GLU A CB  1 
ATOM   792  C  CG  . GLU A 1 95  ? -15.898 7.552   -7.250  1.00 33.86 ? 92  GLU A CG  1 
ATOM   793  C  CD  . GLU A 1 95  ? -16.436 8.505   -8.287  1.00 38.42 ? 92  GLU A CD  1 
ATOM   794  O  OE1 . GLU A 1 95  ? -15.648 9.347   -8.781  1.00 41.94 ? 92  GLU A OE1 1 
ATOM   795  O  OE2 . GLU A 1 95  ? -17.646 8.427   -8.585  1.00 38.89 ? 92  GLU A OE2 1 
ATOM   796  N  N   . GLU A 1 96  ? -15.761 4.052   -5.688  1.00 29.02 ? 93  GLU A N   1 
ATOM   797  C  CA  . GLU A 1 96  ? -16.493 3.509   -4.547  1.00 29.39 ? 93  GLU A CA  1 
ATOM   798  C  C   . GLU A 1 96  ? -15.595 3.388   -3.310  1.00 29.36 ? 93  GLU A C   1 
ATOM   799  O  O   . GLU A 1 96  ? -15.971 3.819   -2.207  1.00 29.70 ? 93  GLU A O   1 
ATOM   800  C  CB  . GLU A 1 96  ? -17.124 2.150   -4.876  1.00 29.57 ? 93  GLU A CB  1 
ATOM   801  C  CG  . GLU A 1 96  ? -17.510 1.381   -3.613  1.00 31.25 ? 93  GLU A CG  1 
ATOM   802  C  CD  . GLU A 1 96  ? -18.183 0.052   -3.891  1.00 34.07 ? 93  GLU A CD  1 
ATOM   803  O  OE1 . GLU A 1 96  ? -17.504 -0.890  -4.373  1.00 34.12 ? 93  GLU A OE1 1 
ATOM   804  O  OE2 . GLU A 1 96  ? -19.400 -0.054  -3.611  1.00 35.91 ? 93  GLU A OE2 1 
ATOM   805  N  N   . LEU A 1 97  ? -14.396 2.833   -3.483  1.00 29.69 ? 94  LEU A N   1 
ATOM   806  C  CA  . LEU A 1 97  ? -13.517 2.685   -2.320  1.00 29.25 ? 94  LEU A CA  1 
ATOM   807  C  C   . LEU A 1 97  ? -13.025 4.040   -1.786  1.00 29.44 ? 94  LEU A C   1 
ATOM   808  O  O   . LEU A 1 97  ? -12.965 4.245   -0.570  1.00 29.26 ? 94  LEU A O   1 
ATOM   809  C  CB  . LEU A 1 97  ? -12.363 1.678   -2.551  1.00 28.28 ? 94  LEU A CB  1 
ATOM   810  C  CG  . LEU A 1 97  ? -11.418 1.545   -1.329  1.00 29.14 ? 94  LEU A CG  1 
ATOM   811  C  CD1 . LEU A 1 97  ? -12.168 1.111   -0.080  1.00 25.90 ? 94  LEU A CD1 1 
ATOM   812  C  CD2 . LEU A 1 97  ? -10.234 0.583   -1.552  1.00 26.73 ? 94  LEU A CD2 1 
ATOM   813  N  N   . GLU A 1 98  ? -12.669 4.954   -2.679  1.00 29.82 ? 95  GLU A N   1 
ATOM   814  C  CA  . GLU A 1 98  ? -12.374 6.344   -2.265  1.00 30.46 ? 95  GLU A CA  1 
ATOM   815  C  C   . GLU A 1 98  ? -13.463 6.949   -1.335  1.00 30.07 ? 95  GLU A C   1 
ATOM   816  O  O   . GLU A 1 98  ? -13.150 7.491   -0.265  1.00 29.36 ? 95  GLU A O   1 
ATOM   817  C  CB  . GLU A 1 98  ? -12.152 7.227   -3.506  1.00 30.52 ? 95  GLU A CB  1 
ATOM   818  C  CG  . GLU A 1 98  ? -10.966 6.741   -4.362  1.00 32.56 ? 95  GLU A CG  1 
ATOM   819  C  CD  . GLU A 1 98  ? -10.960 7.276   -5.820  1.00 36.09 ? 95  GLU A CD  1 
ATOM   820  O  OE1 . GLU A 1 98  ? -10.488 6.526   -6.713  1.00 37.65 ? 95  GLU A OE1 1 
ATOM   821  O  OE2 . GLU A 1 98  ? -11.397 8.421   -6.066  1.00 35.58 ? 95  GLU A OE2 1 
ATOM   822  N  N   . GLU A 1 99  ? -14.728 6.839   -1.740  1.00 29.72 ? 96  GLU A N   1 
ATOM   823  C  CA  . GLU A 1 99  ? -15.833 7.396   -0.958  1.00 29.87 ? 96  GLU A CA  1 
ATOM   824  C  C   . GLU A 1 99  ? -16.001 6.695   0.363   1.00 29.46 ? 96  GLU A C   1 
ATOM   825  O  O   . GLU A 1 99  ? -16.229 7.346   1.376   1.00 29.44 ? 96  GLU A O   1 
ATOM   826  C  CB  . GLU A 1 99  ? -17.146 7.305   -1.711  1.00 30.16 ? 96  GLU A CB  1 
ATOM   827  C  CG  . GLU A 1 99  ? -17.179 8.210   -2.880  1.00 32.85 ? 96  GLU A CG  1 
ATOM   828  C  CD  . GLU A 1 99  ? -18.468 8.093   -3.665  1.00 36.43 ? 96  GLU A CD  1 
ATOM   829  O  OE1 . GLU A 1 99  ? -19.500 7.618   -3.103  1.00 35.91 ? 96  GLU A OE1 1 
ATOM   830  O  OE2 . GLU A 1 99  ? -18.436 8.491   -4.859  1.00 38.37 ? 96  GLU A OE2 1 
ATOM   831  N  N   . ILE A 1 100 ? -15.892 5.370   0.353   1.00 28.76 ? 97  ILE A N   1 
ATOM   832  C  CA  . ILE A 1 100 ? -16.010 4.602   1.590   1.00 28.58 ? 97  ILE A CA  1 
ATOM   833  C  C   . ILE A 1 100 ? -14.913 5.035   2.562   1.00 28.46 ? 97  ILE A C   1 
ATOM   834  O  O   . ILE A 1 100 ? -15.168 5.267   3.758   1.00 28.58 ? 97  ILE A O   1 
ATOM   835  C  CB  . ILE A 1 100 ? -15.957 3.089   1.325   1.00 28.23 ? 97  ILE A CB  1 
ATOM   836  C  CG1 . ILE A 1 100 ? -17.256 2.622   0.653   1.00 28.31 ? 97  ILE A CG1 1 
ATOM   837  C  CG2 . ILE A 1 100 ? -15.721 2.333   2.624   1.00 28.91 ? 97  ILE A CG2 1 
ATOM   838  C  CD1 . ILE A 1 100 ? -17.215 1.171   0.191   1.00 25.45 ? 97  ILE A CD1 1 
ATOM   839  N  N   . LEU A 1 101 ? -13.697 5.176   2.047   1.00 27.80 ? 98  LEU A N   1 
ATOM   840  C  CA  . LEU A 1 101 ? -12.579 5.656   2.881   1.00 27.73 ? 98  LEU A CA  1 
ATOM   841  C  C   . LEU A 1 101 ? -12.844 7.050   3.459   1.00 27.44 ? 98  LEU A C   1 
ATOM   842  O  O   . LEU A 1 101 ? -12.787 7.242   4.681   1.00 27.57 ? 98  LEU A O   1 
ATOM   843  C  CB  . LEU A 1 101 ? -11.263 5.656   2.092   1.00 27.58 ? 98  LEU A CB  1 
ATOM   844  C  CG  . LEU A 1 101 ? -10.723 4.259   1.771   1.00 28.00 ? 98  LEU A CG  1 
ATOM   845  C  CD1 . LEU A 1 101 ? -9.612  4.347   0.717   1.00 26.41 ? 98  LEU A CD1 1 
ATOM   846  C  CD2 . LEU A 1 101 ? -10.246 3.535   3.031   1.00 27.00 ? 98  LEU A CD2 1 
ATOM   847  N  N   . SER A 1 102 ? -13.109 8.019   2.580   1.00 26.47 ? 99  SER A N   1 
ATOM   848  C  CA  . SER A 1 102 ? -13.262 9.391   2.993   1.00 27.05 ? 99  SER A CA  1 
ATOM   849  C  C   . SER A 1 102 ? -14.463 9.547   3.940   1.00 26.65 ? 99  SER A C   1 
ATOM   850  O  O   . SER A 1 102 ? -14.385 10.313  4.884   1.00 27.09 ? 99  SER A O   1 
ATOM   851  C  CB  . SER A 1 102 ? -13.339 10.291  1.758   1.00 26.86 ? 99  SER A CB  1 
ATOM   852  O  OG  . SER A 1 102 ? -14.410 9.849   0.909   1.00 33.63 ? 99  SER A OG  1 
ATOM   853  N  N   . GLU A 1 103 ? -15.536 8.774   3.715   1.00 26.07 ? 100 GLU A N   1 
ATOM   854  C  CA  . GLU A 1 103 ? -16.680 8.634   4.640   1.00 26.46 ? 100 GLU A CA  1 
ATOM   855  C  C   . GLU A 1 103 ? -16.273 8.199   6.014   1.00 25.45 ? 100 GLU A C   1 
ATOM   856  O  O   . GLU A 1 103 ? -16.917 8.549   6.997   1.00 25.11 ? 100 GLU A O   1 
ATOM   857  C  CB  . GLU A 1 103 ? -17.600 7.487   4.182   1.00 26.56 ? 100 GLU A CB  1 
ATOM   858  C  CG  . GLU A 1 103 ? -18.818 7.918   3.670   1.00 27.04 ? 100 GLU A CG  1 
ATOM   859  C  CD  . GLU A 1 103 ? -19.609 6.808   3.015   1.00 29.90 ? 100 GLU A CD  1 
ATOM   860  O  OE1 . GLU A 1 103 ? -19.704 5.640   3.498   1.00 30.06 ? 100 GLU A OE1 1 
ATOM   861  O  OE2 . GLU A 1 103 ? -20.176 7.155   1.987   1.00 28.50 ? 100 GLU A OE2 1 
ATOM   862  N  N   . ASN A 1 104 ? -15.285 7.323   6.062   1.00 24.73 ? 101 ASN A N   1 
ATOM   863  C  CA  . ASN A 1 104 ? -14.806 6.790   7.331   1.00 24.86 ? 101 ASN A CA  1 
ATOM   864  C  C   . ASN A 1 104 ? -13.610 7.584   7.840   1.00 25.29 ? 101 ASN A C   1 
ATOM   865  O  O   . ASN A 1 104 ? -12.858 7.090   8.662   1.00 25.64 ? 101 ASN A O   1 
ATOM   866  C  CB  . ASN A 1 104 ? -14.442 5.299   7.210   1.00 24.14 ? 101 ASN A CB  1 
ATOM   867  C  CG  . ASN A 1 104 ? -15.669 4.396   7.177   1.00 25.41 ? 101 ASN A CG  1 
ATOM   868  O  OD1 . ASN A 1 104 ? -16.128 3.923   8.215   1.00 24.14 ? 101 ASN A OD1 1 
ATOM   869  N  ND2 . ASN A 1 104 ? -16.211 4.153   5.982   1.00 23.95 ? 101 ASN A ND2 1 
ATOM   870  N  N   . GLY A 1 105 ? -13.441 8.819   7.355   1.00 26.04 ? 102 GLY A N   1 
ATOM   871  C  CA  . GLY A 1 105 ? -12.320 9.681   7.790   1.00 26.15 ? 102 GLY A CA  1 
ATOM   872  C  C   . GLY A 1 105 ? -10.905 9.256   7.363   1.00 26.70 ? 102 GLY A C   1 
ATOM   873  O  O   . GLY A 1 105 ? -9.920  9.663   7.996   1.00 26.48 ? 102 GLY A O   1 
ATOM   874  N  N   . ILE A 1 106 ? -10.799 8.437   6.312   1.00 25.29 ? 103 ILE A N   1 
ATOM   875  C  CA  . ILE A 1 106 ? -9.509  8.034   5.738   1.00 25.01 ? 103 ILE A CA  1 
ATOM   876  C  C   . ILE A 1 106 ? -9.300  8.762   4.391   1.00 25.71 ? 103 ILE A C   1 
ATOM   877  O  O   . ILE A 1 106 ? -10.191 8.727   3.510   1.00 24.54 ? 103 ILE A O   1 
ATOM   878  C  CB  . ILE A 1 106 ? -9.441  6.490   5.536   1.00 24.20 ? 103 ILE A CB  1 
ATOM   879  C  CG1 . ILE A 1 106 ? -9.625  5.767   6.883   1.00 24.10 ? 103 ILE A CG1 1 
ATOM   880  C  CG2 . ILE A 1 106 ? -8.144  6.077   4.842   1.00 24.66 ? 103 ILE A CG2 1 
ATOM   881  C  CD1 . ILE A 1 106 ? -9.990  4.239   6.783   1.00 21.64 ? 103 ILE A CD1 1 
ATOM   882  N  N   . GLU A 1 107 ? -8.141  9.418   4.230   1.00 24.77 ? 104 GLU A N   1 
ATOM   883  C  CA  . GLU A 1 107 ? -7.926  10.241  3.064   1.00 25.53 ? 104 GLU A CA  1 
ATOM   884  C  C   . GLU A 1 107 ? -7.525  9.386   1.839   1.00 24.98 ? 104 GLU A C   1 
ATOM   885  O  O   . GLU A 1 107 ? -6.456  8.770   1.827   1.00 24.03 ? 104 GLU A O   1 
ATOM   886  C  CB  . GLU A 1 107 ? -6.869  11.300  3.332   1.00 26.03 ? 104 GLU A CB  1 
ATOM   887  C  CG  . GLU A 1 107 ? -6.766  12.336  2.227   1.00 30.30 ? 104 GLU A CG  1 
ATOM   888  C  CD  . GLU A 1 107 ? -5.507  13.195  2.320   1.00 35.83 ? 104 GLU A CD  1 
ATOM   889  O  OE1 . GLU A 1 107 ? -4.502  12.792  2.968   1.00 40.99 ? 104 GLU A OE1 1 
ATOM   890  O  OE2 . GLU A 1 107 ? -5.497  14.258  1.688   1.00 36.91 ? 104 GLU A OE2 1 
ATOM   891  N  N   . PRO A 1 108 ? -8.395  9.351   0.810   1.00 24.51 ? 105 PRO A N   1 
ATOM   892  C  CA  . PRO A 1 108 ? -7.967  8.701   -0.413  1.00 24.30 ? 105 PRO A CA  1 
ATOM   893  C  C   . PRO A 1 108 ? -7.078  9.693   -1.208  1.00 24.19 ? 105 PRO A C   1 
ATOM   894  O  O   . PRO A 1 108 ? -7.414  10.874  -1.303  1.00 24.87 ? 105 PRO A O   1 
ATOM   895  C  CB  . PRO A 1 108 ? -9.280  8.430   -1.145  1.00 24.06 ? 105 PRO A CB  1 
ATOM   896  C  CG  . PRO A 1 108 ? -10.281 9.479   -0.614  1.00 23.86 ? 105 PRO A CG  1 
ATOM   897  C  CD  . PRO A 1 108 ? -9.689  10.065  0.653   1.00 24.05 ? 105 PRO A CD  1 
ATOM   898  N  N   . VAL A 1 109 ? -5.974  9.213   -1.751  1.00 23.47 ? 106 VAL A N   1 
ATOM   899  C  CA  . VAL A 1 109 ? -5.062  10.048  -2.561  1.00 24.02 ? 106 VAL A CA  1 
ATOM   900  C  C   . VAL A 1 109 ? -4.752  9.316   -3.858  1.00 24.75 ? 106 VAL A C   1 
ATOM   901  O  O   . VAL A 1 109 ? -4.293  8.183   -3.828  1.00 25.36 ? 106 VAL A O   1 
ATOM   902  C  CB  . VAL A 1 109 ? -3.709  10.295  -1.826  1.00 23.77 ? 106 VAL A CB  1 
ATOM   903  C  CG1 . VAL A 1 109 ? -2.639  10.898  -2.788  1.00 23.41 ? 106 VAL A CG1 1 
ATOM   904  C  CG2 . VAL A 1 109 ? -3.919  11.226  -0.644  1.00 23.80 ? 106 VAL A CG2 1 
ATOM   905  N  N   . ILE A 1 110 ? -5.031  9.949   -4.990  1.00 25.72 ? 107 ILE A N   1 
ATOM   906  C  CA  . ILE A 1 110 ? -4.708  9.387   -6.299  1.00 26.75 ? 107 ILE A CA  1 
ATOM   907  C  C   . ILE A 1 110 ? -3.330  9.921   -6.702  1.00 27.57 ? 107 ILE A C   1 
ATOM   908  O  O   . ILE A 1 110 ? -3.165  11.109  -6.804  1.00 26.42 ? 107 ILE A O   1 
ATOM   909  C  CB  . ILE A 1 110 ? -5.811  9.706   -7.357  1.00 26.87 ? 107 ILE A CB  1 
ATOM   910  C  CG1 . ILE A 1 110 ? -7.031  8.824   -7.095  1.00 28.59 ? 107 ILE A CG1 1 
ATOM   911  C  CG2 . ILE A 1 110 ? -5.351  9.370   -8.780  1.00 26.98 ? 107 ILE A CG2 1 
ATOM   912  C  CD1 . ILE A 1 110 ? -8.205  9.559   -6.696  1.00 32.36 ? 107 ILE A CD1 1 
ATOM   913  N  N   . GLY A 1 111 ? -2.341  9.039   -6.863  1.00 28.21 ? 108 GLY A N   1 
ATOM   914  C  CA  . GLY A 1 111 ? -1.021  9.448   -7.334  1.00 29.58 ? 108 GLY A CA  1 
ATOM   915  C  C   . GLY A 1 111 ? -0.128  8.218   -7.417  1.00 30.39 ? 108 GLY A C   1 
ATOM   916  O  O   . GLY A 1 111 ? -0.554  7.128   -7.050  1.00 31.85 ? 108 GLY A O   1 
ATOM   917  N  N   . CYS A 1 112 ? 1.097   8.385   -7.903  1.00 29.49 ? 109 CYS A N   1 
ATOM   918  C  CA  . CYS A 1 112 ? 2.077   7.308   -7.941  1.00 29.41 ? 109 CYS A CA  1 
ATOM   919  C  C   . CYS A 1 112 ? 3.002   7.472   -6.747  1.00 29.63 ? 109 CYS A C   1 
ATOM   920  O  O   . CYS A 1 112 ? 3.606   8.545   -6.544  1.00 30.81 ? 109 CYS A O   1 
ATOM   921  C  CB  . CYS A 1 112 ? 2.854   7.348   -9.261  1.00 28.87 ? 109 CYS A CB  1 
ATOM   922  S  SG  . CYS A 1 112 ? 4.327   6.305   -9.258  1.00 29.98 ? 109 CYS A SG  1 
ATOM   923  N  N   . THR A 1 113 ? 3.079   6.427   -5.927  1.00 29.38 ? 110 THR A N   1 
ATOM   924  C  CA  . THR A 1 113 ? 3.991   6.394   -4.790  1.00 28.75 ? 110 THR A CA  1 
ATOM   925  C  C   . THR A 1 113 ? 5.409   6.823   -5.160  1.00 28.21 ? 110 THR A C   1 
ATOM   926  O  O   . THR A 1 113 ? 6.015   7.567   -4.419  1.00 27.74 ? 110 THR A O   1 
ATOM   927  C  CB  . THR A 1 113 ? 4.004   4.999   -4.089  1.00 30.29 ? 110 THR A CB  1 
ATOM   928  O  OG1 . THR A 1 113 ? 2.670   4.676   -3.645  1.00 29.15 ? 110 THR A OG1 1 
ATOM   929  C  CG2 . THR A 1 113 ? 4.986   5.016   -2.870  1.00 27.28 ? 110 THR A CG2 1 
ATOM   930  N  N   . LEU A 1 114 ? 5.933   6.364   -6.307  1.00 28.09 ? 111 LEU A N   1 
ATOM   931  C  CA  . LEU A 1 114 ? 7.293   6.724   -6.727  1.00 27.57 ? 111 LEU A CA  1 
ATOM   932  C  C   . LEU A 1 114 ? 7.420   8.233   -7.004  1.00 27.39 ? 111 LEU A C   1 
ATOM   933  O  O   . LEU A 1 114 ? 8.330   8.894   -6.495  1.00 27.17 ? 111 LEU A O   1 
ATOM   934  C  CB  . LEU A 1 114 ? 7.729   5.927   -7.970  1.00 28.44 ? 111 LEU A CB  1 
ATOM   935  C  CG  . LEU A 1 114 ? 7.526   4.405   -7.996  1.00 30.10 ? 111 LEU A CG  1 
ATOM   936  C  CD1 . LEU A 1 114 ? 8.095   3.768   -9.305  1.00 29.17 ? 111 LEU A CD1 1 
ATOM   937  C  CD2 . LEU A 1 114 ? 8.207   3.795   -6.772  1.00 32.20 ? 111 LEU A CD2 1 
ATOM   938  N  N   . VAL A 1 115 ? 6.490   8.774   -7.785  1.00 27.80 ? 112 VAL A N   1 
ATOM   939  C  CA  . VAL A 1 115 ? 6.447   10.208  -8.084  1.00 26.43 ? 112 VAL A CA  1 
ATOM   940  C  C   . VAL A 1 115 ? 6.323   11.030  -6.809  1.00 26.74 ? 112 VAL A C   1 
ATOM   941  O  O   . VAL A 1 115 ? 7.038   12.034  -6.640  1.00 26.39 ? 112 VAL A O   1 
ATOM   942  C  CB  . VAL A 1 115 ? 5.340   10.534  -9.092  1.00 26.55 ? 112 VAL A CB  1 
ATOM   943  C  CG1 . VAL A 1 115 ? 5.180   12.048  -9.278  1.00 25.86 ? 112 VAL A CG1 1 
ATOM   944  C  CG2 . VAL A 1 115 ? 5.669   9.861   -10.428 1.00 23.47 ? 112 VAL A CG2 1 
HETATM 945  N  N   . MSE A 1 116 ? 5.461   10.579  -5.901  1.00 26.30 ? 113 MSE A N   1 
HETATM 946  C  CA  . MSE A 1 116 ? 5.262   11.277  -4.647  1.00 26.91 ? 113 MSE A CA  1 
HETATM 947  C  C   . MSE A 1 116 ? 6.535   11.340  -3.799  1.00 26.98 ? 113 MSE A C   1 
HETATM 948  O  O   . MSE A 1 116 ? 6.858   12.384  -3.225  1.00 27.59 ? 113 MSE A O   1 
HETATM 949  C  CB  . MSE A 1 116 ? 4.074   10.688  -3.878  1.00 26.32 ? 113 MSE A CB  1 
HETATM 950  C  CG  . MSE A 1 116 ? 2.750   11.038  -4.549  1.00 26.75 ? 113 MSE A CG  1 
HETATM 951  SE SE  . MSE A 1 116 ? 1.380   9.823   -3.847  1.00 33.75 ? 113 MSE A SE  1 
HETATM 952  C  CE  . MSE A 1 116 ? 1.148   10.521  -2.010  1.00 25.46 ? 113 MSE A CE  1 
ATOM   953  N  N   . LEU A 1 117 ? 7.269   10.233  -3.734  1.00 26.44 ? 114 LEU A N   1 
ATOM   954  C  CA  . LEU A 1 117 ? 8.491   10.214  -2.955  1.00 26.02 ? 114 LEU A CA  1 
ATOM   955  C  C   . LEU A 1 117 ? 9.495   11.181  -3.577  1.00 25.89 ? 114 LEU A C   1 
ATOM   956  O  O   . LEU A 1 117 ? 10.192  11.919  -2.864  1.00 25.38 ? 114 LEU A O   1 
ATOM   957  C  CB  . LEU A 1 117 ? 9.053   8.781   -2.835  1.00 25.92 ? 114 LEU A CB  1 
ATOM   958  C  CG  . LEU A 1 117 ? 8.347   7.922   -1.762  1.00 27.32 ? 114 LEU A CG  1 
ATOM   959  C  CD1 . LEU A 1 117 ? 8.448   6.419   -2.012  1.00 22.70 ? 114 LEU A CD1 1 
ATOM   960  C  CD2 . LEU A 1 117 ? 8.893   8.299   -0.350  1.00 26.44 ? 114 LEU A CD2 1 
ATOM   961  N  N   A SER A 1 118 ? 9.571   11.203  -4.907  0.50 25.32 ? 115 SER A N   1 
ATOM   962  N  N   B SER A 1 118 ? 9.543   11.199  -4.907  0.50 25.62 ? 115 SER A N   1 
ATOM   963  C  CA  A SER A 1 118 ? 10.504  12.110  -5.577  0.50 24.68 ? 115 SER A CA  1 
ATOM   964  C  CA  B SER A 1 118 ? 10.474  12.062  -5.624  0.50 25.34 ? 115 SER A CA  1 
ATOM   965  C  C   A SER A 1 118 ? 10.067  13.561  -5.450  0.50 24.92 ? 115 SER A C   1 
ATOM   966  C  C   B SER A 1 118 ? 10.071  13.538  -5.532  0.50 25.27 ? 115 SER A C   1 
ATOM   967  O  O   A SER A 1 118 ? 10.892  14.445  -5.192  0.50 24.87 ? 115 SER A O   1 
ATOM   968  O  O   B SER A 1 118 ? 10.925  14.414  -5.365  0.50 25.28 ? 115 SER A O   1 
ATOM   969  C  CB  A SER A 1 118 ? 10.668  11.741  -7.046  0.50 24.59 ? 115 SER A CB  1 
ATOM   970  C  CB  B SER A 1 118 ? 10.575  11.608  -7.078  0.50 25.36 ? 115 SER A CB  1 
ATOM   971  O  OG  A SER A 1 118 ? 11.571  10.669  -7.182  0.50 22.82 ? 115 SER A OG  1 
ATOM   972  O  OG  B SER A 1 118 ? 11.360  12.501  -7.837  0.50 25.82 ? 115 SER A OG  1 
ATOM   973  N  N   . ALA A 1 119 ? 8.770   13.798  -5.611  1.00 24.85 ? 116 ALA A N   1 
ATOM   974  C  CA  . ALA A 1 119 ? 8.232   15.149  -5.617  1.00 25.33 ? 116 ALA A CA  1 
ATOM   975  C  C   . ALA A 1 119 ? 8.243   15.774  -4.236  1.00 25.71 ? 116 ALA A C   1 
ATOM   976  O  O   . ALA A 1 119 ? 8.081   16.978  -4.112  1.00 25.56 ? 116 ALA A O   1 
ATOM   977  C  CB  . ALA A 1 119 ? 6.831   15.151  -6.185  1.00 24.91 ? 116 ALA A CB  1 
ATOM   978  N  N   . GLY A 1 120 ? 8.416   14.954  -3.201  1.00 26.48 ? 117 GLY A N   1 
ATOM   979  C  CA  . GLY A 1 120 ? 8.404   15.447  -1.825  1.00 27.04 ? 117 GLY A CA  1 
ATOM   980  C  C   . GLY A 1 120 ? 6.997   15.552  -1.261  1.00 27.93 ? 117 GLY A C   1 
ATOM   981  O  O   . GLY A 1 120 ? 6.769   16.223  -0.256  1.00 27.75 ? 117 GLY A O   1 
ATOM   982  N  N   . THR A 1 121 ? 6.048   14.872  -1.893  1.00 28.41 ? 118 THR A N   1 
ATOM   983  C  CA  . THR A 1 121 ? 4.672   14.916  -1.425  1.00 29.30 ? 118 THR A CA  1 
ATOM   984  C  C   . THR A 1 121 ? 4.211   13.617  -0.750  1.00 29.75 ? 118 THR A C   1 
ATOM   985  O  O   . THR A 1 121 ? 3.073   13.543  -0.288  1.00 30.87 ? 118 THR A O   1 
ATOM   986  C  CB  . THR A 1 121 ? 3.697   15.236  -2.551  1.00 29.54 ? 118 THR A CB  1 
ATOM   987  O  OG1 . THR A 1 121 ? 3.772   14.199  -3.538  1.00 30.07 ? 118 THR A OG1 1 
ATOM   988  C  CG2 . THR A 1 121 ? 4.007   16.630  -3.179  1.00 28.51 ? 118 THR A CG2 1 
ATOM   989  N  N   . PHE A 1 122 ? 5.065   12.598  -0.702  1.00 29.47 ? 119 PHE A N   1 
ATOM   990  C  CA  . PHE A 1 122 ? 4.758   11.426  0.120   1.00 28.82 ? 119 PHE A CA  1 
ATOM   991  C  C   . PHE A 1 122 ? 4.653   11.757  1.622   1.00 29.16 ? 119 PHE A C   1 
ATOM   992  O  O   . PHE A 1 122 ? 5.504   12.470  2.165   1.00 29.10 ? 119 PHE A O   1 
ATOM   993  C  CB  . PHE A 1 122 ? 5.767   10.300  -0.090  1.00 28.52 ? 119 PHE A CB  1 
ATOM   994  C  CG  . PHE A 1 122 ? 5.365   9.021   0.608   1.00 26.92 ? 119 PHE A CG  1 
ATOM   995  C  CD1 . PHE A 1 122 ? 4.510   8.107   -0.015  1.00 26.64 ? 119 PHE A CD1 1 
ATOM   996  C  CD2 . PHE A 1 122 ? 5.851   8.724   1.878   1.00 26.79 ? 119 PHE A CD2 1 
ATOM   997  C  CE1 . PHE A 1 122 ? 4.120   6.920   0.635   1.00 25.22 ? 119 PHE A CE1 1 
ATOM   998  C  CE2 . PHE A 1 122 ? 5.470   7.533   2.547   1.00 24.69 ? 119 PHE A CE2 1 
ATOM   999  C  CZ  . PHE A 1 122 ? 4.595   6.645   1.925   1.00 25.76 ? 119 PHE A CZ  1 
ATOM   1000 O  OXT . PHE A 1 122 ? 3.725   11.312  2.330   1.00 29.64 ? 119 PHE A OXT 1 
HETATM 1001 C  C1  . PEG B 2 .   ? 1.776   11.020  -9.000  1.00 68.09 ? 201 PEG A C1  1 
HETATM 1002 O  O1  . PEG B 2 .   ? 1.613   10.944  -10.417 1.00 69.01 ? 201 PEG A O1  1 
HETATM 1003 C  C2  . PEG B 2 .   ? 0.999   12.226  -8.524  1.00 72.14 ? 201 PEG A C2  1 
HETATM 1004 O  O2  . PEG B 2 .   ? 1.548   12.682  -7.298  1.00 73.88 ? 201 PEG A O2  1 
HETATM 1005 C  C3  . PEG B 2 .   ? 1.980   14.029  -7.420  1.00 75.29 ? 201 PEG A C3  1 
HETATM 1006 C  C4  . PEG B 2 .   ? 3.320   14.116  -6.719  1.00 76.20 ? 201 PEG A C4  1 
HETATM 1007 O  O4  . PEG B 2 .   ? 3.310   15.303  -5.934  1.00 77.90 ? 201 PEG A O4  1 
HETATM 1008 O  O   . HOH C 3 .   ? -2.732  0.463   11.514  1.00 32.74 ? 120 HOH A O   1 
HETATM 1009 O  O   . HOH C 3 .   ? 3.203   3.421   -8.470  1.00 28.13 ? 121 HOH A O   1 
HETATM 1010 O  O   . HOH C 3 .   ? -19.963 10.075  1.492   1.00 23.82 ? 122 HOH A O   1 
HETATM 1011 O  O   . HOH C 3 .   ? 6.956   -5.245  -16.138 1.00 39.57 ? 123 HOH A O   1 
HETATM 1012 O  O   . HOH C 3 .   ? -5.344  -9.125  13.936  1.00 41.81 ? 124 HOH A O   1 
HETATM 1013 O  O   . HOH C 3 .   ? 0.350   10.385  5.380   1.00 33.67 ? 125 HOH A O   1 
HETATM 1014 O  O   . HOH C 3 .   ? -2.967  6.802   -9.829  1.00 24.79 ? 126 HOH A O   1 
HETATM 1015 O  O   . HOH C 3 .   ? -3.437  3.735   11.890  1.00 37.13 ? 127 HOH A O   1 
HETATM 1016 O  O   . HOH C 3 .   ? 2.150   -15.114 5.809   1.00 29.25 ? 128 HOH A O   1 
HETATM 1017 O  O   . HOH C 3 .   ? -4.242  5.680   -14.131 1.00 32.55 ? 129 HOH A O   1 
HETATM 1018 O  O   . HOH C 3 .   ? -7.597  3.418   -13.558 1.00 40.82 ? 130 HOH A O   1 
HETATM 1019 O  O   . HOH C 3 .   ? -14.027 -6.523  2.438   1.00 30.10 ? 131 HOH A O   1 
HETATM 1020 O  O   . HOH C 3 .   ? 1.296   -6.088  -7.324  1.00 25.74 ? 132 HOH A O   1 
HETATM 1021 O  O   . HOH C 3 .   ? -0.545  13.022  -5.664  1.00 45.30 ? 133 HOH A O   1 
HETATM 1022 O  O   . HOH C 3 .   ? -2.418  -9.513  -3.562  1.00 31.03 ? 134 HOH A O   1 
HETATM 1023 O  O   . HOH C 3 .   ? 4.671   -15.226 1.529   1.00 22.18 ? 135 HOH A O   1 
HETATM 1024 O  O   . HOH C 3 .   ? -1.207  6.187   12.217  1.00 60.15 ? 136 HOH A O   1 
HETATM 1025 O  O   . HOH C 3 .   ? 5.484   -3.284  -14.142 1.00 20.71 ? 137 HOH A O   1 
HETATM 1026 O  O   . HOH C 3 .   ? -12.229 -8.971  -4.392  1.00 30.08 ? 138 HOH A O   1 
HETATM 1027 O  O   . HOH C 3 .   ? 10.632  -14.459 -3.072  1.00 31.45 ? 139 HOH A O   1 
HETATM 1028 O  O   . HOH C 3 .   ? -4.739  -7.122  -8.437  1.00 35.51 ? 140 HOH A O   1 
HETATM 1029 O  O   . HOH C 3 .   ? 13.638  -9.100  -2.768  1.00 35.75 ? 141 HOH A O   1 
HETATM 1030 O  O   . HOH C 3 .   ? 4.139   6.081   10.785  1.00 38.60 ? 142 HOH A O   1 
HETATM 1031 O  O   . HOH C 3 .   ? -7.242  13.844  -1.139  1.00 48.90 ? 143 HOH A O   1 
HETATM 1032 O  O   . HOH C 3 .   ? -5.689  -0.926  13.527  1.00 39.15 ? 144 HOH A O   1 
HETATM 1033 O  O   . HOH C 3 .   ? 5.131   10.395  10.551  1.00 42.32 ? 145 HOH A O   1 
HETATM 1034 O  O   . HOH C 3 .   ? 8.248   4.536   9.166   1.00 26.85 ? 146 HOH A O   1 
HETATM 1035 O  O   . HOH C 3 .   ? -18.186 10.339  11.420  1.00 14.27 ? 147 HOH A O   1 
HETATM 1036 O  O   . HOH C 3 .   ? 11.887  15.708  -2.480  1.00 23.78 ? 148 HOH A O   1 
HETATM 1037 O  O   . HOH C 3 .   ? 2.888   4.689   12.741  1.00 51.58 ? 149 HOH A O   1 
HETATM 1038 O  O   . HOH C 3 .   ? -11.541 -7.103  3.851   1.00 31.10 ? 150 HOH A O   1 
HETATM 1039 O  O   . HOH C 3 .   ? 7.663   13.398  0.688   1.00 29.99 ? 151 HOH A O   1 
HETATM 1040 O  O   . HOH C 3 .   ? 3.062   8.696   10.452  1.00 46.59 ? 152 HOH A O   1 
HETATM 1041 O  O   . HOH C 3 .   ? -9.160  1.894   -11.998 1.00 42.95 ? 153 HOH A O   1 
HETATM 1042 O  O   . HOH C 3 .   ? -11.361 7.370   -9.093  1.00 35.75 ? 154 HOH A O   1 
HETATM 1043 O  O   . HOH C 3 .   ? 2.929   -4.281  -8.739  1.00 25.31 ? 155 HOH A O   1 
HETATM 1044 O  O   . HOH C 3 .   ? -13.478 -3.336  9.257   1.00 40.82 ? 156 HOH A O   1 
HETATM 1045 O  O   . HOH C 3 .   ? 9.576   -1.674  -14.304 1.00 34.66 ? 157 HOH A O   1 
HETATM 1046 O  O   . HOH C 3 .   ? -8.012  -8.903  8.994   1.00 44.58 ? 158 HOH A O   1 
HETATM 1047 O  O   . HOH C 3 .   ? -7.386  -9.124  -3.050  1.00 47.10 ? 159 HOH A O   1 
HETATM 1048 O  O   . HOH C 3 .   ? -14.004 3.809   -10.224 1.00 31.67 ? 160 HOH A O   1 
HETATM 1049 O  O   . HOH C 3 .   ? -8.729  -8.808  3.397   1.00 36.94 ? 161 HOH A O   1 
HETATM 1050 O  O   . HOH C 3 .   ? -16.183 2.726   -8.448  1.00 48.62 ? 162 HOH A O   1 
HETATM 1051 O  O   . HOH C 3 .   ? 3.879   12.797  9.600   1.00 50.88 ? 163 HOH A O   1 
HETATM 1052 O  O   . HOH C 3 .   ? -4.646  14.607  -2.640  1.00 42.87 ? 164 HOH A O   1 
HETATM 1053 O  O   . HOH C 3 .   ? -19.805 10.409  6.586   1.00 17.04 ? 165 HOH A O   1 
HETATM 1054 O  O   . HOH C 3 .   ? 6.532   -5.694  -3.385  1.00 36.72 ? 166 HOH A O   1 
HETATM 1055 O  O   . HOH C 3 .   ? -1.061  12.954  0.896   1.00 35.55 ? 167 HOH A O   1 
HETATM 1056 O  O   . HOH C 3 .   ? -19.513 11.340  4.204   1.00 17.07 ? 168 HOH A O   1 
HETATM 1057 O  O   . HOH C 3 .   ? -6.025  12.790  -4.791  1.00 33.41 ? 169 HOH A O   1 
HETATM 1058 O  O   . HOH C 3 .   ? -9.480  -2.504  13.687  1.00 36.75 ? 170 HOH A O   1 
HETATM 1059 O  O   . HOH C 3 .   ? -12.416 12.162  5.057   1.00 31.99 ? 171 HOH A O   1 
HETATM 1060 O  O   . HOH C 3 .   ? 7.530   11.763  3.706   1.00 29.18 ? 172 HOH A O   1 
HETATM 1061 O  O   . HOH C 3 .   ? -1.918  12.193  5.080   1.00 44.89 ? 173 HOH A O   1 
HETATM 1062 O  O   . HOH C 3 .   ? -17.434 10.716  1.371   1.00 30.93 ? 174 HOH A O   1 
HETATM 1063 O  O   . HOH C 3 .   ? 0.904   11.572  8.471   1.00 44.80 ? 175 HOH A O   1 
HETATM 1064 O  O   . HOH C 3 .   ? 4.084   -10.030 -12.588 1.00 36.76 ? 176 HOH A O   1 
HETATM 1065 O  O   . HOH C 3 .   ? -8.526  -11.180 0.950   1.00 48.69 ? 177 HOH A O   1 
HETATM 1066 O  O   . HOH C 3 .   ? -1.662  9.219   -10.730 1.00 39.82 ? 178 HOH A O   1 
HETATM 1067 O  O   . HOH C 3 .   ? -10.362 -4.919  -11.929 1.00 36.56 ? 179 HOH A O   1 
HETATM 1068 O  O   . HOH C 3 .   ? -16.270 9.655   9.369   1.00 33.67 ? 180 HOH A O   1 
HETATM 1069 O  O   . HOH C 3 .   ? -15.004 7.834   11.303  1.00 41.04 ? 181 HOH A O   1 
HETATM 1070 O  O   . HOH C 3 .   ? 0.418   -10.191 -3.691  1.00 34.61 ? 182 HOH A O   1 
HETATM 1071 O  O   . HOH C 3 .   ? 9.715   10.554  2.208   1.00 33.38 ? 183 HOH A O   1 
HETATM 1072 O  O   . HOH C 3 .   ? 2.690   -17.228 5.753   1.00 44.20 ? 184 HOH A O   1 
# 
